data_7QL6
#
_entry.id   7QL6
#
_cell.length_a   1.00
_cell.length_b   1.00
_cell.length_c   1.00
_cell.angle_alpha   90.00
_cell.angle_beta   90.00
_cell.angle_gamma   90.00
#
_symmetry.space_group_name_H-M   'P 1'
#
loop_
_entity.id
_entity.type
_entity.pdbx_description
1 polymer 'Acetylcholine receptor subunit alpha'
2 polymer 'Acetylcholine receptor subunit beta'
3 polymer 'Acetylcholine receptor subunit delta'
4 polymer 'Acetylcholine receptor subunit gamma'
5 branched alpha-D-mannopyranose-(1-6)-alpha-D-mannopyranose-(1-6)-[alpha-D-mannopyranose-(1-3)]beta-D-mannopyranose-(1-4)-2-acetamido-2-deoxy-beta-D-glucopyranose-(1-4)-2-acetamido-2-deoxy-beta-D-glucopyranose
6 branched alpha-D-mannopyranose-(1-3)-[alpha-D-mannopyranose-(1-6)]beta-D-mannopyranose-(1-4)-2-acetamido-2-deoxy-beta-D-glucopyranose-(1-4)-2-acetamido-2-deoxy-beta-D-glucopyranose
7 branched 2-acetamido-2-deoxy-beta-D-glucopyranose-(1-4)-2-acetamido-2-deoxy-beta-D-glucopyranose
8 non-polymer 2-[(AMINOCARBONYL)OXY]-N,N,N-TRIMETHYLETHANAMINIUM
9 non-polymer 2-acetamido-2-deoxy-beta-D-glucopyranose
#
loop_
_entity_poly.entity_id
_entity_poly.type
_entity_poly.pdbx_seq_one_letter_code
_entity_poly.pdbx_strand_id
1 'polypeptide(L)'
;SEHETRLVANLLENYNKVIRPVEHHTHFVDITVGLQLIQLISVDEVNQIVETNVRLRQQWIDVRLRWNPADYGGIKKIRL
PSDDVWLPDLVLYNNADGDFAIVHMTKLLLDYTGKIMWTPPAIFKSYCEIIVTHFPFDQQNCTMKLGIWTYDGTKVSISP
ESDRPDLSTFMESGEWVMKDYRGWKHWVYYTCCPDTPYLDITYHFIMQRIPLYFVVNVIIPCLLFSFLTGLVFYLPTDSG
EKMTLSISVLLSLTVFLLVIVELIPSTSSAVPLIGKYMLFTMIFVISSIIITVVVINTHHRSPSTHTMPQWVRKIFIDTI
PNVMFFSTMKRASKEKQENKIFADDIDISDISGKQVTGEVIFQTPLIKNPDVKSAIEGVKYIAEHMKSDEESSNAAEEWK
YVAMVIDHILLCVFMLICIIGTVSVFAGRLIELSQEG
;
A,D
2 'polypeptide(L)'
;SVMEDTLLSVLFETYNPKVRPAQTVGDKVTVRVGLTLTNLLILNEKIEEMTTNVFLNLAWTDYRLQWDPAAYEGIKDLRI
PSSDVWQPDIVLMNNNDGSFEITLHVNVLVQHTGAVSWQPSAIYRSSCTIKVMYFPFDWQNCTMVFKSYTYDTSEVTLQH
ALDAKGEREVKEIVINKDAFTENGQWSIEHKPSRKNWRSDDPSYEDVTFYLIIQRKPLFYIVYTIIPCILISILAILVFY
LPPDAGEKMSLSISALLAVTVFLLLLADKVPETSLSVPIIIRYLMFIMILVAFSVILSVVVLNLHHRSPNTHTMPNWIRQ
IFIETLPPFLWIQRPVTTPSPDSKPTIISRANDEYFIRKPAGDFVCPVDNARVAVQPERLFSEMKWHLNGLTQPVTLPQD
LKEAVEAIKYIAEQLESASEFDDLKKDWQYVAMVADRLFLYVFFVICSIGTFSIFLDASHNVPPDNPFA
;
B
3 'polypeptide(L)'
;VNEEERLINDLLIVNKYNKHVRPVKHNNEVVNIALSLTLSNLISLKETDETLTSNVWMDHAWYDHRLTWNASEYSDISIL
RLPPELVWIPDIVLQNNNDGQYHVAYFCNVLVRPNGYVTWLPPAIFRSSCPINVLYFPFDWQNCSLKFTALNYDANEITM
DLMTDTIDGKDYPIEWIIIDPEAFTENGEWEIIHKPAKKNIYPDKFPNGTNYQDVTFYLIIRRKPLFYVINFITPCVLIS
FLASLAFYLPAESGEKMSTAISVLLAQAVFLLLTSQRLPETALAVPLIGKYLMFIMSLVTGVIVNCGIVLNFHFRTPSTH
VLSTRVKQIFLEKLPRILHMSRADESEQPDWQNDLKLRRSSSVGYISKAQEYFNIKSRSELMFEKQSERHGLVPRVTPRI
GFGNNNENIAASDQLHDEIKSGIDSTNYIVKQIKEKNAYDEEVGNWNLVGQTIDRLSMFIITPVMVLGTIFIFVMGNFNH
PPAKPFEGDPFDYSSDHPRCA
;
C
4 'polypeptide(L)'
;ENEEGRLIEKLLGDYDKRIIPAKTLDHIIDVTLKLTLTNLISLNEKEEALTTNVWIEIQWNDYRLSWNTSEYEGIDLVRI
PSELLWLPDVVLENNVDGQFEVAYYANVLVYNDGSMYWLPPAIYRSTCPIAVTYFPFDWQNCSLVFRSQTYNAHEVNLQL
SAEEGEAVEWIHIDPEDFTENGEWTIRHRPAKKNYNWQLTKDDTDFQEIIFFLIIQRKPLFYIINIIAPCVLISSLVVLV
YFLPAQAGGQKCTLSISVLLAQTIFLFLIAQKVPETSLNVPLIGKYLIFVMFVSMLIVMNCVIVLNVSLRTPNTHSLSEK
IKHLFLGFLPKYLGMQLEPSEETPEKPQPRRRSSFGIMIKAEEYILKKPRSELMFEEQKDRHGLKRVNKMTSDIDIGTTV
DLYKDLANFAPEIKSCVEACNFIAKSTKEQNDSGSENENWVLIGKVIDKACFWIALLLFSIGTLAIFLTGHFNQVPEFPF
PGDPRKYVP
;
E
#
# COMPACT_ATOMS: atom_id res chain seq x y z
N SER A 1 50.24 18.74 5.90
CA SER A 1 51.55 18.46 6.47
C SER A 1 52.53 18.02 5.39
N GLU A 2 53.69 18.67 5.34
CA GLU A 2 54.69 18.32 4.35
C GLU A 2 55.26 16.92 4.61
N HIS A 3 55.47 16.58 5.89
CA HIS A 3 55.97 15.25 6.22
C HIS A 3 55.01 14.17 5.79
N GLU A 4 53.71 14.35 6.08
CA GLU A 4 52.73 13.35 5.70
C GLU A 4 52.57 13.30 4.18
N THR A 5 52.71 14.44 3.50
CA THR A 5 52.65 14.45 2.05
C THR A 5 53.80 13.63 1.46
N ARG A 6 55.01 13.83 1.96
CA ARG A 6 56.13 13.03 1.50
C ARG A 6 55.92 11.55 1.80
N LEU A 7 55.39 11.25 2.99
CA LEU A 7 55.16 9.85 3.35
C LEU A 7 54.15 9.18 2.44
N VAL A 8 53.05 9.87 2.14
CA VAL A 8 52.03 9.30 1.27
C VAL A 8 52.57 9.15 -0.16
N ALA A 9 53.35 10.12 -0.62
CA ALA A 9 53.96 9.99 -1.95
C ALA A 9 54.92 8.81 -2.00
N ASN A 10 55.69 8.59 -0.93
CA ASN A 10 56.66 7.50 -0.94
C ASN A 10 55.98 6.14 -0.85
N LEU A 11 54.96 6.01 0.00
CA LEU A 11 54.30 4.72 0.17
C LEU A 11 53.57 4.30 -1.10
N LEU A 12 52.82 5.22 -1.69
CA LEU A 12 52.02 4.94 -2.89
C LEU A 12 52.79 5.26 -4.17
N GLU A 13 53.99 4.71 -4.29
CA GLU A 13 54.84 4.94 -5.45
C GLU A 13 55.02 3.67 -6.28
N ASN A 14 55.46 2.58 -5.65
CA ASN A 14 55.57 1.29 -6.32
C ASN A 14 54.58 0.28 -5.74
N TYR A 15 53.53 0.75 -5.08
CA TYR A 15 52.56 -0.12 -4.43
C TYR A 15 51.49 -0.55 -5.43
N ASN A 16 51.27 -1.85 -5.54
CA ASN A 16 50.26 -2.42 -6.40
C ASN A 16 49.16 -3.01 -5.53
N LYS A 17 47.96 -2.45 -5.62
CA LYS A 17 46.85 -2.89 -4.78
C LYS A 17 46.30 -4.25 -5.19
N VAL A 18 46.69 -4.77 -6.36
CA VAL A 18 46.20 -6.06 -6.81
C VAL A 18 46.76 -7.19 -5.95
N ILE A 19 48.00 -7.06 -5.52
CA ILE A 19 48.76 -8.15 -4.93
C ILE A 19 48.55 -8.18 -3.42
N ARG A 20 48.51 -9.39 -2.87
CA ARG A 20 48.34 -9.57 -1.43
C ARG A 20 49.53 -8.99 -0.67
N PRO A 21 49.33 -8.59 0.59
CA PRO A 21 50.41 -7.98 1.37
C PRO A 21 51.42 -8.97 1.94
N VAL A 22 51.41 -10.23 1.51
CA VAL A 22 52.37 -11.19 2.07
C VAL A 22 53.77 -10.90 1.53
N GLU A 23 54.77 -11.26 2.34
CA GLU A 23 56.15 -11.15 1.90
C GLU A 23 56.50 -12.24 0.90
N HIS A 24 56.09 -13.47 1.18
CA HIS A 24 56.25 -14.59 0.27
C HIS A 24 54.87 -15.12 -0.10
N HIS A 25 54.72 -15.55 -1.36
CA HIS A 25 53.41 -15.97 -1.83
C HIS A 25 52.92 -17.22 -1.11
N THR A 26 53.81 -17.96 -0.44
CA THR A 26 53.39 -19.13 0.32
C THR A 26 52.59 -18.73 1.56
N HIS A 27 52.92 -17.59 2.15
CA HIS A 27 52.28 -17.15 3.38
C HIS A 27 50.82 -16.75 3.11
N PHE A 28 50.12 -16.39 4.19
CA PHE A 28 48.72 -16.00 4.11
C PHE A 28 48.50 -14.74 4.93
N VAL A 29 47.45 -14.01 4.57
CA VAL A 29 47.07 -12.81 5.29
C VAL A 29 46.00 -13.18 6.31
N ASP A 30 46.27 -12.91 7.58
CA ASP A 30 45.32 -13.17 8.65
C ASP A 30 44.60 -11.89 8.99
N ILE A 31 43.33 -11.79 8.58
CA ILE A 31 42.51 -10.61 8.80
C ILE A 31 41.62 -10.87 10.01
N THR A 32 41.73 -10.01 11.02
CA THR A 32 40.89 -10.09 12.20
C THR A 32 39.61 -9.31 11.93
N VAL A 33 38.48 -10.01 11.90
CA VAL A 33 37.20 -9.43 11.49
C VAL A 33 36.28 -9.42 12.70
N GLY A 34 35.76 -8.24 13.03
CA GLY A 34 34.69 -8.13 13.99
C GLY A 34 33.55 -7.33 13.39
N LEU A 35 32.34 -7.67 13.82
CA LEU A 35 31.14 -6.99 13.37
C LEU A 35 30.45 -6.39 14.57
N GLN A 36 30.13 -5.11 14.49
CA GLN A 36 29.36 -4.47 15.56
C GLN A 36 28.03 -4.00 15.00
N LEU A 37 26.95 -4.33 15.70
CA LEU A 37 25.59 -4.07 15.26
C LEU A 37 25.14 -2.73 15.82
N ILE A 38 25.16 -1.70 14.98
CA ILE A 38 24.75 -0.37 15.43
C ILE A 38 23.24 -0.33 15.66
N GLN A 39 22.48 -0.96 14.77
CA GLN A 39 21.02 -0.87 14.83
C GLN A 39 20.41 -2.01 14.03
N LEU A 40 19.36 -2.60 14.59
CA LEU A 40 18.52 -3.56 13.87
C LEU A 40 17.45 -2.76 13.15
N ILE A 41 17.66 -2.50 11.85
CA ILE A 41 16.78 -1.60 11.13
C ILE A 41 15.37 -2.17 11.04
N SER A 42 15.24 -3.42 10.60
CA SER A 42 13.91 -4.01 10.48
C SER A 42 14.01 -5.52 10.31
N VAL A 43 12.89 -6.19 10.56
CA VAL A 43 12.76 -7.62 10.33
C VAL A 43 11.47 -7.80 9.54
N ASP A 44 11.59 -7.88 8.21
CA ASP A 44 10.45 -8.11 7.34
C ASP A 44 10.13 -9.60 7.37
N GLU A 45 9.03 -9.95 8.03
CA GLU A 45 8.65 -11.35 8.19
C GLU A 45 8.10 -11.95 6.91
N VAL A 46 7.32 -11.17 6.14
CA VAL A 46 6.70 -11.70 4.93
C VAL A 46 7.77 -12.09 3.92
N ASN A 47 8.77 -11.24 3.72
CA ASN A 47 9.86 -11.52 2.80
C ASN A 47 11.02 -12.25 3.47
N GLN A 48 10.96 -12.46 4.78
CA GLN A 48 11.99 -13.17 5.53
C GLN A 48 13.37 -12.53 5.33
N ILE A 49 13.43 -11.23 5.59
CA ILE A 49 14.66 -10.47 5.45
C ILE A 49 14.90 -9.70 6.73
N VAL A 50 16.17 -9.56 7.12
CA VAL A 50 16.54 -8.71 8.24
C VAL A 50 17.48 -7.64 7.72
N GLU A 51 17.10 -6.38 7.93
CA GLU A 51 17.93 -5.23 7.58
C GLU A 51 18.62 -4.75 8.85
N THR A 52 19.95 -4.78 8.84
CA THR A 52 20.75 -4.41 10.01
C THR A 52 21.83 -3.42 9.60
N ASN A 53 22.02 -2.41 10.43
CA ASN A 53 23.11 -1.45 10.26
C ASN A 53 24.31 -1.95 11.05
N VAL A 54 25.42 -2.21 10.37
CA VAL A 54 26.59 -2.80 11.00
C VAL A 54 27.84 -2.04 10.61
N ARG A 55 28.86 -2.18 11.45
CA ARG A 55 30.22 -1.75 11.13
C ARG A 55 31.08 -3.00 11.07
N LEU A 56 31.74 -3.20 9.93
CA LEU A 56 32.51 -4.42 9.68
C LEU A 56 33.99 -4.11 9.88
N ARG A 57 34.37 -4.00 11.15
CA ARG A 57 35.76 -3.70 11.48
C ARG A 57 36.65 -4.87 11.09
N GLN A 58 37.82 -4.55 10.53
CA GLN A 58 38.74 -5.60 10.12
C GLN A 58 40.15 -5.03 10.10
N GLN A 59 41.09 -5.81 10.65
CA GLN A 59 42.47 -5.38 10.82
C GLN A 59 43.40 -6.40 10.18
N TRP A 60 44.46 -5.90 9.54
CA TRP A 60 45.46 -6.80 8.96
C TRP A 60 46.75 -6.04 8.78
N ILE A 61 47.85 -6.79 8.68
CA ILE A 61 49.19 -6.21 8.58
C ILE A 61 49.62 -6.21 7.12
N ASP A 62 49.94 -5.03 6.60
CA ASP A 62 50.46 -4.86 5.25
C ASP A 62 51.92 -4.44 5.38
N VAL A 63 52.83 -5.32 4.98
CA VAL A 63 54.25 -5.06 5.16
C VAL A 63 54.71 -3.90 4.29
N ARG A 64 54.14 -3.76 3.09
CA ARG A 64 54.61 -2.76 2.14
C ARG A 64 54.34 -1.34 2.59
N LEU A 65 53.48 -1.14 3.60
CA LEU A 65 53.08 0.19 4.02
C LEU A 65 53.76 0.65 5.30
N ARG A 66 54.77 -0.08 5.78
CA ARG A 66 55.47 0.32 6.98
C ARG A 66 56.45 1.45 6.69
N TRP A 67 56.75 2.24 7.71
CA TRP A 67 57.72 3.31 7.57
C TRP A 67 58.37 3.58 8.92
N ASN A 68 59.36 4.48 8.91
CA ASN A 68 60.07 4.85 10.12
C ASN A 68 59.60 6.22 10.59
N PRO A 69 58.95 6.32 11.76
CA PRO A 69 58.42 7.62 12.19
C PRO A 69 59.48 8.70 12.32
N ALA A 70 60.68 8.35 12.78
CA ALA A 70 61.71 9.37 12.99
C ALA A 70 62.12 10.04 11.69
N ASP A 71 61.97 9.35 10.56
CA ASP A 71 62.29 9.95 9.28
C ASP A 71 61.28 11.03 8.91
N TYR A 72 59.99 10.71 9.02
CA TYR A 72 58.93 11.63 8.62
C TYR A 72 58.40 12.44 9.81
N GLY A 73 59.30 13.08 10.55
CA GLY A 73 58.91 14.00 11.60
C GLY A 73 58.10 13.39 12.72
N GLY A 74 58.35 12.14 13.06
CA GLY A 74 57.64 11.50 14.16
C GLY A 74 56.15 11.28 13.95
N ILE A 75 55.75 10.92 12.73
CA ILE A 75 54.37 10.57 12.44
C ILE A 75 54.21 9.07 12.67
N LYS A 76 53.23 8.69 13.48
CA LYS A 76 53.03 7.30 13.85
C LYS A 76 51.76 6.70 13.26
N LYS A 77 50.82 7.51 12.79
CA LYS A 77 49.58 7.01 12.21
C LYS A 77 49.11 7.97 11.14
N ILE A 78 48.64 7.42 10.02
CA ILE A 78 48.04 8.22 8.96
C ILE A 78 46.68 7.60 8.61
N ARG A 79 45.97 8.26 7.70
CA ARG A 79 44.71 7.76 7.20
C ARG A 79 44.72 7.79 5.69
N LEU A 80 44.34 6.69 5.07
CA LEU A 80 44.41 6.57 3.62
C LEU A 80 43.06 6.15 3.06
N PRO A 81 42.72 6.59 1.86
CA PRO A 81 41.51 6.06 1.19
C PRO A 81 41.65 4.56 0.99
N SER A 82 40.55 3.85 1.18
CA SER A 82 40.59 2.39 1.07
C SER A 82 40.83 1.94 -0.36
N ASP A 83 40.63 2.80 -1.35
CA ASP A 83 40.83 2.44 -2.74
C ASP A 83 42.30 2.39 -3.13
N ASP A 84 43.20 2.84 -2.26
CA ASP A 84 44.62 2.91 -2.59
C ASP A 84 45.40 1.69 -2.15
N VAL A 85 44.84 0.85 -1.27
CA VAL A 85 45.57 -0.28 -0.71
C VAL A 85 44.78 -1.56 -0.99
N TRP A 86 45.45 -2.69 -0.82
CA TRP A 86 44.80 -3.98 -0.96
C TRP A 86 43.76 -4.16 0.14
N LEU A 87 42.58 -4.64 -0.25
CA LEU A 87 41.49 -4.83 0.69
C LEU A 87 41.02 -6.27 0.66
N PRO A 88 40.79 -6.90 1.80
CA PRO A 88 40.15 -8.21 1.81
C PRO A 88 38.72 -8.10 1.29
N ASP A 89 38.28 -9.14 0.58
CA ASP A 89 36.96 -9.14 -0.05
C ASP A 89 36.01 -10.00 0.78
N LEU A 90 35.43 -9.38 1.79
CA LEU A 90 34.40 -10.03 2.58
C LEU A 90 33.07 -9.96 1.84
N VAL A 91 32.39 -11.10 1.74
CA VAL A 91 31.10 -11.22 1.06
C VAL A 91 30.11 -11.82 2.03
N LEU A 92 28.92 -11.24 2.09
CA LEU A 92 27.82 -11.78 2.88
C LEU A 92 27.15 -12.88 2.07
N TYR A 93 27.36 -14.14 2.47
CA TYR A 93 26.85 -15.26 1.70
C TYR A 93 25.33 -15.21 1.60
N ASN A 94 24.65 -15.33 2.74
CA ASN A 94 23.20 -15.23 2.74
C ASN A 94 22.79 -13.78 2.54
N ASN A 95 22.15 -13.50 1.40
CA ASN A 95 21.83 -12.13 1.05
C ASN A 95 20.58 -12.14 0.18
N ALA A 96 19.69 -11.17 0.43
CA ALA A 96 18.48 -11.02 -0.35
C ALA A 96 18.44 -9.70 -1.10
N ASP A 97 18.66 -8.59 -0.42
CA ASP A 97 18.71 -7.27 -1.03
C ASP A 97 20.03 -6.60 -0.69
N GLY A 98 20.44 -5.66 -1.52
CA GLY A 98 21.70 -4.97 -1.33
C GLY A 98 22.87 -5.75 -1.88
N ASP A 99 24.04 -5.11 -1.84
CA ASP A 99 25.23 -5.72 -2.42
C ASP A 99 25.84 -6.74 -1.47
N PHE A 100 26.65 -7.63 -2.03
CA PHE A 100 27.26 -8.71 -1.26
C PHE A 100 28.43 -8.23 -0.42
N ALA A 101 29.10 -7.16 -0.81
CA ALA A 101 30.30 -6.69 -0.13
C ALA A 101 30.15 -5.23 0.27
N ILE A 102 31.23 -4.67 0.80
CA ILE A 102 31.26 -3.28 1.24
C ILE A 102 31.33 -2.37 0.02
N VAL A 103 30.49 -1.35 0.00
CA VAL A 103 30.43 -0.43 -1.13
C VAL A 103 30.80 1.00 -0.76
N HIS A 104 30.79 1.38 0.52
CA HIS A 104 31.04 2.77 0.88
C HIS A 104 32.52 3.13 0.76
N MET A 105 33.42 2.24 1.17
CA MET A 105 34.86 2.42 1.00
C MET A 105 35.35 3.69 1.72
N THR A 106 35.16 3.71 3.04
CA THR A 106 35.64 4.82 3.84
C THR A 106 37.15 4.72 4.03
N LYS A 107 37.73 5.76 4.62
CA LYS A 107 39.16 5.78 4.84
C LYS A 107 39.54 4.80 5.94
N LEU A 108 40.83 4.47 6.00
CA LEU A 108 41.34 3.49 6.94
C LEU A 108 42.57 4.04 7.65
N LEU A 109 42.73 3.63 8.91
CA LEU A 109 43.86 4.04 9.71
C LEU A 109 45.04 3.12 9.43
N LEU A 110 46.18 3.72 9.08
CA LEU A 110 47.40 2.99 8.80
C LEU A 110 48.42 3.34 9.88
N ASP A 111 48.83 2.33 10.65
CA ASP A 111 49.88 2.46 11.63
C ASP A 111 51.24 2.32 10.96
N TYR A 112 52.27 2.89 11.60
CA TYR A 112 53.60 2.91 10.99
C TYR A 112 54.20 1.51 10.85
N THR A 113 53.64 0.50 11.52
CA THR A 113 54.09 -0.88 11.37
C THR A 113 53.33 -1.64 10.31
N GLY A 114 52.42 -0.98 9.60
CA GLY A 114 51.62 -1.63 8.58
C GLY A 114 50.29 -2.17 9.04
N LYS A 115 49.83 -1.78 10.21
CA LYS A 115 48.61 -2.32 10.82
C LYS A 115 47.41 -1.52 10.34
N ILE A 116 46.71 -2.03 9.33
CA ILE A 116 45.51 -1.40 8.80
C ILE A 116 44.30 -1.82 9.62
N MET A 117 43.41 -0.87 9.88
CA MET A 117 42.30 -0.95 10.81
C MET A 117 41.00 -0.45 10.15
N TRP A 118 40.64 -1.06 9.02
CA TRP A 118 39.54 -0.54 8.22
C TRP A 118 38.21 -0.95 8.84
N THR A 119 37.35 0.03 9.15
CA THR A 119 36.06 -0.22 9.77
C THR A 119 34.97 0.46 8.94
N PRO A 120 34.56 -0.15 7.84
CA PRO A 120 33.55 0.46 6.98
C PRO A 120 32.15 0.12 7.45
N PRO A 121 31.17 0.99 7.18
CA PRO A 121 29.78 0.70 7.52
C PRO A 121 29.09 -0.08 6.41
N ALA A 122 27.97 -0.70 6.78
CA ALA A 122 27.18 -1.43 5.80
C ALA A 122 25.76 -1.59 6.33
N ILE A 123 24.84 -1.83 5.41
CA ILE A 123 23.49 -2.23 5.73
C ILE A 123 23.28 -3.62 5.12
N PHE A 124 23.18 -4.63 5.96
CA PHE A 124 22.98 -6.01 5.52
C PHE A 124 21.49 -6.28 5.46
N LYS A 125 20.97 -6.46 4.26
CA LYS A 125 19.60 -6.93 4.05
C LYS A 125 19.62 -8.43 3.80
N SER A 126 19.92 -9.17 4.85
CA SER A 126 20.24 -10.58 4.73
C SER A 126 18.99 -11.44 4.88
N TYR A 127 18.88 -12.46 4.03
CA TYR A 127 17.81 -13.43 4.16
C TYR A 127 18.01 -14.26 5.41
N CYS A 128 16.93 -14.51 6.13
CA CYS A 128 17.01 -15.37 7.29
C CYS A 128 15.64 -15.98 7.54
N GLU A 129 15.59 -17.30 7.63
CA GLU A 129 14.32 -18.02 7.68
C GLU A 129 13.71 -17.92 9.08
N ILE A 130 12.50 -17.38 9.15
CA ILE A 130 11.85 -17.13 10.41
C ILE A 130 10.97 -18.32 10.78
N ILE A 131 10.92 -18.64 12.07
CA ILE A 131 10.05 -19.67 12.61
C ILE A 131 8.78 -18.98 13.08
N VAL A 132 7.68 -19.22 12.37
CA VAL A 132 6.43 -18.54 12.63
C VAL A 132 5.50 -19.40 13.50
N THR A 133 6.05 -20.43 14.14
CA THR A 133 5.21 -21.33 14.94
C THR A 133 4.53 -20.60 16.08
N HIS A 134 5.29 -19.83 16.87
CA HIS A 134 4.75 -19.14 18.03
C HIS A 134 4.52 -17.68 17.68
N PHE A 135 3.44 -17.41 16.96
CA PHE A 135 3.32 -15.99 16.68
C PHE A 135 2.25 -15.36 17.55
N PRO A 136 2.49 -14.16 18.12
CA PRO A 136 3.68 -13.33 17.99
C PRO A 136 4.74 -13.58 19.07
N PHE A 137 4.54 -14.59 19.91
CA PHE A 137 5.47 -14.87 21.00
C PHE A 137 6.64 -15.74 20.54
N ASP A 138 7.30 -15.33 19.46
CA ASP A 138 8.38 -16.11 18.87
C ASP A 138 9.72 -15.44 19.10
N GLN A 139 10.76 -16.26 19.13
CA GLN A 139 12.14 -15.79 19.06
C GLN A 139 12.73 -16.25 17.73
N GLN A 140 13.30 -15.32 17.00
CA GLN A 140 13.91 -15.60 15.71
C GLN A 140 15.41 -15.70 15.89
N ASN A 141 15.98 -16.86 15.52
CA ASN A 141 17.41 -17.05 15.52
C ASN A 141 17.88 -17.01 14.08
N CYS A 142 18.65 -15.99 13.72
CA CYS A 142 19.13 -15.97 12.34
C CYS A 142 20.41 -15.16 12.24
N THR A 143 21.09 -15.33 11.11
CA THR A 143 22.53 -15.16 11.04
C THR A 143 22.93 -14.26 9.87
N MET A 144 24.21 -13.90 9.90
CA MET A 144 24.90 -13.27 8.78
C MET A 144 26.19 -14.05 8.55
N LYS A 145 26.39 -14.54 7.33
CA LYS A 145 27.53 -15.38 6.99
C LYS A 145 28.49 -14.58 6.12
N LEU A 146 29.60 -14.15 6.70
CA LEU A 146 30.60 -13.34 6.01
C LEU A 146 31.83 -14.19 5.75
N GLY A 147 32.30 -14.19 4.51
CA GLY A 147 33.48 -14.98 4.17
C GLY A 147 34.29 -14.34 3.07
N ILE A 148 35.58 -14.71 3.05
CA ILE A 148 36.43 -14.33 1.92
C ILE A 148 36.02 -15.14 0.71
N TRP A 149 35.82 -14.46 -0.41
CA TRP A 149 35.16 -15.09 -1.55
C TRP A 149 36.15 -15.80 -2.47
N THR A 150 37.10 -15.08 -3.04
CA THR A 150 37.96 -15.63 -4.08
C THR A 150 39.26 -16.22 -3.55
N TYR A 151 39.52 -16.13 -2.25
CA TYR A 151 40.72 -16.69 -1.65
C TYR A 151 40.36 -17.80 -0.67
N ASP A 152 41.11 -18.89 -0.73
CA ASP A 152 40.92 -19.99 0.19
C ASP A 152 41.62 -19.71 1.52
N GLY A 153 41.54 -20.68 2.44
CA GLY A 153 42.10 -20.47 3.76
C GLY A 153 43.60 -20.54 3.84
N THR A 154 44.26 -21.00 2.78
CA THR A 154 45.72 -21.09 2.77
C THR A 154 46.37 -19.83 2.21
N LYS A 155 45.59 -18.83 1.81
CA LYS A 155 46.15 -17.60 1.26
C LYS A 155 45.58 -16.38 1.96
N VAL A 156 44.33 -16.46 2.42
CA VAL A 156 43.71 -15.38 3.19
C VAL A 156 42.91 -16.03 4.32
N SER A 157 43.32 -15.78 5.56
CA SER A 157 42.67 -16.34 6.73
C SER A 157 41.87 -15.26 7.43
N ILE A 158 40.61 -15.56 7.76
CA ILE A 158 39.75 -14.66 8.51
C ILE A 158 39.59 -15.22 9.92
N SER A 159 39.62 -14.33 10.91
CA SER A 159 39.55 -14.74 12.30
C SER A 159 38.64 -13.79 13.06
N PRO A 160 37.70 -14.30 13.85
CA PRO A 160 36.81 -13.42 14.62
C PRO A 160 37.59 -12.61 15.66
N GLU A 161 37.19 -11.36 15.84
CA GLU A 161 37.84 -10.51 16.82
C GLU A 161 37.52 -10.95 18.24
N SER A 162 36.29 -11.39 18.48
CA SER A 162 35.87 -11.84 19.80
C SER A 162 34.83 -12.93 19.63
N ASP A 163 34.51 -13.59 20.76
CA ASP A 163 33.53 -14.67 20.72
C ASP A 163 32.15 -14.16 20.33
N ARG A 164 31.84 -12.90 20.65
CA ARG A 164 30.52 -12.35 20.39
C ARG A 164 30.65 -11.02 19.65
N PRO A 165 29.67 -10.69 18.81
CA PRO A 165 29.70 -9.39 18.14
C PRO A 165 29.55 -8.25 19.13
N ASP A 166 30.15 -7.11 18.79
CA ASP A 166 30.15 -5.96 19.68
C ASP A 166 28.80 -5.26 19.62
N LEU A 167 28.13 -5.18 20.76
CA LEU A 167 26.85 -4.49 20.87
C LEU A 167 26.91 -3.37 21.91
N SER A 168 28.10 -2.78 22.08
CA SER A 168 28.26 -1.73 23.09
C SER A 168 27.43 -0.50 22.76
N THR A 169 27.37 -0.13 21.48
CA THR A 169 26.62 1.04 21.03
C THR A 169 25.36 0.66 20.27
N PHE A 170 24.83 -0.53 20.53
CA PHE A 170 23.64 -1.01 19.83
C PHE A 170 22.41 -0.26 20.31
N MET A 171 21.72 0.40 19.38
CA MET A 171 20.47 1.07 19.71
C MET A 171 19.40 0.05 20.08
N GLU A 172 18.63 0.37 21.12
CA GLU A 172 17.53 -0.50 21.50
C GLU A 172 16.51 -0.58 20.37
N SER A 173 16.13 -1.81 20.02
CA SER A 173 15.29 -2.02 18.84
C SER A 173 13.91 -1.42 19.04
N GLY A 174 13.33 -1.56 20.23
CA GLY A 174 11.97 -1.16 20.47
C GLY A 174 10.93 -2.16 20.02
N GLU A 175 11.34 -3.20 19.29
CA GLU A 175 10.46 -4.27 18.87
C GLU A 175 11.01 -5.66 19.14
N TRP A 176 12.33 -5.79 19.33
CA TRP A 176 12.96 -7.06 19.64
C TRP A 176 13.96 -6.85 20.75
N VAL A 177 14.27 -7.92 21.47
CA VAL A 177 15.29 -7.92 22.51
C VAL A 177 16.32 -9.00 22.17
N MET A 178 17.59 -8.66 22.26
CA MET A 178 18.67 -9.57 21.90
C MET A 178 18.93 -10.51 23.07
N LYS A 179 18.31 -11.68 23.03
CA LYS A 179 18.56 -12.68 24.07
C LYS A 179 20.01 -13.17 24.04
N ASP A 180 20.53 -13.43 22.84
CA ASP A 180 21.90 -13.91 22.72
C ASP A 180 22.41 -13.57 21.33
N TYR A 181 23.74 -13.58 21.20
CA TYR A 181 24.38 -13.29 19.92
C TYR A 181 25.79 -13.85 19.96
N ARG A 182 26.19 -14.54 18.90
CA ARG A 182 27.50 -15.18 18.92
C ARG A 182 27.97 -15.43 17.49
N GLY A 183 29.29 -15.38 17.30
CA GLY A 183 29.90 -15.64 16.00
C GLY A 183 30.75 -16.90 16.06
N TRP A 184 30.60 -17.72 15.03
CA TRP A 184 31.32 -18.99 14.91
C TRP A 184 32.11 -19.02 13.61
N LYS A 185 33.29 -19.63 13.66
CA LYS A 185 34.17 -19.73 12.51
C LYS A 185 34.10 -21.14 11.94
N HIS A 186 33.95 -21.24 10.62
CA HIS A 186 33.79 -22.52 9.95
C HIS A 186 34.81 -22.64 8.81
N TRP A 187 35.37 -23.85 8.68
CA TRP A 187 36.19 -24.24 7.55
C TRP A 187 35.33 -25.16 6.69
N VAL A 188 34.78 -24.62 5.61
CA VAL A 188 33.83 -25.33 4.77
C VAL A 188 34.50 -25.71 3.45
N TYR A 189 34.20 -26.90 2.96
CA TYR A 189 34.66 -27.38 1.67
C TYR A 189 33.49 -27.36 0.69
N TYR A 190 33.67 -26.66 -0.42
CA TYR A 190 32.63 -26.54 -1.43
C TYR A 190 32.94 -27.46 -2.61
N THR A 191 31.89 -27.73 -3.40
CA THR A 191 32.06 -28.59 -4.56
C THR A 191 32.97 -27.96 -5.60
N CYS A 192 33.11 -26.63 -5.59
CA CYS A 192 34.03 -25.97 -6.51
C CYS A 192 35.46 -26.40 -6.26
N CYS A 193 35.87 -26.41 -4.99
CA CYS A 193 37.28 -26.40 -4.63
C CYS A 193 37.50 -27.41 -3.50
N PRO A 194 37.37 -28.70 -3.81
CA PRO A 194 37.35 -29.71 -2.73
C PRO A 194 38.66 -29.84 -1.97
N ASP A 195 39.78 -29.43 -2.54
CA ASP A 195 41.07 -29.66 -1.92
C ASP A 195 41.53 -28.51 -1.03
N THR A 196 40.78 -27.41 -0.97
CA THR A 196 41.16 -26.26 -0.17
C THR A 196 39.96 -25.80 0.65
N PRO A 197 40.10 -25.65 1.97
CA PRO A 197 38.97 -25.19 2.79
C PRO A 197 38.83 -23.68 2.74
N TYR A 198 37.61 -23.21 2.56
CA TYR A 198 37.30 -21.79 2.61
C TYR A 198 36.78 -21.43 4.00
N LEU A 199 37.22 -20.29 4.51
CA LEU A 199 36.91 -19.87 5.87
C LEU A 199 35.74 -18.89 5.84
N ASP A 200 34.87 -18.99 6.84
CA ASP A 200 33.78 -18.03 6.97
C ASP A 200 33.44 -17.88 8.44
N ILE A 201 32.73 -16.80 8.76
CA ILE A 201 32.24 -16.53 10.10
C ILE A 201 30.76 -16.24 10.02
N THR A 202 29.97 -16.96 10.82
CA THR A 202 28.53 -16.74 10.89
C THR A 202 28.22 -16.12 12.25
N TYR A 203 27.65 -14.91 12.22
CA TYR A 203 27.19 -14.22 13.42
C TYR A 203 25.69 -14.41 13.51
N HIS A 204 25.23 -15.13 14.54
CA HIS A 204 23.82 -15.42 14.72
C HIS A 204 23.29 -14.62 15.90
N PHE A 205 22.06 -14.11 15.75
CA PHE A 205 21.38 -13.34 16.78
C PHE A 205 20.05 -14.00 17.10
N ILE A 206 19.71 -14.02 18.39
CA ILE A 206 18.41 -14.45 18.88
C ILE A 206 17.63 -13.20 19.25
N MET A 207 16.49 -12.99 18.60
CA MET A 207 15.66 -11.80 18.83
C MET A 207 14.30 -12.26 19.30
N GLN A 208 13.97 -11.95 20.55
CA GLN A 208 12.66 -12.26 21.10
C GLN A 208 11.74 -11.07 20.87
N ARG A 209 10.66 -11.29 20.11
CA ARG A 209 9.75 -10.20 19.81
C ARG A 209 8.99 -9.76 21.06
N ILE A 210 8.89 -8.46 21.25
CA ILE A 210 8.04 -7.90 22.30
C ILE A 210 6.63 -7.88 21.76
N PRO A 211 5.70 -8.64 22.32
CA PRO A 211 4.39 -8.85 21.69
C PRO A 211 3.32 -7.83 22.05
N LEU A 212 3.65 -6.74 22.76
CA LEU A 212 2.62 -5.84 23.25
C LEU A 212 1.83 -5.22 22.10
N TYR A 213 2.51 -4.81 21.03
CA TYR A 213 1.81 -4.21 19.90
C TYR A 213 0.85 -5.19 19.25
N PHE A 214 1.35 -6.38 18.90
CA PHE A 214 0.52 -7.36 18.21
C PHE A 214 -0.61 -7.85 19.10
N VAL A 215 -0.33 -8.08 20.38
CA VAL A 215 -1.37 -8.51 21.31
C VAL A 215 -2.52 -7.52 21.29
N VAL A 216 -2.25 -6.26 21.62
CA VAL A 216 -3.29 -5.25 21.73
C VAL A 216 -4.00 -5.06 20.39
N ASN A 217 -3.25 -5.04 19.29
CA ASN A 217 -3.86 -4.71 18.01
C ASN A 217 -4.61 -5.86 17.35
N VAL A 218 -4.34 -7.11 17.73
CA VAL A 218 -4.97 -8.24 17.05
C VAL A 218 -5.66 -9.18 18.02
N ILE A 219 -4.92 -9.63 19.05
CA ILE A 219 -5.39 -10.77 19.84
C ILE A 219 -6.58 -10.39 20.70
N ILE A 220 -6.54 -9.21 21.33
CA ILE A 220 -7.62 -8.82 22.23
C ILE A 220 -8.98 -8.77 21.53
N PRO A 221 -9.13 -8.14 20.36
CA PRO A 221 -10.44 -8.19 19.68
C PRO A 221 -10.90 -9.60 19.36
N CYS A 222 -9.97 -10.49 18.99
CA CYS A 222 -10.36 -11.87 18.68
C CYS A 222 -10.90 -12.57 19.92
N LEU A 223 -10.26 -12.37 21.08
CA LEU A 223 -10.78 -12.92 22.32
C LEU A 223 -12.15 -12.33 22.64
N LEU A 224 -12.33 -11.04 22.39
CA LEU A 224 -13.62 -10.41 22.65
C LEU A 224 -14.71 -11.03 21.79
N PHE A 225 -14.43 -11.24 20.51
CA PHE A 225 -15.43 -11.83 19.63
C PHE A 225 -15.69 -13.29 19.97
N SER A 226 -14.68 -14.02 20.42
CA SER A 226 -14.92 -15.38 20.91
C SER A 226 -15.84 -15.37 22.12
N PHE A 227 -15.62 -14.42 23.04
CA PHE A 227 -16.51 -14.31 24.20
C PHE A 227 -17.93 -13.99 23.75
N LEU A 228 -18.08 -13.14 22.73
CA LEU A 228 -19.43 -12.83 22.23
C LEU A 228 -20.08 -14.06 21.59
N THR A 229 -19.30 -14.88 20.89
CA THR A 229 -19.85 -16.13 20.37
C THR A 229 -20.36 -17.01 21.50
N GLY A 230 -19.58 -17.12 22.58
CA GLY A 230 -20.07 -17.83 23.74
C GLY A 230 -21.34 -17.22 24.30
N LEU A 231 -21.43 -15.89 24.26
CA LEU A 231 -22.58 -15.19 24.84
C LEU A 231 -23.86 -15.42 24.05
N VAL A 232 -23.75 -15.56 22.72
CA VAL A 232 -24.91 -15.56 21.83
C VAL A 232 -26.01 -16.54 22.27
N PHE A 233 -25.66 -17.53 23.09
CA PHE A 233 -26.67 -18.50 23.52
C PHE A 233 -27.58 -17.95 24.60
N TYR A 234 -27.12 -16.99 25.40
CA TYR A 234 -27.97 -16.41 26.43
C TYR A 234 -29.05 -15.52 25.83
N LEU A 235 -28.89 -15.11 24.58
CA LEU A 235 -29.90 -14.30 23.92
C LEU A 235 -31.15 -15.14 23.67
N PRO A 236 -32.34 -14.65 24.02
CA PRO A 236 -33.56 -15.43 23.75
C PRO A 236 -33.86 -15.46 22.26
N THR A 237 -34.22 -16.64 21.77
CA THR A 237 -34.53 -16.80 20.35
C THR A 237 -35.80 -16.08 19.95
N ASP A 238 -36.66 -15.74 20.91
CA ASP A 238 -37.90 -15.05 20.59
C ASP A 238 -37.66 -13.62 20.12
N SER A 239 -36.60 -12.98 20.62
CA SER A 239 -36.32 -11.59 20.26
C SER A 239 -35.76 -11.44 18.86
N GLY A 240 -35.26 -12.51 18.26
CA GLY A 240 -34.50 -12.37 17.04
C GLY A 240 -33.10 -11.87 17.32
N GLU A 241 -32.47 -11.33 16.27
CA GLU A 241 -31.16 -10.70 16.37
C GLU A 241 -30.08 -11.69 16.79
N LYS A 242 -30.41 -12.97 16.90
CA LYS A 242 -29.42 -13.97 17.26
C LYS A 242 -28.51 -14.28 16.07
N MET A 243 -29.11 -14.58 14.93
CA MET A 243 -28.34 -14.72 13.70
C MET A 243 -27.56 -13.46 13.39
N THR A 244 -28.10 -12.29 13.74
CA THR A 244 -27.39 -11.03 13.53
C THR A 244 -26.07 -11.02 14.29
N LEU A 245 -26.12 -11.35 15.58
CA LEU A 245 -24.90 -11.40 16.38
C LEU A 245 -23.93 -12.43 15.83
N SER A 246 -24.42 -13.62 15.49
CA SER A 246 -23.54 -14.67 15.00
C SER A 246 -22.82 -14.24 13.72
N ILE A 247 -23.56 -13.71 12.75
CA ILE A 247 -22.95 -13.34 11.47
C ILE A 247 -22.04 -12.14 11.64
N SER A 248 -22.39 -11.21 12.54
CA SER A 248 -21.50 -10.07 12.77
C SER A 248 -20.15 -10.54 13.31
N VAL A 249 -20.18 -11.46 14.27
CA VAL A 249 -18.91 -11.95 14.81
C VAL A 249 -18.16 -12.75 13.75
N LEU A 250 -18.88 -13.51 12.92
CA LEU A 250 -18.22 -14.26 11.86
C LEU A 250 -17.52 -13.33 10.87
N LEU A 251 -18.18 -12.25 10.48
CA LEU A 251 -17.55 -11.30 9.57
C LEU A 251 -16.36 -10.62 10.22
N SER A 252 -16.47 -10.29 11.51
CA SER A 252 -15.34 -9.69 12.21
C SER A 252 -14.14 -10.63 12.22
N LEU A 253 -14.38 -11.91 12.50
CA LEU A 253 -13.29 -12.87 12.50
C LEU A 253 -12.73 -13.10 11.11
N THR A 254 -13.56 -13.01 10.07
CA THR A 254 -13.04 -13.08 8.71
C THR A 254 -12.11 -11.92 8.41
N VAL A 255 -12.49 -10.70 8.81
CA VAL A 255 -11.65 -9.54 8.59
C VAL A 255 -10.33 -9.69 9.35
N PHE A 256 -10.39 -10.16 10.60
CA PHE A 256 -9.17 -10.35 11.36
C PHE A 256 -8.31 -11.47 10.79
N LEU A 257 -8.92 -12.50 10.21
CA LEU A 257 -8.16 -13.52 9.51
C LEU A 257 -7.41 -12.92 8.33
N LEU A 258 -8.08 -12.05 7.57
CA LEU A 258 -7.41 -11.35 6.47
C LEU A 258 -6.23 -10.53 6.97
N VAL A 259 -6.44 -9.80 8.08
CA VAL A 259 -5.37 -8.97 8.63
C VAL A 259 -4.18 -9.83 9.05
N ILE A 260 -4.45 -10.95 9.73
CA ILE A 260 -3.38 -11.83 10.18
C ILE A 260 -2.65 -12.44 9.00
N VAL A 261 -3.39 -12.84 7.96
CA VAL A 261 -2.77 -13.41 6.77
C VAL A 261 -1.84 -12.39 6.12
N GLU A 262 -2.21 -11.12 6.15
CA GLU A 262 -1.33 -10.09 5.60
C GLU A 262 -0.03 -9.92 6.39
N LEU A 263 0.07 -10.50 7.58
CA LEU A 263 1.23 -10.30 8.44
C LEU A 263 2.26 -11.42 8.35
N ILE A 264 1.83 -12.68 8.40
CA ILE A 264 2.75 -13.81 8.50
C ILE A 264 3.20 -14.26 7.11
N PRO A 265 4.36 -14.88 6.98
CA PRO A 265 4.79 -15.39 5.67
C PRO A 265 3.95 -16.58 5.23
N SER A 266 3.92 -16.80 3.92
CA SER A 266 3.11 -17.85 3.31
C SER A 266 3.78 -19.21 3.35
N THR A 267 4.80 -19.40 4.19
CA THR A 267 5.50 -20.68 4.23
C THR A 267 4.65 -21.73 4.92
N SER A 268 4.88 -22.99 4.54
CA SER A 268 4.15 -24.13 5.07
C SER A 268 5.02 -25.02 5.95
N SER A 269 6.18 -24.53 6.39
CA SER A 269 7.06 -25.34 7.23
C SER A 269 6.39 -25.68 8.55
N ALA A 270 5.71 -24.71 9.16
CA ALA A 270 4.99 -24.94 10.40
C ALA A 270 3.81 -23.99 10.48
N VAL A 271 2.67 -24.51 10.92
CA VAL A 271 1.47 -23.70 11.03
C VAL A 271 1.58 -22.81 12.26
N PRO A 272 1.37 -21.50 12.14
CA PRO A 272 1.46 -20.63 13.31
C PRO A 272 0.39 -20.94 14.34
N LEU A 273 0.70 -20.69 15.60
CA LEU A 273 -0.31 -20.86 16.64
C LEU A 273 -1.43 -19.84 16.47
N ILE A 274 -1.12 -18.67 15.92
CA ILE A 274 -2.16 -17.68 15.66
C ILE A 274 -3.08 -18.16 14.54
N GLY A 275 -2.51 -18.80 13.51
CA GLY A 275 -3.34 -19.35 12.45
C GLY A 275 -4.24 -20.48 12.92
N LYS A 276 -3.69 -21.40 13.71
CA LYS A 276 -4.50 -22.49 14.23
C LYS A 276 -5.52 -21.97 15.25
N TYR A 277 -5.20 -20.90 15.96
CA TYR A 277 -6.18 -20.30 16.86
C TYR A 277 -7.32 -19.64 16.07
N MET A 278 -6.98 -18.98 14.95
CA MET A 278 -8.03 -18.45 14.08
C MET A 278 -8.91 -19.56 13.53
N LEU A 279 -8.31 -20.68 13.11
CA LEU A 279 -9.10 -21.80 12.62
C LEU A 279 -9.98 -22.37 13.72
N PHE A 280 -9.44 -22.51 14.93
CA PHE A 280 -10.23 -23.01 16.05
C PHE A 280 -11.40 -22.08 16.36
N THR A 281 -11.15 -20.77 16.36
CA THR A 281 -12.22 -19.81 16.64
C THR A 281 -13.28 -19.85 15.55
N MET A 282 -12.86 -19.99 14.29
CA MET A 282 -13.83 -20.04 13.20
C MET A 282 -14.67 -21.31 13.26
N ILE A 283 -14.04 -22.45 13.58
CA ILE A 283 -14.81 -23.67 13.75
C ILE A 283 -15.77 -23.53 14.94
N PHE A 284 -15.32 -22.85 15.98
CA PHE A 284 -16.17 -22.57 17.14
C PHE A 284 -17.40 -21.77 16.73
N VAL A 285 -17.19 -20.73 15.91
CA VAL A 285 -18.29 -19.90 15.45
C VAL A 285 -19.23 -20.69 14.56
N ILE A 286 -18.69 -21.52 13.66
CA ILE A 286 -19.53 -22.31 12.77
C ILE A 286 -20.38 -23.29 13.57
N SER A 287 -19.78 -23.95 14.56
CA SER A 287 -20.54 -24.87 15.40
C SER A 287 -21.61 -24.12 16.18
N SER A 288 -21.27 -22.93 16.70
CA SER A 288 -22.26 -22.14 17.42
C SER A 288 -23.43 -21.76 16.52
N ILE A 289 -23.14 -21.37 15.28
CA ILE A 289 -24.19 -20.99 14.35
C ILE A 289 -25.06 -22.20 13.99
N ILE A 290 -24.45 -23.35 13.76
CA ILE A 290 -25.21 -24.53 13.38
C ILE A 290 -26.14 -24.95 14.52
N ILE A 291 -25.60 -25.07 15.73
CA ILE A 291 -26.44 -25.46 16.86
C ILE A 291 -27.43 -24.37 17.21
N THR A 292 -27.13 -23.11 16.88
CA THR A 292 -28.07 -22.02 17.08
C THR A 292 -29.26 -22.14 16.12
N VAL A 293 -28.99 -22.51 14.87
CA VAL A 293 -30.07 -22.75 13.92
C VAL A 293 -30.91 -23.95 14.38
N VAL A 294 -30.25 -24.96 14.94
CA VAL A 294 -30.99 -26.08 15.51
C VAL A 294 -31.90 -25.62 16.63
N VAL A 295 -31.39 -24.78 17.53
CA VAL A 295 -32.18 -24.29 18.64
C VAL A 295 -33.36 -23.45 18.14
N ILE A 296 -33.11 -22.59 17.15
CA ILE A 296 -34.17 -21.76 16.60
C ILE A 296 -35.25 -22.63 15.96
N ASN A 297 -34.85 -23.65 15.20
CA ASN A 297 -35.81 -24.54 14.58
C ASN A 297 -36.63 -25.27 15.62
N THR A 298 -36.00 -25.73 16.70
CA THR A 298 -36.74 -26.42 17.74
C THR A 298 -37.68 -25.49 18.50
N HIS A 299 -37.30 -24.21 18.65
CA HIS A 299 -38.15 -23.26 19.36
C HIS A 299 -39.41 -22.95 18.56
N HIS A 300 -39.25 -22.72 17.26
CA HIS A 300 -40.38 -22.45 16.38
C HIS A 300 -41.00 -23.71 15.80
N ARG A 301 -40.57 -24.87 16.28
CA ARG A 301 -41.13 -26.13 15.81
C ARG A 301 -42.62 -26.19 16.08
N SER A 302 -43.39 -26.57 15.06
CA SER A 302 -44.84 -26.54 15.18
C SER A 302 -45.32 -27.55 16.22
N PRO A 303 -46.18 -27.16 17.15
CA PRO A 303 -46.68 -28.11 18.15
C PRO A 303 -47.66 -29.13 17.60
N SER A 304 -48.15 -28.95 16.37
CA SER A 304 -49.13 -29.86 15.79
C SER A 304 -48.49 -30.90 14.87
N THR A 305 -47.74 -30.45 13.86
CA THR A 305 -47.11 -31.37 12.93
C THR A 305 -45.90 -32.09 13.52
N HIS A 306 -45.42 -31.67 14.68
CA HIS A 306 -44.27 -32.30 15.33
C HIS A 306 -44.65 -32.67 16.75
N THR A 307 -45.01 -33.94 16.96
CA THR A 307 -45.28 -34.42 18.30
C THR A 307 -43.98 -34.60 19.06
N MET A 308 -43.93 -34.10 20.29
CA MET A 308 -42.70 -34.15 21.07
C MET A 308 -42.41 -35.60 21.49
N PRO A 309 -41.23 -36.13 21.17
CA PRO A 309 -40.91 -37.49 21.61
C PRO A 309 -40.80 -37.59 23.11
N GLN A 310 -40.86 -38.83 23.61
CA GLN A 310 -40.82 -39.05 25.05
C GLN A 310 -39.42 -38.83 25.60
N TRP A 311 -38.38 -39.21 24.85
CA TRP A 311 -37.03 -39.14 25.37
C TRP A 311 -36.57 -37.70 25.56
N VAL A 312 -36.91 -36.81 24.62
CA VAL A 312 -36.55 -35.41 24.79
C VAL A 312 -37.28 -34.82 25.99
N ARG A 313 -38.55 -35.18 26.17
CA ARG A 313 -39.28 -34.71 27.34
C ARG A 313 -38.59 -35.16 28.62
N LYS A 314 -38.25 -36.44 28.70
CA LYS A 314 -37.57 -36.96 29.89
C LYS A 314 -36.27 -36.20 30.15
N ILE A 315 -35.40 -36.10 29.13
CA ILE A 315 -34.08 -35.52 29.33
C ILE A 315 -34.18 -34.05 29.70
N PHE A 316 -34.94 -33.28 28.92
CA PHE A 316 -35.02 -31.84 29.12
C PHE A 316 -36.14 -31.43 30.05
N ILE A 317 -36.68 -32.37 30.83
CA ILE A 317 -37.43 -32.03 32.03
C ILE A 317 -36.71 -32.46 33.30
N ASP A 318 -35.91 -33.52 33.27
CA ASP A 318 -35.13 -33.90 34.44
C ASP A 318 -33.73 -33.28 34.46
N THR A 319 -33.33 -32.57 33.40
CA THR A 319 -32.06 -31.86 33.43
C THR A 319 -32.12 -30.63 34.33
N ILE A 320 -33.30 -29.99 34.42
CA ILE A 320 -33.41 -28.74 35.19
C ILE A 320 -33.01 -28.91 36.65
N PRO A 321 -33.41 -29.98 37.36
CA PRO A 321 -32.92 -30.14 38.74
C PRO A 321 -31.41 -30.22 38.82
N ASN A 322 -30.74 -30.72 37.78
CA ASN A 322 -29.28 -30.83 37.80
C ASN A 322 -28.59 -29.47 37.63
N VAL A 323 -29.29 -28.48 37.11
CA VAL A 323 -28.72 -27.15 36.87
C VAL A 323 -29.32 -26.18 37.88
N MET A 324 -28.46 -25.42 38.56
CA MET A 324 -28.85 -24.55 39.66
C MET A 324 -28.81 -23.10 39.16
N PHE A 325 -29.93 -22.64 38.59
CA PHE A 325 -30.04 -21.28 38.10
C PHE A 325 -31.49 -20.83 38.22
N PHE A 326 -31.83 -19.75 37.54
CA PHE A 326 -33.11 -19.06 37.68
C PHE A 326 -34.26 -19.75 36.95
N SER A 327 -34.00 -20.82 36.20
CA SER A 327 -35.04 -21.46 35.41
C SER A 327 -36.05 -22.17 36.31
N THR A 328 -37.26 -22.35 35.78
CA THR A 328 -38.32 -23.01 36.53
C THR A 328 -38.00 -24.49 36.72
N MET A 329 -38.09 -24.96 37.97
CA MET A 329 -37.78 -26.34 38.29
C MET A 329 -38.98 -27.26 38.00
N GLY A 378 -72.51 -22.37 17.75
CA GLY A 378 -71.96 -21.04 17.85
C GLY A 378 -71.58 -20.64 19.25
N VAL A 379 -72.46 -20.91 20.20
CA VAL A 379 -72.19 -20.58 21.60
C VAL A 379 -71.10 -21.47 22.19
N LYS A 380 -70.90 -22.66 21.63
CA LYS A 380 -69.88 -23.59 22.12
C LYS A 380 -68.67 -23.68 21.20
N TYR A 381 -68.82 -23.33 19.92
CA TYR A 381 -67.70 -23.45 18.98
C TYR A 381 -66.58 -22.49 19.33
N ILE A 382 -66.91 -21.28 19.80
CA ILE A 382 -65.87 -20.33 20.18
C ILE A 382 -65.08 -20.87 21.37
N ALA A 383 -65.76 -21.43 22.37
CA ALA A 383 -65.08 -22.00 23.51
C ALA A 383 -64.21 -23.17 23.11
N GLU A 384 -64.72 -24.04 22.23
CA GLU A 384 -63.93 -25.17 21.76
C GLU A 384 -62.69 -24.71 21.00
N HIS A 385 -62.85 -23.71 20.13
CA HIS A 385 -61.73 -23.22 19.34
C HIS A 385 -60.66 -22.60 20.23
N MET A 386 -61.07 -21.80 21.23
CA MET A 386 -60.06 -21.18 22.08
C MET A 386 -59.43 -22.19 23.04
N LYS A 387 -60.16 -23.23 23.44
CA LYS A 387 -59.56 -24.30 24.21
C LYS A 387 -58.50 -25.04 23.39
N SER A 388 -58.80 -25.32 22.13
CA SER A 388 -57.81 -25.93 21.25
C SER A 388 -56.62 -24.99 21.06
N ASP A 389 -56.87 -23.68 20.92
CA ASP A 389 -55.80 -22.72 20.76
C ASP A 389 -54.88 -22.70 21.97
N GLU A 390 -55.45 -22.72 23.18
CA GLU A 390 -54.62 -22.70 24.38
C GLU A 390 -53.86 -24.01 24.56
N GLU A 391 -54.48 -25.15 24.19
CA GLU A 391 -53.76 -26.41 24.24
C GLU A 391 -52.57 -26.42 23.29
N SER A 392 -52.78 -25.93 22.06
CA SER A 392 -51.67 -25.84 21.10
C SER A 392 -50.61 -24.85 21.60
N SER A 393 -51.04 -23.77 22.24
CA SER A 393 -50.08 -22.81 22.78
C SER A 393 -49.21 -23.45 23.85
N ASN A 394 -49.83 -24.24 24.74
CA ASN A 394 -49.04 -24.92 25.77
C ASN A 394 -48.09 -25.95 25.15
N ALA A 395 -48.55 -26.65 24.12
CA ALA A 395 -47.67 -27.59 23.43
C ALA A 395 -46.48 -26.87 22.81
N ALA A 396 -46.70 -25.69 22.24
CA ALA A 396 -45.59 -24.89 21.73
C ALA A 396 -44.71 -24.36 22.85
N GLU A 397 -45.30 -24.08 24.01
CA GLU A 397 -44.50 -23.64 25.15
C GLU A 397 -43.57 -24.74 25.64
N GLU A 398 -43.98 -26.00 25.50
CA GLU A 398 -43.07 -27.10 25.81
C GLU A 398 -41.83 -27.06 24.92
N TRP A 399 -42.03 -26.81 23.62
CA TRP A 399 -40.90 -26.70 22.71
C TRP A 399 -40.04 -25.48 23.04
N LYS A 400 -40.67 -24.38 23.40
CA LYS A 400 -39.90 -23.21 23.82
C LYS A 400 -39.08 -23.52 25.07
N TYR A 401 -39.65 -24.28 26.00
CA TYR A 401 -38.94 -24.64 27.22
C TYR A 401 -37.74 -25.53 26.94
N VAL A 402 -37.91 -26.54 26.08
CA VAL A 402 -36.78 -27.41 25.76
C VAL A 402 -35.71 -26.61 25.00
N ALA A 403 -36.12 -25.67 24.15
CA ALA A 403 -35.15 -24.82 23.48
C ALA A 403 -34.37 -23.97 24.47
N MET A 404 -35.06 -23.43 25.48
CA MET A 404 -34.38 -22.64 26.51
C MET A 404 -33.39 -23.50 27.29
N VAL A 405 -33.77 -24.73 27.63
CA VAL A 405 -32.87 -25.61 28.36
C VAL A 405 -31.63 -25.91 27.53
N ILE A 406 -31.82 -26.21 26.23
CA ILE A 406 -30.69 -26.43 25.34
C ILE A 406 -29.81 -25.20 25.28
N ASP A 407 -30.43 -24.01 25.27
CA ASP A 407 -29.64 -22.77 25.24
C ASP A 407 -28.78 -22.64 26.48
N HIS A 408 -29.33 -22.94 27.65
CA HIS A 408 -28.53 -22.85 28.87
C HIS A 408 -27.37 -23.84 28.86
N ILE A 409 -27.64 -25.08 28.45
CA ILE A 409 -26.59 -26.08 28.41
C ILE A 409 -25.49 -25.66 27.44
N LEU A 410 -25.88 -25.17 26.26
CA LEU A 410 -24.92 -24.73 25.27
C LEU A 410 -24.13 -23.53 25.77
N LEU A 411 -24.79 -22.60 26.48
CA LEU A 411 -24.08 -21.45 27.03
C LEU A 411 -22.98 -21.89 27.98
N CYS A 412 -23.31 -22.79 28.92
CA CYS A 412 -22.31 -23.25 29.87
C CYS A 412 -21.17 -23.96 29.15
N VAL A 413 -21.50 -24.91 28.28
CA VAL A 413 -20.45 -25.71 27.63
C VAL A 413 -19.60 -24.84 26.72
N PHE A 414 -20.18 -23.83 26.08
CA PHE A 414 -19.42 -22.98 25.16
C PHE A 414 -18.54 -21.98 25.90
N MET A 415 -18.99 -21.45 27.04
CA MET A 415 -18.09 -20.64 27.86
C MET A 415 -16.90 -21.47 28.33
N LEU A 416 -17.17 -22.69 28.80
CA LEU A 416 -16.08 -23.56 29.23
C LEU A 416 -15.14 -23.87 28.07
N ILE A 417 -15.69 -24.14 26.89
CA ILE A 417 -14.87 -24.48 25.74
C ILE A 417 -14.01 -23.30 25.32
N CYS A 418 -14.59 -22.09 25.32
CA CYS A 418 -13.81 -20.91 24.95
C CYS A 418 -12.65 -20.69 25.91
N ILE A 419 -12.91 -20.78 27.21
CA ILE A 419 -11.85 -20.57 28.20
C ILE A 419 -10.77 -21.62 28.05
N ILE A 420 -11.15 -22.90 27.97
CA ILE A 420 -10.17 -23.98 27.86
C ILE A 420 -9.38 -23.85 26.58
N GLY A 421 -10.05 -23.52 25.47
CA GLY A 421 -9.36 -23.42 24.20
C GLY A 421 -8.34 -22.30 24.18
N THR A 422 -8.72 -21.12 24.67
CA THR A 422 -7.76 -20.02 24.66
C THR A 422 -6.58 -20.31 25.59
N VAL A 423 -6.85 -20.90 26.76
CA VAL A 423 -5.76 -21.24 27.67
C VAL A 423 -4.82 -22.25 27.03
N SER A 424 -5.39 -23.31 26.44
CA SER A 424 -4.56 -24.34 25.83
C SER A 424 -3.75 -23.80 24.66
N VAL A 425 -4.34 -22.89 23.88
CA VAL A 425 -3.62 -22.35 22.74
C VAL A 425 -2.48 -21.45 23.18
N PHE A 426 -2.71 -20.59 24.17
CA PHE A 426 -1.72 -19.55 24.47
C PHE A 426 -0.74 -19.90 25.57
N ALA A 427 -1.16 -20.61 26.62
CA ALA A 427 -0.27 -20.87 27.74
C ALA A 427 0.92 -21.76 27.38
N GLY A 428 0.87 -22.42 26.22
CA GLY A 428 2.01 -23.23 25.81
C GLY A 428 3.28 -22.42 25.62
N ARG A 429 3.15 -21.26 25.00
CA ARG A 429 4.29 -20.39 24.75
C ARG A 429 4.39 -19.22 25.74
N LEU A 430 3.25 -18.81 26.33
CA LEU A 430 3.30 -17.77 27.35
C LEU A 430 4.14 -18.20 28.56
N ILE A 431 4.19 -19.50 28.83
CA ILE A 431 5.05 -20.01 29.91
C ILE A 431 6.38 -20.35 29.26
N GLU A 432 7.24 -19.32 29.14
CA GLU A 432 8.57 -19.54 28.60
C GLU A 432 9.47 -20.26 29.58
N LEU A 433 9.38 -19.90 30.86
CA LEU A 433 10.24 -20.48 31.89
C LEU A 433 9.65 -21.78 32.42
N SER B 1 46.49 35.54 -19.71
CA SER B 1 45.77 34.59 -18.88
C SER B 1 45.29 35.25 -17.59
N VAL B 2 44.13 34.81 -17.11
CA VAL B 2 43.60 35.35 -15.86
C VAL B 2 44.54 35.01 -14.72
N MET B 3 44.72 35.98 -13.81
CA MET B 3 45.54 35.73 -12.62
C MET B 3 44.98 34.61 -11.76
N GLU B 4 43.67 34.34 -11.85
CA GLU B 4 43.10 33.23 -11.10
C GLU B 4 43.68 31.90 -11.54
N ASP B 5 43.88 31.72 -12.85
CA ASP B 5 44.46 30.47 -13.34
C ASP B 5 45.89 30.30 -12.84
N THR B 6 46.69 31.36 -12.88
CA THR B 6 48.06 31.28 -12.37
C THR B 6 48.07 31.00 -10.88
N LEU B 7 47.16 31.64 -10.13
CA LEU B 7 47.08 31.40 -8.70
C LEU B 7 46.72 29.95 -8.40
N LEU B 8 45.77 29.40 -9.16
CA LEU B 8 45.41 27.99 -8.97
C LEU B 8 46.57 27.07 -9.32
N SER B 9 47.31 27.39 -10.38
CA SER B 9 48.44 26.55 -10.77
C SER B 9 49.53 26.56 -9.71
N VAL B 10 49.82 27.74 -9.14
CA VAL B 10 50.83 27.82 -8.09
C VAL B 10 50.34 27.16 -6.81
N LEU B 11 49.05 27.29 -6.52
CA LEU B 11 48.51 26.83 -5.24
C LEU B 11 48.45 25.32 -5.14
N PHE B 12 48.15 24.64 -6.26
CA PHE B 12 47.96 23.19 -6.26
C PHE B 12 49.07 22.46 -7.00
N GLU B 13 50.28 23.03 -7.03
CA GLU B 13 51.38 22.35 -7.69
C GLU B 13 51.84 21.12 -6.92
N THR B 14 51.74 21.16 -5.58
CA THR B 14 52.13 20.03 -4.75
C THR B 14 51.09 19.72 -3.68
N TYR B 15 49.94 20.39 -3.70
CA TYR B 15 48.90 20.14 -2.72
C TYR B 15 48.34 18.73 -2.86
N ASN B 16 48.15 18.06 -1.73
CA ASN B 16 47.60 16.71 -1.71
C ASN B 16 46.33 16.70 -0.88
N PRO B 17 45.15 16.45 -1.49
CA PRO B 17 43.90 16.45 -0.71
C PRO B 17 43.80 15.33 0.30
N LYS B 18 44.67 14.32 0.24
CA LYS B 18 44.55 13.15 1.09
C LYS B 18 45.29 13.28 2.42
N VAL B 19 46.01 14.38 2.65
CA VAL B 19 46.76 14.58 3.88
C VAL B 19 46.13 15.70 4.68
N ARG B 20 46.03 15.49 5.99
CA ARG B 20 45.39 16.47 6.85
C ARG B 20 46.28 17.70 7.03
N PRO B 21 45.70 18.91 6.97
CA PRO B 21 46.49 20.16 7.07
C PRO B 21 46.98 20.46 8.49
N ALA B 22 48.05 19.77 8.88
CA ALA B 22 48.70 20.02 10.16
C ALA B 22 49.99 20.79 9.89
N GLN B 23 50.10 21.98 10.46
CA GLN B 23 51.31 22.78 10.28
C GLN B 23 52.53 22.04 10.83
N THR B 24 52.41 21.51 12.04
CA THR B 24 53.44 20.68 12.64
C THR B 24 52.80 19.37 13.09
N VAL B 25 53.64 18.37 13.33
CA VAL B 25 53.14 17.06 13.74
C VAL B 25 52.52 17.16 15.11
N GLY B 26 51.29 16.68 15.24
CA GLY B 26 50.55 16.74 16.48
C GLY B 26 49.53 17.85 16.59
N ASP B 27 49.39 18.68 15.55
CA ASP B 27 48.40 19.74 15.57
C ASP B 27 47.02 19.19 15.23
N LYS B 28 46.00 19.93 15.67
CA LYS B 28 44.61 19.58 15.43
C LYS B 28 43.95 20.62 14.55
N VAL B 29 43.17 20.16 13.58
CA VAL B 29 42.44 21.04 12.69
C VAL B 29 41.06 21.30 13.31
N THR B 30 40.84 22.53 13.77
CA THR B 30 39.56 22.88 14.38
C THR B 30 38.51 23.08 13.29
N VAL B 31 37.47 22.27 13.33
CA VAL B 31 36.40 22.31 12.34
C VAL B 31 35.14 22.82 13.02
N ARG B 32 34.66 23.98 12.59
CA ARG B 32 33.40 24.51 13.07
C ARG B 32 32.27 23.94 12.24
N VAL B 33 31.29 23.33 12.91
CA VAL B 33 30.18 22.64 12.26
C VAL B 33 28.89 23.30 12.70
N GLY B 34 28.06 23.69 11.72
CA GLY B 34 26.74 24.20 11.99
C GLY B 34 25.75 23.63 10.99
N LEU B 35 24.47 23.81 11.29
CA LEU B 35 23.41 23.26 10.48
C LEU B 35 22.41 24.34 10.13
N THR B 36 21.88 24.30 8.90
CA THR B 36 20.83 25.19 8.45
C THR B 36 19.70 24.36 7.89
N LEU B 37 18.55 24.38 8.54
CA LEU B 37 17.41 23.55 8.14
C LEU B 37 16.57 24.32 7.14
N THR B 38 16.58 23.88 5.88
CA THR B 38 15.75 24.55 4.87
C THR B 38 14.35 23.97 4.80
N ASN B 39 14.19 22.68 5.05
CA ASN B 39 12.86 22.07 5.02
C ASN B 39 12.92 20.74 5.75
N LEU B 40 12.16 20.62 6.83
CA LEU B 40 11.95 19.34 7.50
C LEU B 40 10.94 18.56 6.67
N LEU B 41 11.44 17.66 5.83
CA LEU B 41 10.55 17.01 4.85
C LEU B 41 9.45 16.22 5.53
N ILE B 42 9.77 15.11 6.19
CA ILE B 42 8.77 14.35 6.94
C ILE B 42 9.46 13.64 8.10
N LEU B 43 8.63 13.09 9.00
CA LEU B 43 9.07 12.23 10.09
C LEU B 43 8.22 10.96 10.01
N ASN B 44 8.71 9.97 9.27
CA ASN B 44 7.99 8.70 9.11
C ASN B 44 8.04 7.92 10.41
N GLU B 45 6.88 7.78 11.07
CA GLU B 45 6.81 7.04 12.32
C GLU B 45 6.81 5.54 12.11
N LYS B 46 6.41 5.06 10.93
CA LYS B 46 6.40 3.63 10.68
C LYS B 46 7.79 3.04 10.72
N ILE B 47 8.76 3.73 10.12
CA ILE B 47 10.16 3.30 10.16
C ILE B 47 11.00 4.14 11.09
N GLU B 48 10.41 5.10 11.78
CA GLU B 48 11.10 5.96 12.73
C GLU B 48 12.31 6.64 12.08
N GLU B 49 12.02 7.41 11.03
CA GLU B 49 13.06 8.04 10.23
C GLU B 49 12.62 9.44 9.85
N MET B 50 13.44 10.43 10.19
CA MET B 50 13.15 11.82 9.85
C MET B 50 14.00 12.23 8.66
N THR B 51 13.34 12.61 7.56
CA THR B 51 14.06 13.12 6.40
C THR B 51 13.90 14.63 6.34
N THR B 52 15.02 15.31 6.16
CA THR B 52 15.10 16.77 6.19
C THR B 52 16.05 17.24 5.09
N ASN B 53 15.92 18.51 4.72
CA ASN B 53 16.80 19.18 3.77
C ASN B 53 17.64 20.19 4.55
N VAL B 54 18.97 20.03 4.49
CA VAL B 54 19.85 20.83 5.33
C VAL B 54 21.03 21.35 4.51
N PHE B 55 21.65 22.39 5.06
CA PHE B 55 22.95 22.90 4.63
C PHE B 55 23.92 22.71 5.78
N LEU B 56 25.09 22.14 5.49
CA LEU B 56 26.08 21.84 6.51
C LEU B 56 27.16 22.91 6.45
N ASN B 57 27.11 23.87 7.38
CA ASN B 57 28.05 24.98 7.39
C ASN B 57 29.33 24.53 8.08
N LEU B 58 30.31 24.15 7.29
CA LEU B 58 31.60 23.69 7.78
C LEU B 58 32.65 24.76 7.53
N ALA B 59 33.55 24.95 8.51
CA ALA B 59 34.63 25.89 8.36
C ALA B 59 35.90 25.33 8.99
N TRP B 60 37.04 25.52 8.33
CA TRP B 60 38.31 25.10 8.90
C TRP B 60 39.41 25.97 8.30
N THR B 61 40.66 25.66 8.64
CA THR B 61 41.81 26.43 8.17
C THR B 61 42.82 25.48 7.54
N ASP B 62 43.23 25.79 6.32
CA ASP B 62 44.25 25.03 5.61
C ASP B 62 45.43 25.96 5.36
N TYR B 63 46.56 25.69 6.03
CA TYR B 63 47.71 26.57 5.94
C TYR B 63 48.34 26.55 4.55
N ARG B 64 48.11 25.50 3.77
CA ARG B 64 48.70 25.42 2.44
C ARG B 64 48.02 26.34 1.45
N LEU B 65 46.74 26.65 1.68
CA LEU B 65 45.97 27.47 0.75
C LEU B 65 46.04 28.95 1.15
N GLN B 66 47.28 29.45 1.23
CA GLN B 66 47.56 30.83 1.57
C GLN B 66 48.31 31.50 0.44
N TRP B 67 48.00 32.78 0.21
CA TRP B 67 48.68 33.55 -0.81
C TRP B 67 48.58 35.02 -0.47
N ASP B 68 49.30 35.84 -1.23
CA ASP B 68 49.30 37.29 -1.04
C ASP B 68 48.44 37.91 -2.12
N PRO B 69 47.28 38.49 -1.80
CA PRO B 69 46.43 39.07 -2.84
C PRO B 69 47.08 40.20 -3.60
N ALA B 70 48.02 40.92 -2.98
CA ALA B 70 48.66 42.04 -3.66
C ALA B 70 49.47 41.57 -4.88
N ALA B 71 49.93 40.33 -4.87
CA ALA B 71 50.76 39.80 -5.95
C ALA B 71 49.94 39.06 -7.01
N TYR B 72 48.63 39.03 -6.88
CA TYR B 72 47.76 38.35 -7.84
C TYR B 72 46.57 39.22 -8.21
N GLU B 73 46.80 40.52 -8.35
CA GLU B 73 45.77 41.47 -8.76
C GLU B 73 44.58 41.50 -7.80
N GLY B 74 44.83 41.30 -6.51
CA GLY B 74 43.80 41.47 -5.51
C GLY B 74 42.80 40.34 -5.38
N ILE B 75 43.21 39.11 -5.67
CA ILE B 75 42.34 37.95 -5.44
C ILE B 75 42.34 37.67 -3.94
N LYS B 76 41.23 38.02 -3.28
CA LYS B 76 41.12 37.78 -1.84
C LYS B 76 40.45 36.46 -1.50
N ASP B 77 39.70 35.87 -2.43
CA ASP B 77 39.04 34.60 -2.18
C ASP B 77 38.83 33.87 -3.49
N LEU B 78 38.70 32.56 -3.38
CA LEU B 78 38.48 31.68 -4.53
C LEU B 78 37.39 30.68 -4.19
N ARG B 79 36.63 30.30 -5.22
CA ARG B 79 35.65 29.23 -5.10
C ARG B 79 36.13 28.08 -5.99
N ILE B 80 36.54 26.99 -5.36
CA ILE B 80 37.23 25.92 -6.08
C ILE B 80 36.49 24.61 -5.82
N PRO B 81 36.63 23.64 -6.73
CA PRO B 81 35.89 22.39 -6.57
C PRO B 81 36.22 21.70 -5.25
N SER B 82 35.20 21.08 -4.65
CA SER B 82 35.35 20.46 -3.35
C SER B 82 36.34 19.30 -3.38
N SER B 83 36.48 18.64 -4.52
CA SER B 83 37.33 17.47 -4.62
C SER B 83 38.81 17.81 -4.75
N ASP B 84 39.16 19.08 -4.93
CA ASP B 84 40.55 19.48 -5.10
C ASP B 84 41.23 19.85 -3.79
N VAL B 85 40.50 19.88 -2.67
CA VAL B 85 41.06 20.27 -1.40
C VAL B 85 40.72 19.22 -0.36
N TRP B 86 41.52 19.19 0.70
CA TRP B 86 41.23 18.33 1.84
C TRP B 86 39.96 18.78 2.53
N GLN B 87 39.22 17.81 3.07
CA GLN B 87 37.99 18.12 3.78
C GLN B 87 37.76 17.06 4.84
N PRO B 88 37.31 17.47 6.04
CA PRO B 88 36.96 16.47 7.05
C PRO B 88 35.76 15.65 6.62
N ASP B 89 35.75 14.39 7.02
CA ASP B 89 34.63 13.53 6.67
C ASP B 89 33.47 13.75 7.63
N ILE B 90 33.00 14.99 7.73
CA ILE B 90 31.90 15.32 8.63
C ILE B 90 30.65 14.67 8.06
N VAL B 91 30.19 13.60 8.70
CA VAL B 91 29.06 12.82 8.23
C VAL B 91 28.06 12.68 9.36
N LEU B 92 26.84 12.30 8.97
CA LEU B 92 25.74 12.03 9.90
C LEU B 92 25.81 10.56 10.30
N MET B 93 26.33 10.29 11.51
CA MET B 93 26.38 8.93 11.99
C MET B 93 25.00 8.39 12.34
N ASN B 94 24.01 9.26 12.45
CA ASN B 94 22.66 8.89 12.87
C ASN B 94 21.77 8.50 11.70
N ASN B 95 22.30 8.42 10.49
CA ASN B 95 21.48 8.18 9.32
C ASN B 95 20.80 6.81 9.40
N ASN B 96 19.51 6.78 9.04
CA ASN B 96 18.77 5.53 9.03
C ASN B 96 19.15 4.66 7.84
N ASP B 97 19.34 5.27 6.67
CA ASP B 97 19.80 4.53 5.49
C ASP B 97 21.32 4.57 5.45
N GLY B 98 21.90 4.14 4.34
CA GLY B 98 23.34 4.07 4.22
C GLY B 98 24.03 5.33 3.79
N SER B 99 23.30 6.43 3.63
CA SER B 99 23.89 7.67 3.14
C SER B 99 24.54 8.42 4.29
N PHE B 100 25.87 8.47 4.29
CA PHE B 100 26.65 9.23 5.27
C PHE B 100 27.08 10.59 4.76
N GLU B 101 27.53 10.65 3.51
CA GLU B 101 28.21 11.82 2.99
C GLU B 101 27.21 12.81 2.42
N ILE B 102 27.71 13.83 1.72
CA ILE B 102 26.90 14.92 1.21
C ILE B 102 26.31 14.53 -0.14
N THR B 103 25.17 15.14 -0.47
CA THR B 103 24.50 14.91 -1.75
C THR B 103 24.95 15.86 -2.85
N LEU B 104 25.23 17.13 -2.51
CA LEU B 104 25.41 18.16 -3.52
C LEU B 104 26.87 18.43 -3.88
N HIS B 105 27.76 18.57 -2.90
CA HIS B 105 29.17 18.85 -3.12
C HIS B 105 29.38 20.18 -3.87
N VAL B 106 28.97 21.26 -3.22
CA VAL B 106 29.17 22.61 -3.77
C VAL B 106 30.64 22.98 -3.70
N ASN B 107 31.02 24.04 -4.40
CA ASN B 107 32.39 24.53 -4.35
C ASN B 107 32.73 25.07 -2.98
N VAL B 108 33.98 24.89 -2.58
CA VAL B 108 34.47 25.39 -1.31
C VAL B 108 35.06 26.79 -1.53
N LEU B 109 34.88 27.65 -0.53
CA LEU B 109 35.39 29.00 -0.57
C LEU B 109 36.64 29.10 0.30
N VAL B 110 37.72 29.58 -0.29
CA VAL B 110 39.00 29.72 0.39
C VAL B 110 39.43 31.18 0.37
N GLN B 111 39.75 31.72 1.54
CA GLN B 111 40.31 33.06 1.63
C GLN B 111 41.82 33.01 1.48
N HIS B 112 42.42 34.19 1.28
CA HIS B 112 43.87 34.26 1.13
C HIS B 112 44.59 33.91 2.43
N THR B 113 43.89 33.91 3.55
CA THR B 113 44.45 33.48 4.83
C THR B 113 44.35 31.98 5.04
N GLY B 114 43.74 31.24 4.11
CA GLY B 114 43.58 29.82 4.23
C GLY B 114 42.27 29.36 4.83
N ALA B 115 41.40 30.29 5.23
CA ALA B 115 40.13 29.93 5.87
C ALA B 115 39.21 29.33 4.82
N VAL B 116 39.01 28.02 4.90
CA VAL B 116 38.13 27.31 3.98
C VAL B 116 36.75 27.23 4.61
N SER B 117 35.72 27.55 3.82
CA SER B 117 34.33 27.47 4.26
C SER B 117 33.55 26.70 3.20
N TRP B 118 32.97 25.57 3.60
CA TRP B 118 32.20 24.72 2.71
C TRP B 118 30.79 24.61 3.27
N GLN B 119 29.80 24.89 2.43
CA GLN B 119 28.39 24.84 2.83
C GLN B 119 27.63 23.96 1.86
N PRO B 120 27.84 22.65 1.90
CA PRO B 120 27.13 21.75 0.99
C PRO B 120 25.74 21.40 1.50
N SER B 121 24.82 21.20 0.55
CA SER B 121 23.44 20.85 0.87
C SER B 121 23.25 19.35 0.80
N ALA B 122 22.27 18.85 1.56
CA ALA B 122 22.04 17.42 1.62
C ALA B 122 20.60 17.14 2.01
N ILE B 123 20.16 15.93 1.69
CA ILE B 123 18.90 15.37 2.15
C ILE B 123 19.25 14.23 3.10
N TYR B 124 18.90 14.38 4.37
CA TYR B 124 19.32 13.44 5.40
C TYR B 124 18.11 12.67 5.92
N ARG B 125 18.22 11.35 5.91
CA ARG B 125 17.24 10.46 6.53
C ARG B 125 17.84 9.94 7.84
N SER B 126 17.71 10.76 8.87
CA SER B 126 18.25 10.43 10.18
C SER B 126 17.33 9.46 10.92
N SER B 127 17.92 8.68 11.82
CA SER B 127 17.18 7.71 12.61
C SER B 127 16.72 8.37 13.91
N CYS B 128 15.41 8.49 14.09
CA CYS B 128 14.83 9.15 15.25
C CYS B 128 13.97 8.15 16.01
N THR B 129 14.32 7.88 17.27
CA THR B 129 13.49 7.04 18.11
C THR B 129 12.19 7.77 18.44
N ILE B 130 11.07 7.06 18.34
CA ILE B 130 9.75 7.65 18.50
C ILE B 130 9.17 7.16 19.82
N LYS B 131 8.81 8.11 20.68
CA LYS B 131 8.10 7.80 21.92
C LYS B 131 6.63 7.60 21.58
N VAL B 132 6.13 6.38 21.75
CA VAL B 132 4.82 6.03 21.23
C VAL B 132 3.69 6.59 22.09
N MET B 133 3.93 6.80 23.38
CA MET B 133 2.89 7.32 24.26
C MET B 133 2.42 8.69 23.76
N TYR B 134 1.11 8.88 23.88
CA TYR B 134 0.51 10.23 23.77
C TYR B 134 0.23 10.49 22.30
N PHE B 135 0.74 9.65 21.40
CA PHE B 135 0.37 9.80 19.97
C PHE B 135 -1.14 9.85 19.93
N PRO B 136 -1.80 10.51 18.98
CA PRO B 136 -1.19 11.47 18.10
C PRO B 136 -1.12 12.86 18.72
N PHE B 137 -0.93 12.97 20.03
CA PHE B 137 -0.76 14.31 20.63
C PHE B 137 0.66 14.47 21.18
N ASP B 138 1.68 14.24 20.34
CA ASP B 138 3.02 13.82 20.78
C ASP B 138 4.00 14.97 20.61
N TRP B 139 5.21 14.79 21.15
CA TRP B 139 6.31 15.79 21.02
C TRP B 139 7.63 15.04 20.85
N GLN B 140 8.13 14.92 19.62
CA GLN B 140 9.27 14.07 19.33
C GLN B 140 10.56 14.86 19.49
N ASN B 141 11.64 14.12 19.77
CA ASN B 141 12.95 14.68 20.08
C ASN B 141 13.95 13.98 19.16
N CYS B 142 14.12 14.50 17.95
CA CYS B 142 14.93 13.86 16.93
C CYS B 142 16.30 14.50 16.88
N THR B 143 17.34 13.68 17.01
CA THR B 143 18.71 14.17 17.04
C THR B 143 19.42 13.85 15.74
N MET B 144 20.26 14.78 15.29
CA MET B 144 21.14 14.57 14.15
C MET B 144 22.58 14.69 14.64
N VAL B 145 23.34 13.61 14.54
CA VAL B 145 24.68 13.54 15.09
C VAL B 145 25.67 13.68 13.94
N PHE B 146 26.55 14.67 14.03
CA PHE B 146 27.55 14.92 13.00
C PHE B 146 28.94 14.78 13.61
N LYS B 147 29.80 14.04 12.92
CA LYS B 147 31.19 13.94 13.33
C LYS B 147 32.02 13.44 12.16
N SER B 148 33.32 13.61 12.28
CA SER B 148 34.23 13.10 11.26
C SER B 148 34.28 11.58 11.35
N TYR B 149 33.95 10.90 10.25
CA TYR B 149 33.93 9.45 10.27
C TYR B 149 35.33 8.88 10.49
N THR B 150 36.35 9.53 9.94
CA THR B 150 37.69 8.99 9.96
C THR B 150 38.65 9.71 10.91
N TYR B 151 38.31 10.91 11.37
CA TYR B 151 39.20 11.68 12.22
C TYR B 151 38.61 11.78 13.62
N ASP B 152 39.46 11.54 14.62
CA ASP B 152 39.06 11.59 16.02
C ASP B 152 39.62 12.85 16.67
N THR B 153 39.43 12.96 18.00
CA THR B 153 39.79 14.18 18.71
C THR B 153 41.29 14.47 18.65
N SER B 154 42.12 13.46 18.40
CA SER B 154 43.55 13.68 18.30
C SER B 154 43.95 14.33 16.97
N GLU B 155 43.03 14.41 16.02
CA GLU B 155 43.32 14.97 14.70
C GLU B 155 42.47 16.18 14.36
N VAL B 156 41.20 16.18 14.74
CA VAL B 156 40.31 17.31 14.50
C VAL B 156 39.65 17.70 15.81
N THR B 157 39.24 18.97 15.89
CA THR B 157 38.58 19.51 17.08
C THR B 157 37.28 20.17 16.62
N LEU B 158 36.16 19.48 16.82
CA LEU B 158 34.88 20.01 16.40
C LEU B 158 34.46 21.18 17.29
N GLN B 159 33.93 22.23 16.66
CA GLN B 159 33.47 23.41 17.35
C GLN B 159 32.10 23.82 16.80
N HIS B 160 31.50 24.82 17.43
CA HIS B 160 30.22 25.36 16.97
C HIS B 160 30.46 26.43 15.91
N ALA B 161 29.55 26.50 14.95
CA ALA B 161 29.67 27.48 13.89
C ALA B 161 29.46 28.89 14.42
N LEU B 162 30.18 29.85 13.84
CA LEU B 162 30.04 31.24 14.21
C LEU B 162 28.83 31.86 13.52
N ASP B 163 28.45 33.05 13.98
CA ASP B 163 27.32 33.77 13.43
C ASP B 163 27.77 34.52 12.17
N ALA B 164 26.90 35.38 11.64
CA ALA B 164 27.30 36.22 10.52
C ALA B 164 28.47 37.11 10.90
N LYS B 165 28.44 37.68 12.09
CA LYS B 165 29.59 38.35 12.67
C LYS B 165 30.42 37.33 13.45
N GLY B 166 31.74 37.52 13.43
CA GLY B 166 32.63 36.52 13.98
C GLY B 166 32.71 36.44 15.48
N GLU B 167 32.22 37.46 16.19
CA GLU B 167 32.37 37.47 17.65
C GLU B 167 31.41 36.50 18.34
N ARG B 168 30.28 36.19 17.72
CA ARG B 168 29.26 35.37 18.36
C ARG B 168 29.29 33.95 17.82
N GLU B 169 29.08 32.98 18.71
CA GLU B 169 29.08 31.57 18.36
C GLU B 169 27.67 31.02 18.50
N VAL B 170 27.19 30.36 17.45
CA VAL B 170 25.82 29.86 17.38
C VAL B 170 25.74 28.51 18.05
N LYS B 171 24.77 28.35 18.96
CA LYS B 171 24.56 27.11 19.69
C LYS B 171 23.24 26.45 19.32
N GLU B 172 22.73 26.72 18.12
CA GLU B 172 21.41 26.25 17.74
C GLU B 172 21.34 26.06 16.23
N ILE B 173 20.33 25.31 15.80
CA ILE B 173 20.07 25.15 14.38
C ILE B 173 19.63 26.48 13.79
N VAL B 174 20.30 26.92 12.74
CA VAL B 174 19.98 28.18 12.08
C VAL B 174 18.88 27.92 11.07
N ILE B 175 17.76 28.62 11.22
CA ILE B 175 16.66 28.55 10.27
C ILE B 175 16.61 29.87 9.52
N ASN B 176 16.89 29.82 8.22
CA ASN B 176 16.77 31.00 7.38
C ASN B 176 15.30 31.37 7.24
N LYS B 177 14.98 32.64 7.46
CA LYS B 177 13.60 33.08 7.33
C LYS B 177 13.10 32.86 5.90
N ASP B 178 13.93 33.18 4.92
CA ASP B 178 13.63 32.85 3.54
C ASP B 178 14.05 31.41 3.24
N ALA B 179 13.46 30.85 2.19
CA ALA B 179 13.79 29.51 1.71
C ALA B 179 13.50 28.43 2.75
N PHE B 180 12.63 28.70 3.71
CA PHE B 180 12.22 27.71 4.70
C PHE B 180 10.70 27.61 4.69
N THR B 181 10.19 26.40 4.52
CA THR B 181 8.76 26.13 4.52
C THR B 181 8.42 25.36 5.79
N GLU B 182 7.51 25.91 6.59
CA GLU B 182 7.09 25.26 7.82
C GLU B 182 6.32 23.98 7.49
N ASN B 183 6.64 22.92 8.22
CA ASN B 183 5.91 21.67 8.04
C ASN B 183 4.48 21.83 8.52
N GLY B 184 3.54 21.27 7.76
CA GLY B 184 2.15 21.39 8.11
C GLY B 184 1.71 20.52 9.26
N GLN B 185 2.57 19.61 9.73
CA GLN B 185 2.22 18.69 10.80
C GLN B 185 3.04 18.89 12.06
N TRP B 186 4.24 19.44 11.98
CA TRP B 186 5.12 19.60 13.13
C TRP B 186 5.52 21.05 13.28
N SER B 187 5.73 21.47 14.53
CA SER B 187 6.22 22.79 14.85
C SER B 187 7.49 22.68 15.67
N ILE B 188 8.49 23.49 15.32
CA ILE B 188 9.80 23.42 15.96
C ILE B 188 9.79 24.18 17.28
N GLU B 189 9.56 23.47 18.39
CA GLU B 189 9.55 24.14 19.69
C GLU B 189 10.96 24.56 20.10
N HIS B 190 11.93 23.66 19.96
CA HIS B 190 13.31 23.93 20.32
C HIS B 190 14.24 23.32 19.28
N LYS B 191 15.31 24.04 18.95
CA LYS B 191 16.33 23.55 18.01
C LYS B 191 17.72 23.87 18.55
N PRO B 192 18.11 23.25 19.66
CA PRO B 192 19.44 23.51 20.21
C PRO B 192 20.51 22.61 19.57
N SER B 193 21.76 22.97 19.83
CA SER B 193 22.91 22.20 19.38
C SER B 193 23.90 22.06 20.53
N ARG B 194 24.58 20.92 20.57
CA ARG B 194 25.51 20.70 21.67
C ARG B 194 26.63 19.76 21.25
N LYS B 195 27.80 19.97 21.85
CA LYS B 195 28.94 19.09 21.66
C LYS B 195 28.87 17.95 22.67
N ASN B 196 28.94 16.71 22.17
CA ASN B 196 28.77 15.53 22.99
C ASN B 196 30.07 14.74 23.08
N TRP B 197 30.35 14.22 24.28
CA TRP B 197 31.47 13.35 24.54
C TRP B 197 30.97 12.06 25.19
N ARG B 198 31.56 10.94 24.81
CA ARG B 198 31.27 9.66 25.45
C ARG B 198 32.43 9.29 26.37
N SER B 199 32.12 9.04 27.63
CA SER B 199 33.16 8.68 28.59
C SER B 199 33.67 7.27 28.30
N ASP B 200 34.81 6.95 28.93
CA ASP B 200 35.58 5.72 28.78
C ASP B 200 36.29 5.63 27.43
N ASP B 201 36.20 6.65 26.58
CA ASP B 201 36.99 6.71 25.36
C ASP B 201 37.15 8.18 24.99
N PRO B 202 38.30 8.79 25.32
CA PRO B 202 38.53 10.22 25.03
C PRO B 202 39.03 10.47 23.61
N SER B 203 38.41 9.78 22.65
CA SER B 203 38.73 9.95 21.24
C SER B 203 37.44 10.07 20.42
N TYR B 204 36.38 10.58 21.05
CA TYR B 204 35.06 10.65 20.44
C TYR B 204 34.44 12.00 20.77
N GLU B 205 33.91 12.66 19.76
CA GLU B 205 33.28 13.96 19.92
C GLU B 205 32.26 14.16 18.81
N ASP B 206 31.05 14.56 19.18
CA ASP B 206 29.98 14.80 18.22
C ASP B 206 29.49 16.23 18.33
N VAL B 207 28.90 16.71 17.25
CA VAL B 207 28.03 17.88 17.30
C VAL B 207 26.62 17.37 17.00
N THR B 208 25.74 17.47 17.99
CA THR B 208 24.39 16.95 17.86
C THR B 208 23.42 18.12 17.80
N PHE B 209 22.58 18.12 16.77
CA PHE B 209 21.53 19.11 16.60
C PHE B 209 20.20 18.45 16.96
N TYR B 210 19.50 19.03 17.92
CA TYR B 210 18.25 18.46 18.42
C TYR B 210 17.08 19.22 17.85
N LEU B 211 16.14 18.51 17.25
CA LEU B 211 14.87 19.07 16.83
C LEU B 211 13.81 18.53 17.78
N ILE B 212 13.33 19.41 18.66
CA ILE B 212 12.19 19.10 19.51
C ILE B 212 10.97 19.64 18.77
N ILE B 213 10.19 18.73 18.20
CA ILE B 213 9.07 19.09 17.34
C ILE B 213 7.78 18.62 17.99
N GLN B 214 6.76 19.46 17.96
CA GLN B 214 5.46 19.14 18.52
C GLN B 214 4.49 18.89 17.36
N ARG B 215 3.81 17.75 17.41
CA ARG B 215 2.85 17.41 16.37
C ARG B 215 1.58 18.22 16.54
N LYS B 216 1.04 18.70 15.42
CA LYS B 216 -0.27 19.33 15.43
C LYS B 216 -1.33 18.24 15.29
N PRO B 217 -2.17 18.01 16.30
CA PRO B 217 -2.97 16.78 16.34
C PRO B 217 -4.17 16.76 15.41
N LEU B 218 -4.38 17.79 14.60
CA LEU B 218 -5.48 17.75 13.64
C LEU B 218 -5.20 16.71 12.57
N PHE B 219 -6.27 16.33 11.86
CA PHE B 219 -6.32 15.20 10.92
C PHE B 219 -6.34 13.89 11.69
N TYR B 220 -6.07 13.95 12.99
CA TYR B 220 -6.26 12.82 13.88
C TYR B 220 -7.50 12.99 14.74
N ILE B 221 -7.65 14.16 15.38
CA ILE B 221 -8.89 14.49 16.05
C ILE B 221 -10.07 14.28 15.12
N VAL B 222 -10.08 15.02 14.00
CA VAL B 222 -11.22 15.04 13.11
C VAL B 222 -11.53 13.65 12.57
N TYR B 223 -10.50 12.90 12.17
CA TYR B 223 -10.71 11.66 11.43
C TYR B 223 -10.81 10.42 12.32
N THR B 224 -10.40 10.48 13.58
CA THR B 224 -10.58 9.33 14.47
C THR B 224 -11.38 9.66 15.72
N ILE B 225 -11.02 10.74 16.42
CA ILE B 225 -11.57 10.96 17.76
C ILE B 225 -13.06 11.26 17.69
N ILE B 226 -13.45 12.19 16.82
CA ILE B 226 -14.86 12.57 16.73
C ILE B 226 -15.73 11.41 16.25
N PRO B 227 -15.37 10.67 15.19
CA PRO B 227 -16.18 9.49 14.85
C PRO B 227 -16.27 8.48 15.97
N CYS B 228 -15.20 8.28 16.73
CA CYS B 228 -15.25 7.37 17.86
C CYS B 228 -16.13 7.92 18.98
N ILE B 229 -16.16 9.25 19.16
CA ILE B 229 -17.08 9.83 20.13
C ILE B 229 -18.52 9.59 19.70
N LEU B 230 -18.80 9.72 18.40
CA LEU B 230 -20.14 9.44 17.90
C LEU B 230 -20.51 7.98 18.12
N ILE B 231 -19.55 7.07 17.88
CA ILE B 231 -19.81 5.65 18.12
C ILE B 231 -20.08 5.39 19.59
N SER B 232 -19.34 6.07 20.47
CA SER B 232 -19.59 5.94 21.90
C SER B 232 -20.98 6.45 22.27
N ILE B 233 -21.41 7.54 21.64
CA ILE B 233 -22.76 8.04 21.86
C ILE B 233 -23.80 7.02 21.44
N LEU B 234 -23.56 6.35 20.30
CA LEU B 234 -24.45 5.29 19.87
C LEU B 234 -24.47 4.14 20.87
N ALA B 235 -23.31 3.77 21.39
CA ALA B 235 -23.23 2.69 22.37
C ALA B 235 -24.01 3.03 23.63
N ILE B 236 -23.95 4.29 24.06
CA ILE B 236 -24.77 4.73 25.18
C ILE B 236 -26.25 4.67 24.82
N LEU B 237 -26.59 5.11 23.60
CA LEU B 237 -27.98 5.11 23.17
C LEU B 237 -28.57 3.72 23.13
N VAL B 238 -27.73 2.70 22.96
CA VAL B 238 -28.20 1.31 22.90
C VAL B 238 -29.18 1.02 24.03
N PHE B 239 -28.89 1.53 25.23
CA PHE B 239 -29.70 1.18 26.39
C PHE B 239 -31.05 1.88 26.40
N TYR B 240 -31.11 3.14 25.93
CA TYR B 240 -32.40 3.82 25.90
C TYR B 240 -33.36 3.18 24.89
N LEU B 241 -32.84 2.42 23.93
CA LEU B 241 -33.68 1.71 22.99
C LEU B 241 -34.49 0.63 23.72
N PRO B 242 -35.77 0.46 23.39
CA PRO B 242 -36.57 -0.53 24.10
C PRO B 242 -36.24 -1.93 23.62
N PRO B 243 -36.26 -2.92 24.52
CA PRO B 243 -36.01 -4.30 24.09
C PRO B 243 -37.04 -4.84 23.11
N ASP B 244 -38.26 -4.32 23.13
CA ASP B 244 -39.30 -4.83 22.26
C ASP B 244 -38.98 -4.57 20.80
N ALA B 245 -38.37 -3.43 20.50
CA ALA B 245 -37.90 -3.16 19.14
C ALA B 245 -36.61 -3.92 18.89
N GLY B 246 -36.65 -4.87 17.96
CA GLY B 246 -35.52 -5.76 17.75
C GLY B 246 -34.35 -5.12 17.03
N GLU B 247 -33.73 -4.11 17.65
CA GLU B 247 -32.59 -3.44 17.04
C GLU B 247 -31.49 -3.10 18.03
N LYS B 248 -31.49 -3.66 19.23
CA LYS B 248 -30.40 -3.40 20.17
C LYS B 248 -29.09 -4.00 19.69
N MET B 249 -29.13 -5.26 19.24
CA MET B 249 -27.93 -5.88 18.69
C MET B 249 -27.48 -5.16 17.43
N SER B 250 -28.42 -4.86 16.53
CA SER B 250 -28.07 -4.22 15.26
C SER B 250 -27.38 -2.88 15.45
N LEU B 251 -27.55 -2.25 16.61
CA LEU B 251 -26.87 -1.00 16.91
C LEU B 251 -25.56 -1.23 17.67
N SER B 252 -25.61 -2.06 18.71
CA SER B 252 -24.42 -2.26 19.55
C SER B 252 -23.30 -2.96 18.77
N ILE B 253 -23.63 -4.08 18.10
CA ILE B 253 -22.58 -4.79 17.38
C ILE B 253 -22.12 -3.98 16.18
N SER B 254 -22.98 -3.17 15.58
CA SER B 254 -22.55 -2.28 14.51
C SER B 254 -21.54 -1.25 15.02
N ALA B 255 -21.80 -0.70 16.20
CA ALA B 255 -20.82 0.21 16.81
C ALA B 255 -19.50 -0.51 17.07
N LEU B 256 -19.57 -1.75 17.56
CA LEU B 256 -18.35 -2.51 17.79
C LEU B 256 -17.57 -2.72 16.48
N LEU B 257 -18.28 -3.06 15.40
CA LEU B 257 -17.63 -3.23 14.11
C LEU B 257 -17.00 -1.93 13.64
N ALA B 258 -17.68 -0.80 13.86
CA ALA B 258 -17.10 0.49 13.49
C ALA B 258 -15.81 0.76 14.26
N VAL B 259 -15.80 0.46 15.56
CA VAL B 259 -14.58 0.68 16.34
C VAL B 259 -13.46 -0.21 15.86
N THR B 260 -13.77 -1.48 15.55
CA THR B 260 -12.72 -2.37 15.05
C THR B 260 -12.19 -1.91 13.71
N VAL B 261 -13.07 -1.41 12.84
CA VAL B 261 -12.62 -0.88 11.56
C VAL B 261 -11.72 0.32 11.75
N PHE B 262 -12.07 1.20 12.69
CA PHE B 262 -11.21 2.33 13.00
C PHE B 262 -9.84 1.85 13.47
N LEU B 263 -9.81 0.83 14.33
CA LEU B 263 -8.55 0.25 14.77
C LEU B 263 -7.72 -0.24 13.59
N LEU B 264 -8.33 -1.05 12.73
CA LEU B 264 -7.58 -1.70 11.66
C LEU B 264 -7.12 -0.70 10.60
N LEU B 265 -7.84 0.40 10.42
CA LEU B 265 -7.41 1.43 9.49
C LEU B 265 -6.52 2.48 10.14
N LEU B 266 -6.41 2.48 11.46
CA LEU B 266 -5.41 3.28 12.15
C LEU B 266 -4.11 2.52 12.39
N ALA B 267 -4.11 1.20 12.20
CA ALA B 267 -2.91 0.40 12.45
C ALA B 267 -1.76 0.77 11.53
N ASP B 268 -2.02 1.46 10.42
CA ASP B 268 -0.99 1.82 9.47
C ASP B 268 -0.43 3.22 9.70
N LYS B 269 -0.81 3.87 10.80
CA LYS B 269 -0.31 5.20 11.13
C LYS B 269 0.53 5.24 12.39
N VAL B 270 0.54 4.18 13.19
CA VAL B 270 1.28 4.16 14.45
C VAL B 270 2.53 3.30 14.28
N PRO B 271 3.61 3.57 15.02
CA PRO B 271 4.80 2.72 14.91
C PRO B 271 4.54 1.33 15.49
N GLU B 272 5.26 0.35 14.94
CA GLU B 272 5.14 -1.02 15.42
C GLU B 272 5.92 -1.28 16.70
N THR B 273 6.72 -0.32 17.16
CA THR B 273 7.45 -0.50 18.40
C THR B 273 6.48 -0.66 19.57
N SER B 274 6.87 -1.51 20.52
CA SER B 274 5.97 -1.95 21.58
C SER B 274 6.54 -1.65 22.95
N LEU B 275 7.13 -0.47 23.12
CA LEU B 275 7.52 -0.04 24.46
C LEU B 275 6.31 0.32 25.31
N SER B 276 5.27 0.84 24.68
CA SER B 276 4.05 1.24 25.38
C SER B 276 2.93 1.35 24.35
N VAL B 277 1.72 1.63 24.84
CA VAL B 277 0.54 1.76 24.00
C VAL B 277 0.24 3.24 23.84
N PRO B 278 0.04 3.74 22.62
CA PRO B 278 -0.27 5.16 22.44
C PRO B 278 -1.64 5.49 23.02
N ILE B 279 -1.82 6.79 23.29
CA ILE B 279 -3.05 7.26 23.94
C ILE B 279 -4.27 6.96 23.07
N ILE B 280 -4.15 7.17 21.76
CA ILE B 280 -5.30 6.96 20.88
C ILE B 280 -5.67 5.48 20.82
N ILE B 281 -4.67 4.59 20.75
CA ILE B 281 -4.95 3.16 20.72
C ILE B 281 -5.51 2.71 22.06
N ARG B 282 -5.01 3.28 23.16
CA ARG B 282 -5.56 2.94 24.47
C ARG B 282 -7.01 3.38 24.60
N TYR B 283 -7.34 4.56 24.06
CA TYR B 283 -8.72 5.02 24.06
C TYR B 283 -9.60 4.13 23.20
N LEU B 284 -9.06 3.66 22.06
CA LEU B 284 -9.82 2.72 21.24
C LEU B 284 -10.05 1.41 21.97
N MET B 285 -9.05 0.94 22.73
CA MET B 285 -9.23 -0.23 23.57
C MET B 285 -10.35 -0.01 24.59
N PHE B 286 -10.34 1.16 25.23
CA PHE B 286 -11.38 1.48 26.19
C PHE B 286 -12.76 1.47 25.56
N ILE B 287 -12.88 2.06 24.36
CA ILE B 287 -14.16 2.09 23.68
C ILE B 287 -14.59 0.69 23.26
N MET B 288 -13.64 -0.14 22.81
CA MET B 288 -13.97 -1.51 22.43
C MET B 288 -14.51 -2.29 23.63
N ILE B 289 -13.85 -2.15 24.78
CA ILE B 289 -14.32 -2.84 25.98
C ILE B 289 -15.70 -2.32 26.38
N LEU B 290 -15.90 -1.01 26.32
CA LEU B 290 -17.18 -0.43 26.69
C LEU B 290 -18.29 -0.93 25.79
N VAL B 291 -18.05 -0.96 24.47
CA VAL B 291 -19.08 -1.39 23.54
C VAL B 291 -19.34 -2.89 23.67
N ALA B 292 -18.29 -3.68 23.93
CA ALA B 292 -18.50 -5.11 24.13
C ALA B 292 -19.35 -5.37 25.36
N PHE B 293 -19.07 -4.65 26.46
CA PHE B 293 -19.92 -4.80 27.64
C PHE B 293 -21.32 -4.28 27.40
N SER B 294 -21.46 -3.27 26.52
CA SER B 294 -22.79 -2.83 26.12
C SER B 294 -23.53 -3.94 25.40
N VAL B 295 -22.85 -4.67 24.52
CA VAL B 295 -23.47 -5.79 23.82
C VAL B 295 -23.87 -6.87 24.82
N ILE B 296 -22.99 -7.18 25.76
CA ILE B 296 -23.27 -8.22 26.74
C ILE B 296 -24.47 -7.84 27.60
N LEU B 297 -24.51 -6.61 28.07
CA LEU B 297 -25.63 -6.19 28.92
C LEU B 297 -26.91 -6.03 28.11
N SER B 298 -26.82 -5.71 26.81
CA SER B 298 -28.01 -5.70 25.97
C SER B 298 -28.55 -7.12 25.80
N VAL B 299 -27.66 -8.10 25.64
CA VAL B 299 -28.10 -9.49 25.58
C VAL B 299 -28.78 -9.88 26.90
N VAL B 300 -28.20 -9.45 28.02
CA VAL B 300 -28.78 -9.76 29.33
C VAL B 300 -30.17 -9.12 29.45
N VAL B 301 -30.31 -7.87 29.00
CA VAL B 301 -31.59 -7.17 29.07
C VAL B 301 -32.62 -7.85 28.19
N LEU B 302 -32.23 -8.25 26.98
CA LEU B 302 -33.15 -8.95 26.09
C LEU B 302 -33.57 -10.29 26.68
N ASN B 303 -32.63 -10.99 27.31
CA ASN B 303 -32.97 -12.25 27.98
C ASN B 303 -33.96 -12.01 29.11
N LEU B 304 -33.74 -10.97 29.90
CA LEU B 304 -34.68 -10.65 30.98
C LEU B 304 -36.06 -10.29 30.45
N HIS B 305 -36.10 -9.54 29.34
CA HIS B 305 -37.37 -9.05 28.82
C HIS B 305 -38.25 -10.19 28.34
N HIS B 306 -37.66 -11.21 27.71
CA HIS B 306 -38.42 -12.30 27.13
C HIS B 306 -38.65 -13.46 28.10
N ARG B 307 -38.22 -13.34 29.35
CA ARG B 307 -38.52 -14.37 30.33
C ARG B 307 -40.00 -14.39 30.64
N SER B 308 -40.49 -15.58 30.96
CA SER B 308 -41.90 -15.81 31.22
C SER B 308 -42.07 -16.63 32.48
N PRO B 309 -43.17 -16.44 33.21
CA PRO B 309 -43.42 -17.28 34.40
C PRO B 309 -43.51 -18.76 34.06
N ASN B 310 -43.95 -19.10 32.85
CA ASN B 310 -43.98 -20.49 32.43
C ASN B 310 -42.56 -21.05 32.30
N THR B 311 -41.59 -20.21 31.96
CA THR B 311 -40.21 -20.65 31.75
C THR B 311 -39.26 -20.28 32.87
N HIS B 312 -39.51 -19.17 33.57
CA HIS B 312 -38.62 -18.72 34.63
C HIS B 312 -39.45 -18.21 35.80
N THR B 313 -38.92 -18.39 37.00
CA THR B 313 -39.52 -17.87 38.22
C THR B 313 -38.58 -16.83 38.82
N MET B 314 -39.11 -15.67 39.15
CA MET B 314 -38.29 -14.56 39.61
C MET B 314 -37.79 -14.83 41.02
N PRO B 315 -36.47 -14.81 41.26
CA PRO B 315 -35.97 -14.97 42.62
C PRO B 315 -36.35 -13.78 43.49
N ASN B 316 -36.38 -14.04 44.80
CA ASN B 316 -36.77 -12.98 45.75
C ASN B 316 -35.78 -11.82 45.72
N TRP B 317 -34.49 -12.12 45.62
CA TRP B 317 -33.49 -11.06 45.65
C TRP B 317 -33.58 -10.19 44.40
N ILE B 318 -33.86 -10.80 43.25
CA ILE B 318 -34.02 -10.03 42.01
C ILE B 318 -35.14 -9.02 42.16
N ARG B 319 -36.30 -9.47 42.67
CA ARG B 319 -37.42 -8.57 42.87
C ARG B 319 -37.08 -7.48 43.89
N GLN B 320 -36.44 -7.86 45.00
CA GLN B 320 -36.11 -6.89 46.03
C GLN B 320 -35.19 -5.80 45.48
N ILE B 321 -34.20 -6.18 44.68
CA ILE B 321 -33.27 -5.20 44.14
C ILE B 321 -33.94 -4.33 43.06
N PHE B 322 -34.70 -4.95 42.16
CA PHE B 322 -35.12 -4.27 40.94
C PHE B 322 -36.58 -3.81 40.93
N ILE B 323 -37.31 -3.91 42.04
CA ILE B 323 -38.70 -3.47 42.09
C ILE B 323 -38.88 -2.30 43.05
N GLU B 324 -38.40 -2.45 44.29
CA GLU B 324 -38.64 -1.43 45.31
C GLU B 324 -37.34 -0.82 45.86
N THR B 325 -36.21 -1.04 45.20
CA THR B 325 -34.95 -0.48 45.67
C THR B 325 -34.37 0.52 44.67
N LEU B 326 -34.13 0.10 43.43
CA LEU B 326 -33.50 0.92 42.40
C LEU B 326 -34.44 1.93 41.74
N PRO B 327 -35.68 1.57 41.40
CA PRO B 327 -36.56 2.52 40.70
C PRO B 327 -36.72 3.84 41.43
N PRO B 328 -36.77 3.86 42.77
CA PRO B 328 -36.75 5.18 43.44
C PRO B 328 -35.53 6.00 43.12
N PHE B 329 -34.36 5.37 42.97
CA PHE B 329 -33.15 6.12 42.67
C PHE B 329 -33.13 6.59 41.22
N LEU B 330 -33.57 5.75 40.30
CA LEU B 330 -33.46 6.05 38.87
C LEU B 330 -34.69 6.77 38.31
N TRP B 331 -35.69 7.07 39.15
CA TRP B 331 -36.92 7.74 38.72
C TRP B 331 -37.64 6.94 37.63
N ILE B 332 -37.80 5.65 37.87
CA ILE B 332 -38.49 4.76 36.94
C ILE B 332 -39.69 4.15 37.64
N GLN B 333 -40.32 4.95 38.52
CA GLN B 333 -41.43 4.46 39.32
C GLN B 333 -42.54 3.89 38.45
N ARG B 334 -43.00 2.69 38.81
CA ARG B 334 -44.13 2.08 38.13
C ARG B 334 -45.39 2.89 38.44
N PRO B 335 -46.30 3.05 37.46
CA PRO B 335 -47.54 3.78 37.72
C PRO B 335 -48.31 3.25 38.92
N VAL B 336 -48.62 1.96 38.92
CA VAL B 336 -49.33 1.33 40.03
C VAL B 336 -49.14 -0.17 39.99
N ASP B 400 -77.96 -29.15 26.91
CA ASP B 400 -77.24 -28.23 26.05
C ASP B 400 -76.95 -26.91 26.76
N LEU B 401 -77.90 -26.49 27.60
CA LEU B 401 -77.71 -25.26 28.37
C LEU B 401 -76.56 -25.41 29.37
N LYS B 402 -76.44 -26.59 30.00
CA LYS B 402 -75.33 -26.82 30.92
C LYS B 402 -74.00 -26.76 30.20
N GLU B 403 -73.93 -27.31 28.98
CA GLU B 403 -72.70 -27.22 28.20
C GLU B 403 -72.35 -25.78 27.88
N ALA B 404 -73.35 -24.96 27.55
CA ALA B 404 -73.11 -23.55 27.29
C ALA B 404 -72.59 -22.83 28.52
N VAL B 405 -73.14 -23.15 29.71
CA VAL B 405 -72.67 -22.54 30.94
C VAL B 405 -71.23 -22.94 31.21
N GLU B 406 -70.90 -24.22 31.01
CA GLU B 406 -69.53 -24.68 31.23
C GLU B 406 -68.55 -23.98 30.29
N ALA B 407 -68.98 -23.72 29.05
CA ALA B 407 -68.10 -23.06 28.08
C ALA B 407 -67.73 -21.66 28.53
N ILE B 408 -68.70 -20.90 29.04
CA ILE B 408 -68.42 -19.52 29.43
C ILE B 408 -67.54 -19.48 30.67
N LYS B 409 -67.80 -20.37 31.64
CA LYS B 409 -66.98 -20.41 32.85
C LYS B 409 -65.53 -20.77 32.52
N TYR B 410 -65.33 -21.73 31.63
CA TYR B 410 -63.97 -22.14 31.27
C TYR B 410 -63.21 -21.00 30.60
N ILE B 411 -63.86 -20.27 29.69
CA ILE B 411 -63.16 -19.20 28.99
C ILE B 411 -62.93 -18.02 29.93
N ALA B 412 -63.83 -17.76 30.88
CA ALA B 412 -63.57 -16.72 31.87
C ALA B 412 -62.39 -17.09 32.75
N GLU B 413 -62.31 -18.35 33.18
CA GLU B 413 -61.17 -18.78 33.99
C GLU B 413 -59.87 -18.69 33.19
N GLN B 414 -59.93 -19.06 31.91
CA GLN B 414 -58.75 -18.95 31.05
C GLN B 414 -58.31 -17.50 30.91
N LEU B 415 -59.26 -16.58 30.77
CA LEU B 415 -58.91 -15.16 30.69
C LEU B 415 -58.28 -14.66 31.98
N GLU B 416 -58.81 -15.09 33.13
CA GLU B 416 -58.22 -14.69 34.40
C GLU B 416 -56.80 -15.23 34.56
N SER B 417 -56.59 -16.50 34.19
CA SER B 417 -55.26 -17.08 34.26
C SER B 417 -54.30 -16.36 33.32
N ALA B 418 -54.77 -16.01 32.11
CA ALA B 418 -53.94 -15.26 31.18
C ALA B 418 -53.60 -13.88 31.73
N SER B 419 -54.54 -13.27 32.46
CA SER B 419 -54.26 -11.98 33.08
C SER B 419 -53.17 -12.09 34.13
N GLU B 420 -53.23 -13.13 34.96
CA GLU B 420 -52.17 -13.34 35.95
C GLU B 420 -50.82 -13.61 35.27
N PHE B 421 -50.85 -14.42 34.20
CA PHE B 421 -49.65 -14.70 33.43
C PHE B 421 -49.05 -13.42 32.85
N ASP B 422 -49.90 -12.55 32.31
CA ASP B 422 -49.45 -11.28 31.77
C ASP B 422 -48.90 -10.38 32.87
N ASP B 423 -49.49 -10.43 34.06
CA ASP B 423 -48.97 -9.66 35.18
C ASP B 423 -47.54 -10.09 35.52
N LEU B 424 -47.31 -11.40 35.59
CA LEU B 424 -45.95 -11.89 35.86
C LEU B 424 -45.00 -11.50 34.74
N LYS B 425 -45.44 -11.62 33.48
CA LYS B 425 -44.58 -11.25 32.36
C LYS B 425 -44.24 -9.77 32.40
N LYS B 426 -45.21 -8.92 32.75
CA LYS B 426 -44.95 -7.49 32.89
C LYS B 426 -44.01 -7.21 34.04
N ASP B 427 -44.07 -7.99 35.12
CA ASP B 427 -43.08 -7.85 36.19
C ASP B 427 -41.68 -8.14 35.68
N TRP B 428 -41.52 -9.20 34.88
CA TRP B 428 -40.22 -9.50 34.30
C TRP B 428 -39.75 -8.38 33.39
N GLN B 429 -40.65 -7.84 32.56
CA GLN B 429 -40.28 -6.75 31.66
C GLN B 429 -39.92 -5.49 32.44
N TYR B 430 -40.60 -5.23 33.55
CA TYR B 430 -40.26 -4.09 34.39
C TYR B 430 -38.87 -4.25 34.99
N VAL B 431 -38.54 -5.46 35.45
CA VAL B 431 -37.18 -5.72 35.92
C VAL B 431 -36.18 -5.44 34.81
N ALA B 432 -36.50 -5.90 33.60
CA ALA B 432 -35.61 -5.66 32.46
C ALA B 432 -35.42 -4.17 32.21
N MET B 433 -36.51 -3.39 32.28
CA MET B 433 -36.43 -1.96 32.00
C MET B 433 -35.64 -1.23 33.08
N VAL B 434 -35.82 -1.62 34.35
CA VAL B 434 -35.06 -1.00 35.43
C VAL B 434 -33.57 -1.28 35.25
N ALA B 435 -33.22 -2.53 34.92
CA ALA B 435 -31.83 -2.86 34.66
C ALA B 435 -31.30 -2.08 33.46
N ASP B 436 -32.13 -1.90 32.44
CA ASP B 436 -31.71 -1.14 31.26
C ASP B 436 -31.38 0.29 31.62
N ARG B 437 -32.22 0.95 32.42
CA ARG B 437 -31.95 2.33 32.81
C ARG B 437 -30.72 2.43 33.69
N LEU B 438 -30.54 1.48 34.61
CA LEU B 438 -29.35 1.48 35.45
C LEU B 438 -28.10 1.37 34.60
N PHE B 439 -28.11 0.45 33.63
CA PHE B 439 -26.96 0.28 32.74
C PHE B 439 -26.74 1.53 31.90
N LEU B 440 -27.81 2.18 31.47
CA LEU B 440 -27.67 3.43 30.72
C LEU B 440 -26.93 4.47 31.53
N TYR B 441 -27.35 4.69 32.79
CA TYR B 441 -26.68 5.69 33.62
C TYR B 441 -25.23 5.33 33.89
N VAL B 442 -24.99 4.06 34.21
CA VAL B 442 -23.62 3.63 34.53
C VAL B 442 -22.71 3.80 33.32
N PHE B 443 -23.19 3.38 32.14
CA PHE B 443 -22.39 3.50 30.93
C PHE B 443 -22.15 4.96 30.58
N PHE B 444 -23.16 5.82 30.73
CA PHE B 444 -22.98 7.23 30.44
C PHE B 444 -21.89 7.84 31.32
N VAL B 445 -21.98 7.61 32.63
CA VAL B 445 -20.99 8.22 33.53
C VAL B 445 -19.60 7.63 33.27
N ILE B 446 -19.51 6.32 33.04
CA ILE B 446 -18.21 5.70 32.83
C ILE B 446 -17.57 6.22 31.55
N CYS B 447 -18.35 6.29 30.46
CA CYS B 447 -17.82 6.78 29.20
C CYS B 447 -17.37 8.22 29.31
N SER B 448 -18.20 9.07 29.93
CA SER B 448 -17.84 10.48 30.07
C SER B 448 -16.55 10.64 30.88
N ILE B 449 -16.47 9.95 32.02
CA ILE B 449 -15.29 10.08 32.88
C ILE B 449 -14.05 9.58 32.16
N GLY B 450 -14.15 8.41 31.51
CA GLY B 450 -12.98 7.85 30.85
C GLY B 450 -12.49 8.71 29.70
N THR B 451 -13.41 9.16 28.84
CA THR B 451 -13.01 10.00 27.73
C THR B 451 -12.40 11.31 28.22
N PHE B 452 -13.03 11.94 29.21
CA PHE B 452 -12.51 13.21 29.72
C PHE B 452 -11.13 13.03 30.33
N SER B 453 -10.94 11.97 31.11
CA SER B 453 -9.63 11.74 31.73
C SER B 453 -8.56 11.46 30.69
N ILE B 454 -8.87 10.62 29.71
CA ILE B 454 -7.87 10.28 28.68
C ILE B 454 -7.45 11.52 27.92
N PHE B 455 -8.43 12.31 27.45
CA PHE B 455 -8.06 13.47 26.67
C PHE B 455 -7.46 14.58 27.52
N LEU B 456 -7.80 14.64 28.81
CA LEU B 456 -7.16 15.61 29.69
C LEU B 456 -5.68 15.30 29.86
N ASP B 457 -5.35 14.04 30.18
CA ASP B 457 -3.93 13.71 30.32
C ASP B 457 -3.21 13.77 28.98
N ALA B 458 -3.90 13.56 27.86
CA ALA B 458 -3.28 13.76 26.56
C ALA B 458 -2.98 15.23 26.31
N SER B 459 -3.88 16.12 26.73
CA SER B 459 -3.67 17.55 26.54
C SER B 459 -2.60 18.09 27.48
N HIS B 460 -2.40 17.43 28.63
CA HIS B 460 -1.36 17.88 29.56
C HIS B 460 0.04 17.63 29.05
N ASN B 461 0.21 16.88 27.97
CA ASN B 461 1.53 16.53 27.46
C ASN B 461 2.05 17.66 26.56
N VAL B 462 3.05 18.39 27.04
CA VAL B 462 3.68 19.46 26.26
C VAL B 462 5.19 19.29 26.35
N PRO B 463 5.96 19.70 25.34
CA PRO B 463 7.42 19.62 25.43
C PRO B 463 7.95 20.53 26.51
N PRO B 464 9.08 20.15 27.16
CA PRO B 464 9.59 20.94 28.28
C PRO B 464 9.99 22.33 27.82
N ASP B 465 10.49 23.15 28.74
CA ASP B 465 10.97 24.51 28.36
C ASP B 465 12.48 24.46 28.17
N ASN B 466 13.21 23.84 29.09
CA ASN B 466 14.68 23.69 28.92
C ASN B 466 14.92 22.41 28.12
N PRO B 467 15.37 22.50 26.86
CA PRO B 467 15.50 21.33 26.03
C PRO B 467 16.43 20.31 26.69
N PHE B 468 17.24 20.75 27.66
CA PHE B 468 18.29 19.88 28.26
C PHE B 468 19.36 19.67 27.20
N ALA B 469 19.29 20.41 26.10
CA ALA B 469 20.22 20.26 24.97
C ALA B 469 20.77 18.84 24.97
N VAL C 1 39.57 17.54 -44.66
CA VAL C 1 38.80 16.78 -43.68
C VAL C 1 37.91 17.72 -42.88
N ASN C 2 37.34 17.20 -41.78
CA ASN C 2 36.49 18.01 -40.93
C ASN C 2 37.31 19.11 -40.25
N GLU C 3 36.73 20.31 -40.21
CA GLU C 3 37.36 21.44 -39.53
C GLU C 3 36.96 21.56 -38.07
N GLU C 4 35.92 20.85 -37.65
CA GLU C 4 35.51 20.93 -36.25
C GLU C 4 36.57 20.37 -35.32
N GLU C 5 37.29 19.33 -35.77
CA GLU C 5 38.36 18.77 -34.93
C GLU C 5 39.46 19.80 -34.71
N ARG C 6 39.88 20.50 -35.76
CA ARG C 6 40.89 21.54 -35.61
C ARG C 6 40.39 22.67 -34.73
N LEU C 7 39.13 23.08 -34.93
CA LEU C 7 38.57 24.17 -34.13
C LEU C 7 38.54 23.81 -32.65
N ILE C 8 38.10 22.60 -32.33
CA ILE C 8 38.01 22.18 -30.93
C ILE C 8 39.41 22.03 -30.34
N ASN C 9 40.36 21.51 -31.12
CA ASN C 9 41.73 21.38 -30.62
C ASN C 9 42.33 22.75 -30.32
N ASP C 10 42.04 23.74 -31.16
CA ASP C 10 42.53 25.09 -30.88
C ASP C 10 41.84 25.72 -29.68
N LEU C 11 40.53 25.53 -29.56
CA LEU C 11 39.78 26.19 -28.49
C LEU C 11 40.08 25.59 -27.13
N LEU C 12 40.15 24.26 -27.04
CA LEU C 12 40.22 23.58 -25.75
C LEU C 12 41.62 23.12 -25.38
N ILE C 13 42.49 22.85 -26.34
CA ILE C 13 43.80 22.28 -26.08
C ILE C 13 44.91 23.31 -26.26
N VAL C 14 44.94 23.97 -27.42
CA VAL C 14 45.98 24.96 -27.68
C VAL C 14 45.88 26.14 -26.72
N ASN C 15 44.66 26.60 -26.47
CA ASN C 15 44.43 27.74 -25.58
C ASN C 15 44.43 27.34 -24.11
N LYS C 16 44.54 26.06 -23.80
CA LYS C 16 44.57 25.57 -22.41
C LYS C 16 43.32 26.00 -21.66
N TYR C 17 42.17 25.63 -22.21
CA TYR C 17 40.89 25.93 -21.59
C TYR C 17 40.78 25.23 -20.24
N ASN C 18 40.36 25.98 -19.23
CA ASN C 18 40.18 25.47 -17.87
C ASN C 18 38.70 25.54 -17.53
N LYS C 19 38.07 24.37 -17.39
CA LYS C 19 36.64 24.31 -17.13
C LYS C 19 36.27 24.66 -15.70
N HIS C 20 37.25 24.82 -14.81
CA HIS C 20 37.00 25.15 -13.42
C HIS C 20 37.20 26.63 -13.11
N VAL C 21 37.30 27.46 -14.13
CA VAL C 21 37.47 28.90 -13.97
C VAL C 21 36.30 29.60 -14.63
N ARG C 22 35.79 30.64 -13.97
CA ARG C 22 34.66 31.37 -14.51
C ARG C 22 35.02 32.01 -15.85
N PRO C 23 34.11 32.02 -16.82
CA PRO C 23 34.41 32.60 -18.14
C PRO C 23 34.40 34.12 -18.10
N VAL C 24 35.36 34.68 -17.38
CA VAL C 24 35.44 36.11 -17.14
C VAL C 24 36.82 36.61 -17.53
N LYS C 25 36.87 37.77 -18.17
CA LYS C 25 38.15 38.32 -18.62
C LYS C 25 39.08 38.59 -17.44
N HIS C 26 38.56 39.18 -16.38
CA HIS C 26 39.31 39.36 -15.15
C HIS C 26 38.32 39.44 -14.00
N ASN C 27 38.80 39.11 -12.80
CA ASN C 27 37.91 38.99 -11.65
C ASN C 27 37.30 40.33 -11.27
N ASN C 28 36.44 40.33 -10.25
CA ASN C 28 35.61 41.49 -9.91
C ASN C 28 34.71 41.85 -11.10
N GLU C 29 34.20 40.82 -11.78
CA GLU C 29 33.30 40.98 -12.95
C GLU C 29 32.30 39.83 -12.90
N VAL C 30 31.07 40.02 -13.35
CA VAL C 30 30.03 38.98 -13.16
C VAL C 30 29.74 38.24 -14.45
N VAL C 31 29.50 36.95 -14.36
CA VAL C 31 29.07 36.18 -15.55
C VAL C 31 27.56 36.08 -15.45
N ASN C 32 26.80 36.71 -16.34
CA ASN C 32 25.32 36.71 -16.27
C ASN C 32 24.80 35.45 -16.95
N ILE C 33 24.01 34.66 -16.23
CA ILE C 33 23.45 33.40 -16.78
C ILE C 33 21.96 33.61 -16.97
N ALA C 34 21.46 33.56 -18.20
CA ALA C 34 20.03 33.68 -18.49
C ALA C 34 19.40 32.32 -18.30
N LEU C 35 18.27 32.28 -17.66
CA LEU C 35 17.65 31.01 -17.30
C LEU C 35 16.21 30.99 -17.75
N SER C 36 15.76 29.85 -18.27
CA SER C 36 14.39 29.70 -18.71
C SER C 36 13.96 28.25 -18.49
N LEU C 37 12.64 28.05 -18.38
CA LEU C 37 12.09 26.73 -18.15
C LEU C 37 10.98 26.45 -19.16
N THR C 38 10.92 25.22 -19.65
CA THR C 38 9.88 24.79 -20.57
C THR C 38 9.21 23.55 -20.00
N LEU C 39 7.89 23.60 -19.86
CA LEU C 39 7.15 22.50 -19.24
C LEU C 39 6.70 21.54 -20.35
N SER C 40 7.42 20.42 -20.49
CA SER C 40 7.03 19.44 -21.49
C SER C 40 5.83 18.62 -21.03
N ASN C 41 5.76 18.32 -19.73
CA ASN C 41 4.67 17.54 -19.17
C ASN C 41 4.64 17.65 -17.66
N LEU C 42 3.48 17.97 -17.10
CA LEU C 42 3.28 17.96 -15.65
C LEU C 42 2.88 16.54 -15.27
N ILE C 43 3.87 15.75 -14.83
CA ILE C 43 3.67 14.32 -14.69
C ILE C 43 2.61 14.02 -13.63
N SER C 44 2.77 14.58 -12.43
CA SER C 44 1.83 14.27 -11.37
C SER C 44 1.97 15.27 -10.24
N LEU C 45 0.96 15.29 -9.37
CA LEU C 45 1.01 16.05 -8.13
C LEU C 45 0.41 15.16 -7.04
N LYS C 46 1.27 14.51 -6.26
CA LYS C 46 0.83 13.62 -5.20
C LYS C 46 0.58 14.44 -3.94
N GLU C 47 -0.70 14.55 -3.55
CA GLU C 47 -1.04 15.29 -2.35
C GLU C 47 -0.59 14.57 -1.08
N THR C 48 -0.65 13.23 -1.09
CA THR C 48 -0.24 12.48 0.09
C THR C 48 1.24 12.71 0.40
N ASP C 49 2.08 12.68 -0.63
CA ASP C 49 3.49 13.00 -0.47
C ASP C 49 3.78 14.48 -0.65
N GLU C 50 2.79 15.27 -1.07
CA GLU C 50 2.96 16.70 -1.30
C GLU C 50 4.09 16.99 -2.28
N THR C 51 4.16 16.22 -3.36
CA THR C 51 5.23 16.37 -4.34
C THR C 51 4.64 16.71 -5.70
N LEU C 52 5.37 17.54 -6.45
CA LEU C 52 5.04 17.87 -7.83
C LEU C 52 6.13 17.28 -8.70
N THR C 53 5.78 16.27 -9.50
CA THR C 53 6.70 15.66 -10.44
C THR C 53 6.42 16.22 -11.82
N SER C 54 7.42 16.87 -12.40
CA SER C 54 7.26 17.57 -13.67
C SER C 54 8.42 17.25 -14.60
N ASN C 55 8.13 17.26 -15.90
CA ASN C 55 9.11 17.04 -16.95
C ASN C 55 9.39 18.39 -17.61
N VAL C 56 10.64 18.86 -17.50
CA VAL C 56 10.98 20.21 -17.92
C VAL C 56 12.23 20.17 -18.78
N TRP C 57 12.41 21.23 -19.55
CA TRP C 57 13.64 21.54 -20.26
C TRP C 57 14.19 22.81 -19.64
N MET C 58 15.43 22.77 -19.15
CA MET C 58 15.98 23.89 -18.39
C MET C 58 17.05 24.56 -19.23
N ASP C 59 16.73 25.71 -19.81
CA ASP C 59 17.62 26.41 -20.73
C ASP C 59 18.49 27.41 -20.00
N HIS C 60 19.79 27.34 -20.27
CA HIS C 60 20.78 28.28 -19.75
C HIS C 60 21.46 28.95 -20.92
N ALA C 61 21.81 30.22 -20.75
CA ALA C 61 22.51 30.97 -21.79
C ALA C 61 23.52 31.89 -21.12
N TRP C 62 24.72 31.94 -21.68
CA TRP C 62 25.75 32.81 -21.13
C TRP C 62 26.80 33.09 -22.20
N TYR C 63 27.86 33.77 -21.81
CA TYR C 63 28.97 34.10 -22.71
C TYR C 63 30.26 33.53 -22.16
N ASP C 64 31.07 32.97 -23.05
CA ASP C 64 32.38 32.42 -22.70
C ASP C 64 33.37 32.94 -23.72
N HIS C 65 34.10 34.00 -23.36
CA HIS C 65 35.01 34.64 -24.30
C HIS C 65 36.13 33.69 -24.74
N ARG C 66 36.42 32.65 -23.95
CA ARG C 66 37.43 31.69 -24.35
C ARG C 66 36.96 30.83 -25.51
N LEU C 67 35.65 30.62 -25.64
CA LEU C 67 35.09 29.84 -26.73
C LEU C 67 34.68 30.76 -27.90
N THR C 68 35.66 31.53 -28.35
CA THR C 68 35.46 32.50 -29.44
C THR C 68 36.43 32.18 -30.57
N TRP C 69 35.92 32.18 -31.79
CA TRP C 69 36.76 31.91 -32.95
C TRP C 69 36.27 32.76 -34.12
N ASN C 70 37.15 32.92 -35.11
CA ASN C 70 36.84 33.63 -36.33
C ASN C 70 36.23 32.65 -37.33
N ALA C 71 34.97 32.87 -37.69
CA ALA C 71 34.25 31.90 -38.51
C ALA C 71 34.90 31.72 -39.88
N SER C 72 35.24 32.83 -40.54
CA SER C 72 35.84 32.75 -41.86
C SER C 72 37.21 32.10 -41.84
N GLU C 73 37.88 32.08 -40.69
CA GLU C 73 39.19 31.45 -40.57
C GLU C 73 39.10 29.95 -40.43
N TYR C 74 37.90 29.41 -40.14
CA TYR C 74 37.71 27.97 -39.97
C TYR C 74 36.69 27.42 -40.97
N SER C 75 36.70 27.96 -42.19
CA SER C 75 35.78 27.52 -43.26
C SER C 75 34.32 27.66 -42.83
N ASP C 76 34.01 28.78 -42.17
CA ASP C 76 32.63 29.17 -41.84
C ASP C 76 31.92 28.10 -40.98
N ILE C 77 32.46 27.90 -39.78
CA ILE C 77 31.79 27.11 -38.77
C ILE C 77 30.83 28.01 -38.02
N SER C 78 29.54 27.69 -38.07
CA SER C 78 28.52 28.55 -37.47
C SER C 78 28.19 28.14 -36.04
N ILE C 79 27.97 26.85 -35.80
CA ILE C 79 27.62 26.34 -34.49
C ILE C 79 28.58 25.22 -34.14
N LEU C 80 28.81 25.03 -32.84
CA LEU C 80 29.65 23.95 -32.35
C LEU C 80 28.94 23.25 -31.20
N ARG C 81 29.14 21.95 -31.08
CA ARG C 81 28.53 21.14 -30.03
C ARG C 81 29.63 20.56 -29.17
N LEU C 82 29.61 20.86 -27.87
CA LEU C 82 30.66 20.41 -26.98
C LEU C 82 30.05 19.76 -25.74
N PRO C 83 30.65 18.66 -25.25
CA PRO C 83 30.11 18.01 -24.06
C PRO C 83 30.24 18.92 -22.85
N PRO C 84 29.29 18.85 -21.90
CA PRO C 84 29.39 19.71 -20.71
C PRO C 84 30.62 19.45 -19.87
N GLU C 85 31.19 18.25 -19.92
CA GLU C 85 32.36 17.95 -19.10
C GLU C 85 33.64 18.60 -19.64
N LEU C 86 33.59 19.20 -20.82
CA LEU C 86 34.76 19.87 -21.38
C LEU C 86 34.74 21.38 -21.20
N VAL C 87 33.57 21.98 -20.98
CA VAL C 87 33.45 23.42 -20.88
C VAL C 87 32.86 23.77 -19.51
N TRP C 88 33.05 25.02 -19.12
CA TRP C 88 32.48 25.53 -17.87
C TRP C 88 30.98 25.72 -18.03
N ILE C 89 30.22 25.21 -17.08
CA ILE C 89 28.77 25.41 -17.07
C ILE C 89 28.35 25.93 -15.71
N PRO C 90 27.35 26.80 -15.63
CA PRO C 90 26.86 27.25 -14.33
C PRO C 90 25.97 26.17 -13.69
N ASP C 91 26.26 25.86 -12.44
CA ASP C 91 25.56 24.78 -11.73
C ASP C 91 24.33 25.36 -11.06
N ILE C 92 23.23 25.41 -11.80
CA ILE C 92 21.95 25.87 -11.28
C ILE C 92 21.18 24.66 -10.79
N VAL C 93 20.81 24.66 -9.51
CA VAL C 93 20.20 23.49 -8.90
C VAL C 93 18.84 23.86 -8.32
N LEU C 94 17.94 22.88 -8.33
CA LEU C 94 16.62 23.04 -7.73
C LEU C 94 16.76 22.86 -6.22
N GLN C 95 16.56 23.94 -5.47
CA GLN C 95 16.80 23.90 -4.04
C GLN C 95 15.72 23.14 -3.28
N ASN C 96 14.46 23.23 -3.71
CA ASN C 96 13.35 22.54 -3.04
C ASN C 96 13.03 21.29 -3.83
N ASN C 97 13.51 20.15 -3.35
CA ASN C 97 13.21 18.86 -3.96
C ASN C 97 13.09 17.80 -2.87
N ASN C 98 12.11 16.93 -3.00
CA ASN C 98 11.92 15.88 -2.00
C ASN C 98 13.04 14.85 -2.06
N ASP C 99 13.37 14.37 -3.25
CA ASP C 99 14.46 13.43 -3.42
C ASP C 99 15.79 14.16 -3.59
N GLY C 100 16.87 13.39 -3.57
CA GLY C 100 18.20 13.98 -3.68
C GLY C 100 18.62 14.29 -5.09
N GLN C 101 17.70 14.80 -5.90
CA GLN C 101 17.96 15.13 -7.29
C GLN C 101 17.99 16.65 -7.43
N TYR C 102 19.20 17.20 -7.55
CA TYR C 102 19.39 18.64 -7.72
C TYR C 102 19.67 19.04 -9.16
N HIS C 103 20.43 18.23 -9.88
CA HIS C 103 20.86 18.59 -11.23
C HIS C 103 19.84 18.07 -12.25
N VAL C 104 20.16 18.21 -13.53
CA VAL C 104 19.30 17.72 -14.59
C VAL C 104 19.53 16.23 -14.80
N ALA C 105 18.52 15.56 -15.36
CA ALA C 105 18.60 14.12 -15.56
C ALA C 105 19.63 13.75 -16.60
N TYR C 106 19.68 14.49 -17.71
CA TYR C 106 20.57 14.20 -18.83
C TYR C 106 21.44 15.41 -19.12
N PHE C 107 22.73 15.19 -19.29
CA PHE C 107 23.68 16.26 -19.59
C PHE C 107 23.95 16.28 -21.09
N CYS C 108 23.03 16.92 -21.82
CA CYS C 108 23.16 17.01 -23.26
C CYS C 108 24.28 17.98 -23.63
N ASN C 109 24.72 17.90 -24.88
CA ASN C 109 25.79 18.77 -25.35
C ASN C 109 25.35 20.23 -25.30
N VAL C 110 26.35 21.11 -25.32
CA VAL C 110 26.16 22.54 -25.25
C VAL C 110 26.47 23.13 -26.61
N LEU C 111 25.74 24.19 -26.98
CA LEU C 111 25.89 24.82 -28.28
C LEU C 111 26.65 26.13 -28.12
N VAL C 112 27.73 26.28 -28.89
CA VAL C 112 28.61 27.44 -28.84
C VAL C 112 28.60 28.12 -30.20
N ARG C 113 28.60 29.44 -30.18
CA ARG C 113 28.62 30.26 -31.38
C ARG C 113 29.93 31.05 -31.45
N PRO C 114 30.34 31.49 -32.64
CA PRO C 114 31.67 32.11 -32.77
C PRO C 114 31.86 33.37 -31.94
N ASN C 115 30.78 34.02 -31.50
CA ASN C 115 30.91 35.18 -30.65
C ASN C 115 31.11 34.84 -29.18
N GLY C 116 31.13 33.55 -28.84
CA GLY C 116 31.24 33.13 -27.46
C GLY C 116 29.93 32.86 -26.76
N TYR C 117 28.81 32.98 -27.46
CA TYR C 117 27.51 32.74 -26.87
C TYR C 117 27.28 31.24 -26.73
N VAL C 118 26.93 30.81 -25.52
CA VAL C 118 26.80 29.39 -25.19
C VAL C 118 25.39 29.17 -24.65
N THR C 119 24.72 28.14 -25.15
CA THR C 119 23.38 27.79 -24.72
C THR C 119 23.29 26.29 -24.42
N TRP C 120 22.52 25.95 -23.40
CA TRP C 120 22.44 24.58 -22.89
C TRP C 120 20.99 24.28 -22.56
N LEU C 121 20.43 23.23 -23.17
CA LEU C 121 19.03 22.88 -22.97
C LEU C 121 18.92 21.42 -22.57
N PRO C 122 19.22 21.08 -21.32
CA PRO C 122 19.07 19.70 -20.85
C PRO C 122 17.67 19.45 -20.31
N PRO C 123 17.17 18.23 -20.45
CA PRO C 123 15.90 17.87 -19.84
C PRO C 123 16.07 17.48 -18.38
N ALA C 124 14.95 17.44 -17.67
CA ALA C 124 14.99 17.11 -16.25
C ALA C 124 13.62 16.59 -15.82
N ILE C 125 13.66 15.66 -14.87
CA ILE C 125 12.47 15.20 -14.16
C ILE C 125 12.61 15.68 -12.73
N PHE C 126 11.84 16.71 -12.39
CA PHE C 126 11.98 17.38 -11.11
C PHE C 126 10.82 17.03 -10.19
N ARG C 127 11.14 16.55 -9.00
CA ARG C 127 10.16 16.24 -7.97
C ARG C 127 10.31 17.29 -6.87
N SER C 128 9.61 18.41 -7.03
CA SER C 128 9.69 19.51 -6.09
C SER C 128 8.68 19.32 -4.96
N SER C 129 8.95 19.98 -3.84
CA SER C 129 8.10 19.89 -2.66
C SER C 129 7.31 21.19 -2.52
N CYS C 130 6.01 21.12 -2.73
CA CYS C 130 5.12 22.25 -2.51
C CYS C 130 4.01 21.86 -1.54
N PRO C 131 3.73 22.69 -0.53
CA PRO C 131 2.64 22.37 0.39
C PRO C 131 1.29 22.36 -0.33
N ILE C 132 0.40 21.48 0.14
CA ILE C 132 -0.90 21.30 -0.48
C ILE C 132 -1.95 21.96 0.42
N ASN C 133 -2.75 22.85 -0.17
CA ASN C 133 -3.85 23.51 0.54
C ASN C 133 -5.12 22.74 0.21
N VAL C 134 -5.64 22.02 1.19
CA VAL C 134 -6.80 21.16 0.99
C VAL C 134 -8.08 21.80 1.56
N LEU C 135 -8.09 23.12 1.69
CA LEU C 135 -9.24 23.79 2.30
C LEU C 135 -10.51 23.57 1.48
N TYR C 136 -10.41 23.63 0.16
CA TYR C 136 -11.55 23.51 -0.72
C TYR C 136 -11.50 22.25 -1.58
N PHE C 137 -10.86 21.20 -1.09
CA PHE C 137 -10.82 19.95 -1.83
C PHE C 137 -12.23 19.39 -2.00
N PRO C 138 -12.58 18.86 -3.19
CA PRO C 138 -11.73 18.75 -4.39
C PRO C 138 -11.80 19.94 -5.34
N PHE C 139 -12.53 20.98 -4.98
CA PHE C 139 -12.61 22.18 -5.81
C PHE C 139 -11.51 23.17 -5.46
N ASP C 140 -10.27 22.70 -5.46
CA ASP C 140 -9.15 23.46 -4.94
C ASP C 140 -8.13 23.72 -6.05
N TRP C 141 -7.40 24.81 -5.90
CA TRP C 141 -6.28 25.15 -6.77
C TRP C 141 -5.00 25.20 -5.94
N GLN C 142 -3.96 24.55 -6.44
CA GLN C 142 -2.68 24.50 -5.75
C GLN C 142 -1.71 25.50 -6.37
N ASN C 143 -0.73 25.92 -5.57
CA ASN C 143 0.24 26.94 -5.94
C ASN C 143 1.63 26.38 -5.66
N CYS C 144 2.16 25.62 -6.62
CA CYS C 144 3.44 24.96 -6.46
C CYS C 144 4.56 25.81 -7.03
N SER C 145 5.78 25.55 -6.57
CA SER C 145 6.92 26.39 -6.90
C SER C 145 8.12 25.53 -7.24
N LEU C 146 9.00 26.08 -8.08
CA LEU C 146 10.30 25.49 -8.38
C LEU C 146 11.33 26.59 -8.24
N LYS C 147 12.18 26.50 -7.22
CA LYS C 147 13.17 27.52 -6.92
C LYS C 147 14.54 27.02 -7.34
N PHE C 148 15.19 27.74 -8.26
CA PHE C 148 16.50 27.41 -8.76
C PHE C 148 17.51 28.41 -8.24
N THR C 149 18.63 27.91 -7.75
CA THR C 149 19.66 28.76 -7.16
C THR C 149 21.02 28.30 -7.63
N ALA C 150 21.98 29.21 -7.58
CA ALA C 150 23.37 28.96 -7.95
C ALA C 150 24.18 28.87 -6.67
N LEU C 151 24.59 27.65 -6.31
CA LEU C 151 25.30 27.42 -5.06
C LEU C 151 26.80 27.28 -5.23
N ASN C 152 27.30 27.22 -6.46
CA ASN C 152 28.73 27.19 -6.70
C ASN C 152 29.36 28.58 -6.76
N TYR C 153 28.55 29.63 -6.87
CA TYR C 153 29.07 30.99 -6.95
C TYR C 153 28.06 31.93 -6.28
N ASP C 154 28.57 33.07 -5.82
CA ASP C 154 27.76 34.08 -5.19
C ASP C 154 27.36 35.16 -6.19
N ALA C 155 26.50 36.07 -5.74
CA ALA C 155 25.96 37.09 -6.63
C ALA C 155 27.01 38.06 -7.13
N ASN C 156 28.18 38.11 -6.50
CA ASN C 156 29.27 38.95 -6.98
C ASN C 156 30.07 38.28 -8.10
N GLU C 157 29.82 37.01 -8.38
CA GLU C 157 30.55 36.28 -9.41
C GLU C 157 29.67 35.89 -10.59
N ILE C 158 28.48 35.37 -10.34
CA ILE C 158 27.51 35.12 -11.41
C ILE C 158 26.17 35.69 -10.97
N THR C 159 25.37 36.11 -11.95
CA THR C 159 24.10 36.78 -11.70
C THR C 159 23.00 36.09 -12.50
N MET C 160 22.20 35.28 -11.83
CA MET C 160 21.06 34.64 -12.48
C MET C 160 20.04 35.70 -12.88
N ASP C 161 19.42 35.51 -14.04
CA ASP C 161 18.34 36.40 -14.47
C ASP C 161 17.52 35.69 -15.53
N LEU C 162 16.30 36.17 -15.73
CA LEU C 162 15.39 35.56 -16.68
C LEU C 162 15.87 35.77 -18.10
N MET C 163 15.71 34.75 -18.93
CA MET C 163 16.10 34.85 -20.33
C MET C 163 15.21 35.84 -21.06
N THR C 164 15.80 36.56 -22.01
CA THR C 164 15.12 37.61 -22.74
C THR C 164 14.90 37.20 -24.20
N ASP C 165 13.74 37.53 -24.73
CA ASP C 165 13.40 37.32 -26.13
C ASP C 165 13.26 38.67 -26.81
N THR C 166 13.24 38.65 -28.14
CA THR C 166 13.18 39.87 -28.95
C THR C 166 11.96 39.85 -29.85
N ILE C 167 11.13 40.88 -29.75
CA ILE C 167 9.99 41.06 -30.63
C ILE C 167 10.09 42.45 -31.25
N ASP C 168 10.00 42.51 -32.59
CA ASP C 168 10.12 43.71 -33.41
C ASP C 168 11.17 44.70 -32.89
N GLY C 169 12.36 44.22 -32.54
CA GLY C 169 13.46 45.09 -32.17
C GLY C 169 13.55 45.43 -30.70
N LYS C 170 12.58 45.03 -29.88
CA LYS C 170 12.59 45.29 -28.45
C LYS C 170 12.74 43.99 -27.69
N ASP C 171 13.58 44.01 -26.66
CA ASP C 171 13.86 42.84 -25.85
C ASP C 171 13.03 42.86 -24.58
N TYR C 172 12.38 41.74 -24.28
CA TYR C 172 11.56 41.58 -23.09
C TYR C 172 11.99 40.34 -22.33
N PRO C 173 11.99 40.37 -21.00
CA PRO C 173 12.28 39.16 -20.24
C PRO C 173 11.16 38.14 -20.37
N ILE C 174 11.53 36.87 -20.44
CA ILE C 174 10.55 35.78 -20.51
C ILE C 174 10.23 35.41 -19.06
N GLU C 175 9.30 36.17 -18.48
CA GLU C 175 8.92 35.97 -17.08
C GLU C 175 7.67 35.08 -16.99
N TRP C 176 7.81 33.87 -17.52
CA TRP C 176 6.77 32.86 -17.46
C TRP C 176 7.38 31.53 -17.87
N ILE C 177 6.65 30.45 -17.58
CA ILE C 177 7.06 29.12 -17.99
C ILE C 177 6.65 28.91 -19.43
N ILE C 178 7.62 28.58 -20.29
CA ILE C 178 7.34 28.39 -21.70
C ILE C 178 6.60 27.07 -21.90
N ILE C 179 5.51 27.11 -22.66
CA ILE C 179 4.75 25.92 -23.01
C ILE C 179 4.80 25.77 -24.52
N ASP C 180 5.55 24.80 -24.99
CA ASP C 180 5.71 24.58 -26.42
C ASP C 180 4.50 23.82 -26.95
N PRO C 181 3.75 24.38 -27.91
CA PRO C 181 2.59 23.64 -28.43
C PRO C 181 2.95 22.32 -29.08
N GLU C 182 4.12 22.22 -29.71
CA GLU C 182 4.51 20.97 -30.35
C GLU C 182 4.97 19.91 -29.36
N ALA C 183 5.32 20.28 -28.14
CA ALA C 183 5.70 19.31 -27.11
C ALA C 183 5.08 19.76 -25.79
N PHE C 184 3.84 19.33 -25.56
CA PHE C 184 3.15 19.54 -24.28
C PHE C 184 1.90 18.68 -24.22
N THR C 185 1.75 17.93 -23.14
CA THR C 185 0.59 17.06 -22.94
C THR C 185 -0.16 17.54 -21.71
N GLU C 186 -1.44 17.86 -21.89
CA GLU C 186 -2.25 18.29 -20.77
C GLU C 186 -2.42 17.15 -19.77
N ASN C 187 -2.37 17.49 -18.48
CA ASN C 187 -2.39 16.47 -17.44
C ASN C 187 -3.71 15.71 -17.42
N GLY C 188 -4.82 16.40 -17.65
CA GLY C 188 -6.12 15.81 -17.57
C GLY C 188 -6.77 15.89 -16.21
N GLU C 189 -5.98 16.16 -15.17
CA GLU C 189 -6.48 16.40 -13.83
C GLU C 189 -6.21 17.81 -13.34
N TRP C 190 -5.15 18.46 -13.83
CA TRP C 190 -4.77 19.80 -13.43
C TRP C 190 -4.70 20.70 -14.66
N GLU C 191 -5.24 21.91 -14.51
CA GLU C 191 -5.18 22.92 -15.56
C GLU C 191 -4.33 24.09 -15.08
N ILE C 192 -3.34 24.47 -15.88
CA ILE C 192 -2.42 25.54 -15.50
C ILE C 192 -3.14 26.87 -15.72
N ILE C 193 -3.48 27.56 -14.63
CA ILE C 193 -4.12 28.86 -14.73
C ILE C 193 -3.07 29.96 -14.91
N HIS C 194 -2.06 29.96 -14.06
CA HIS C 194 -0.99 30.95 -14.12
C HIS C 194 0.36 30.25 -14.02
N LYS C 195 1.33 30.72 -14.80
CA LYS C 195 2.68 30.18 -14.80
C LYS C 195 3.69 31.32 -14.79
N PRO C 196 3.82 32.02 -13.67
CA PRO C 196 4.76 33.15 -13.61
C PRO C 196 6.20 32.69 -13.38
N ALA C 197 7.11 33.63 -13.58
CA ALA C 197 8.52 33.41 -13.30
C ALA C 197 9.12 34.71 -12.80
N LYS C 198 9.86 34.62 -11.69
CA LYS C 198 10.44 35.79 -11.05
C LYS C 198 11.90 35.55 -10.74
N LYS C 199 12.64 36.65 -10.65
CA LYS C 199 14.02 36.65 -10.17
C LYS C 199 14.02 37.35 -8.82
N ASN C 200 14.16 36.56 -7.75
CA ASN C 200 14.02 37.05 -6.39
C ASN C 200 15.38 37.46 -5.83
N ILE C 201 15.44 38.67 -5.28
CA ILE C 201 16.62 39.18 -4.59
C ILE C 201 16.23 39.42 -3.13
N TYR C 202 17.05 38.91 -2.22
CA TYR C 202 16.76 39.05 -0.79
C TYR C 202 17.70 40.09 -0.18
N PRO C 203 17.23 41.30 0.10
CA PRO C 203 18.13 42.34 0.63
C PRO C 203 18.69 42.04 2.00
N ASP C 204 18.02 41.21 2.80
CA ASP C 204 18.52 40.90 4.14
C ASP C 204 19.79 40.07 4.10
N LYS C 205 20.08 39.43 2.98
CA LYS C 205 21.31 38.66 2.81
C LYS C 205 22.35 39.52 2.12
N PHE C 206 23.55 38.97 1.97
CA PHE C 206 24.66 39.66 1.36
C PHE C 206 24.92 39.11 -0.04
N PRO C 207 25.44 39.93 -0.95
CA PRO C 207 25.69 39.43 -2.32
C PRO C 207 26.74 38.33 -2.39
N ASN C 208 27.56 38.17 -1.36
CA ASN C 208 28.65 37.21 -1.37
C ASN C 208 28.34 35.95 -0.57
N GLY C 209 27.08 35.50 -0.57
CA GLY C 209 26.71 34.39 0.29
C GLY C 209 25.92 33.27 -0.36
N THR C 210 25.60 33.40 -1.66
CA THR C 210 24.85 32.44 -2.45
C THR C 210 23.40 32.30 -2.01
N ASN C 211 22.97 33.02 -0.97
CA ASN C 211 21.57 33.07 -0.57
C ASN C 211 20.88 34.32 -1.10
N TYR C 212 21.57 35.09 -1.93
CA TYR C 212 21.11 36.42 -2.32
C TYR C 212 20.12 36.41 -3.49
N GLN C 213 20.26 35.47 -4.42
CA GLN C 213 19.45 35.46 -5.62
C GLN C 213 18.83 34.09 -5.85
N ASP C 214 17.60 34.09 -6.36
CA ASP C 214 16.91 32.89 -6.79
C ASP C 214 16.16 33.18 -8.07
N VAL C 215 15.82 32.13 -8.80
CA VAL C 215 14.88 32.21 -9.92
C VAL C 215 13.76 31.23 -9.65
N THR C 216 12.54 31.72 -9.53
CA THR C 216 11.42 30.91 -9.11
C THR C 216 10.38 30.83 -10.22
N PHE C 217 9.95 29.61 -10.53
CA PHE C 217 8.88 29.36 -11.48
C PHE C 217 7.67 28.83 -10.72
N TYR C 218 6.54 29.51 -10.86
CA TYR C 218 5.34 29.16 -10.13
C TYR C 218 4.33 28.50 -11.06
N LEU C 219 3.68 27.45 -10.57
CA LEU C 219 2.58 26.79 -11.26
C LEU C 219 1.36 26.87 -10.37
N ILE C 220 0.40 27.71 -10.76
CA ILE C 220 -0.93 27.73 -10.15
C ILE C 220 -1.80 26.82 -10.99
N ILE C 221 -2.25 25.72 -10.42
CA ILE C 221 -2.97 24.70 -11.16
C ILE C 221 -4.28 24.40 -10.47
N ARG C 222 -5.37 24.45 -11.22
CA ARG C 222 -6.70 24.16 -10.69
C ARG C 222 -7.04 22.71 -11.02
N ARG C 223 -7.52 21.98 -10.01
CA ARG C 223 -7.93 20.60 -10.19
C ARG C 223 -9.27 20.56 -10.92
N LYS C 224 -9.35 19.71 -11.94
CA LYS C 224 -10.64 19.50 -12.58
C LYS C 224 -11.41 18.47 -11.76
N PRO C 225 -12.53 18.85 -11.14
CA PRO C 225 -13.15 18.02 -10.12
C PRO C 225 -14.21 17.04 -10.61
N LEU C 226 -14.38 16.89 -11.92
CA LEU C 226 -15.45 16.02 -12.42
C LEU C 226 -15.27 14.59 -11.94
N PHE C 227 -14.04 14.08 -11.98
CA PHE C 227 -13.77 12.73 -11.49
C PHE C 227 -14.16 12.60 -10.02
N TYR C 228 -13.65 13.50 -9.18
CA TYR C 228 -13.93 13.42 -7.75
C TYR C 228 -15.40 13.65 -7.46
N VAL C 229 -16.03 14.61 -8.15
CA VAL C 229 -17.46 14.83 -7.98
C VAL C 229 -18.21 13.53 -8.25
N ILE C 230 -18.09 13.01 -9.48
CA ILE C 230 -18.89 11.86 -9.89
C ILE C 230 -18.63 10.66 -8.97
N ASN C 231 -17.38 10.45 -8.58
CA ASN C 231 -17.04 9.22 -7.88
C ASN C 231 -17.07 9.31 -6.35
N PHE C 232 -17.23 10.51 -5.79
CA PHE C 232 -17.33 10.57 -4.33
C PHE C 232 -18.52 11.38 -3.83
N ILE C 233 -18.83 12.50 -4.49
CA ILE C 233 -19.83 13.42 -3.95
C ILE C 233 -21.23 12.86 -4.14
N THR C 234 -21.54 12.42 -5.36
CA THR C 234 -22.88 11.91 -5.65
C THR C 234 -23.25 10.71 -4.78
N PRO C 235 -22.44 9.65 -4.66
CA PRO C 235 -22.85 8.54 -3.78
C PRO C 235 -23.05 8.97 -2.34
N CYS C 236 -22.22 9.88 -1.82
CA CYS C 236 -22.34 10.29 -0.43
C CYS C 236 -23.65 11.02 -0.18
N VAL C 237 -24.00 11.97 -1.06
CA VAL C 237 -25.26 12.69 -0.92
C VAL C 237 -26.44 11.74 -1.07
N LEU C 238 -26.36 10.83 -2.03
CA LEU C 238 -27.45 9.87 -2.25
C LEU C 238 -27.65 8.99 -1.02
N ILE C 239 -26.57 8.54 -0.39
CA ILE C 239 -26.68 7.75 0.82
C ILE C 239 -27.23 8.58 1.97
N SER C 240 -26.79 9.83 2.08
CA SER C 240 -27.27 10.69 3.16
C SER C 240 -28.77 10.94 3.05
N PHE C 241 -29.30 11.00 1.83
CA PHE C 241 -30.75 11.18 1.67
C PHE C 241 -31.52 10.03 2.31
N LEU C 242 -30.94 8.83 2.34
CA LEU C 242 -31.61 7.69 2.97
C LEU C 242 -31.81 7.93 4.46
N ALA C 243 -30.77 8.41 5.15
CA ALA C 243 -30.94 8.78 6.54
C ALA C 243 -31.88 9.96 6.68
N SER C 244 -31.91 10.84 5.69
CA SER C 244 -32.83 11.98 5.73
C SER C 244 -34.28 11.50 5.77
N LEU C 245 -34.62 10.51 4.95
CA LEU C 245 -36.00 10.06 4.86
C LEU C 245 -36.25 8.74 5.61
N ALA C 246 -35.31 8.31 6.44
CA ALA C 246 -35.58 7.15 7.30
C ALA C 246 -36.73 7.37 8.26
N PHE C 247 -37.11 8.63 8.52
CA PHE C 247 -38.25 8.90 9.40
C PHE C 247 -39.55 8.37 8.80
N TYR C 248 -39.63 8.30 7.48
CA TYR C 248 -40.84 7.82 6.80
C TYR C 248 -41.10 6.35 7.06
N LEU C 249 -40.14 5.62 7.59
CA LEU C 249 -40.33 4.19 7.88
C LEU C 249 -41.15 4.05 9.17
N PRO C 250 -42.19 3.23 9.17
CA PRO C 250 -43.03 3.11 10.37
C PRO C 250 -42.31 2.36 11.47
N ALA C 251 -42.71 2.65 12.71
CA ALA C 251 -42.06 2.07 13.88
C ALA C 251 -42.44 0.61 14.10
N GLU C 252 -43.55 0.15 13.53
CA GLU C 252 -43.96 -1.24 13.69
C GLU C 252 -42.95 -2.19 13.05
N SER C 253 -42.43 -1.83 11.88
CA SER C 253 -41.43 -2.65 11.23
C SER C 253 -40.09 -2.49 11.94
N GLY C 254 -39.49 -3.61 12.31
CA GLY C 254 -38.25 -3.58 13.08
C GLY C 254 -37.01 -3.30 12.25
N GLU C 255 -37.06 -2.27 11.40
CA GLU C 255 -35.91 -1.91 10.60
C GLU C 255 -35.72 -0.40 10.51
N LYS C 256 -36.29 0.36 11.45
CA LYS C 256 -36.15 1.80 11.43
C LYS C 256 -34.73 2.23 11.77
N MET C 257 -34.17 1.69 12.85
CA MET C 257 -32.81 2.05 13.26
C MET C 257 -31.79 1.58 12.22
N SER C 258 -31.98 0.38 11.69
CA SER C 258 -30.96 -0.26 10.86
C SER C 258 -30.58 0.62 9.67
N THR C 259 -31.57 1.25 9.03
CA THR C 259 -31.29 2.07 7.86
C THR C 259 -30.38 3.25 8.22
N ALA C 260 -30.70 3.95 9.31
CA ALA C 260 -29.90 5.09 9.72
C ALA C 260 -28.51 4.66 10.14
N ILE C 261 -28.41 3.54 10.88
CA ILE C 261 -27.11 3.06 11.31
C ILE C 261 -26.25 2.69 10.11
N SER C 262 -26.84 2.03 9.11
CA SER C 262 -26.09 1.65 7.92
C SER C 262 -25.66 2.87 7.11
N VAL C 263 -26.52 3.89 7.04
CA VAL C 263 -26.14 5.12 6.34
C VAL C 263 -24.97 5.79 7.07
N LEU C 264 -25.00 5.78 8.40
CA LEU C 264 -23.89 6.34 9.16
C LEU C 264 -22.60 5.55 8.91
N LEU C 265 -22.70 4.23 8.82
CA LEU C 265 -21.54 3.41 8.52
C LEU C 265 -21.00 3.72 7.12
N ALA C 266 -21.89 3.92 6.16
CA ALA C 266 -21.45 4.30 4.81
C ALA C 266 -20.75 5.66 4.83
N GLN C 267 -21.29 6.61 5.59
CA GLN C 267 -20.65 7.92 5.70
C GLN C 267 -19.26 7.81 6.32
N ALA C 268 -19.13 6.97 7.35
CA ALA C 268 -17.81 6.76 7.95
C ALA C 268 -16.85 6.12 6.96
N VAL C 269 -17.35 5.17 6.15
CA VAL C 269 -16.51 4.54 5.14
C VAL C 269 -16.02 5.57 4.13
N PHE C 270 -16.92 6.43 3.67
CA PHE C 270 -16.51 7.48 2.73
C PHE C 270 -15.52 8.44 3.37
N LEU C 271 -15.72 8.77 4.65
CA LEU C 271 -14.81 9.66 5.34
C LEU C 271 -13.41 9.05 5.43
N LEU C 272 -13.32 7.78 5.78
CA LEU C 272 -12.03 7.13 5.93
C LEU C 272 -11.36 6.83 4.60
N LEU C 273 -12.14 6.72 3.52
CA LEU C 273 -11.54 6.62 2.19
C LEU C 273 -11.06 7.98 1.70
N THR C 274 -11.76 9.06 2.07
CA THR C 274 -11.32 10.39 1.69
C THR C 274 -10.05 10.78 2.45
N SER C 275 -9.96 10.37 3.71
CA SER C 275 -8.80 10.74 4.53
C SER C 275 -7.49 10.28 3.91
N GLN C 276 -7.52 9.16 3.19
CA GLN C 276 -6.30 8.63 2.59
C GLN C 276 -5.89 9.38 1.33
N ARG C 277 -6.85 10.02 0.65
CA ARG C 277 -6.54 10.75 -0.58
C ARG C 277 -6.29 12.23 -0.31
N LEU C 278 -5.42 12.53 0.67
CA LEU C 278 -5.06 13.90 1.01
C LEU C 278 -3.93 13.92 2.02
N PRO C 279 -3.14 14.98 2.08
CA PRO C 279 -1.99 15.01 2.99
C PRO C 279 -2.42 15.01 4.46
N GLU C 280 -1.51 14.49 5.29
CA GLU C 280 -1.73 14.43 6.72
C GLU C 280 -1.35 15.74 7.38
N THR C 281 -1.96 16.84 6.91
CA THR C 281 -1.63 18.18 7.39
C THR C 281 -2.78 18.74 8.22
N ALA C 282 -2.43 19.61 9.16
CA ALA C 282 -3.40 20.20 10.08
C ALA C 282 -3.65 21.68 9.78
N LEU C 283 -3.27 22.16 8.61
CA LEU C 283 -3.51 23.56 8.27
C LEU C 283 -5.00 23.86 8.19
N ALA C 284 -5.78 22.96 7.59
CA ALA C 284 -7.21 23.17 7.46
C ALA C 284 -7.90 21.83 7.28
N VAL C 285 -9.19 21.80 7.57
CA VAL C 285 -10.04 20.62 7.36
C VAL C 285 -10.55 20.67 5.93
N PRO C 286 -10.50 19.57 5.18
CA PRO C 286 -10.97 19.59 3.80
C PRO C 286 -12.46 19.93 3.72
N LEU C 287 -12.83 20.57 2.61
CA LEU C 287 -14.23 20.91 2.39
C LEU C 287 -15.11 19.66 2.37
N ILE C 288 -14.69 18.64 1.61
CA ILE C 288 -15.44 17.39 1.58
C ILE C 288 -15.41 16.72 2.95
N GLY C 289 -14.27 16.76 3.62
CA GLY C 289 -14.19 16.20 4.97
C GLY C 289 -15.09 16.92 5.95
N LYS C 290 -15.13 18.26 5.88
CA LYS C 290 -16.01 19.02 6.75
C LYS C 290 -17.47 18.72 6.47
N TYR C 291 -17.83 18.61 5.19
CA TYR C 291 -19.20 18.26 4.82
C TYR C 291 -19.56 16.88 5.36
N LEU C 292 -18.65 15.92 5.24
CA LEU C 292 -18.93 14.58 5.74
C LEU C 292 -19.01 14.54 7.26
N MET C 293 -18.20 15.34 7.95
CA MET C 293 -18.33 15.42 9.41
C MET C 293 -19.69 15.97 9.80
N PHE C 294 -20.14 17.03 9.12
CA PHE C 294 -21.46 17.58 9.38
C PHE C 294 -22.55 16.56 9.10
N ILE C 295 -22.44 15.83 8.00
CA ILE C 295 -23.44 14.84 7.64
C ILE C 295 -23.47 13.70 8.66
N MET C 296 -22.29 13.24 9.09
CA MET C 296 -22.25 12.16 10.08
C MET C 296 -22.86 12.61 11.41
N SER C 297 -22.58 13.85 11.83
CA SER C 297 -23.20 14.35 13.05
C SER C 297 -24.72 14.42 12.90
N LEU C 298 -25.20 14.89 11.75
CA LEU C 298 -26.63 14.96 11.53
C LEU C 298 -27.27 13.57 11.52
N VAL C 299 -26.60 12.59 10.91
CA VAL C 299 -27.14 11.23 10.88
C VAL C 299 -27.14 10.62 12.28
N THR C 300 -26.13 10.93 13.08
CA THR C 300 -26.14 10.47 14.47
C THR C 300 -27.30 11.09 15.24
N GLY C 301 -27.57 12.38 15.00
CA GLY C 301 -28.77 12.97 15.58
C GLY C 301 -30.04 12.30 15.11
N VAL C 302 -30.08 11.90 13.84
CA VAL C 302 -31.23 11.18 13.31
C VAL C 302 -31.40 9.84 14.02
N ILE C 303 -30.30 9.14 14.25
CA ILE C 303 -30.35 7.86 14.96
C ILE C 303 -30.87 8.04 16.37
N VAL C 304 -30.38 9.08 17.06
CA VAL C 304 -30.86 9.36 18.41
C VAL C 304 -32.36 9.66 18.39
N ASN C 305 -32.80 10.46 17.42
CA ASN C 305 -34.21 10.79 17.32
C ASN C 305 -35.05 9.55 17.04
N CYS C 306 -34.58 8.66 16.18
CA CYS C 306 -35.30 7.43 15.91
C CYS C 306 -35.40 6.57 17.16
N GLY C 307 -34.33 6.52 17.95
CA GLY C 307 -34.40 5.82 19.22
C GLY C 307 -35.43 6.42 20.16
N ILE C 308 -35.48 7.75 20.21
CA ILE C 308 -36.48 8.43 21.03
C ILE C 308 -37.89 8.07 20.57
N VAL C 309 -38.09 8.07 19.25
CA VAL C 309 -39.41 7.74 18.70
C VAL C 309 -39.80 6.31 19.04
N LEU C 310 -38.87 5.37 18.89
CA LEU C 310 -39.16 3.98 19.22
C LEU C 310 -39.48 3.83 20.71
N ASN C 311 -38.74 4.54 21.57
CA ASN C 311 -39.03 4.47 23.00
C ASN C 311 -40.42 5.03 23.31
N PHE C 312 -40.80 6.13 22.64
CA PHE C 312 -42.12 6.68 22.86
C PHE C 312 -43.23 5.82 22.26
N HIS C 313 -42.89 4.96 21.29
CA HIS C 313 -43.91 4.14 20.64
C HIS C 313 -44.25 2.88 21.41
N PHE C 314 -43.29 2.23 22.04
CA PHE C 314 -43.50 0.94 22.68
C PHE C 314 -43.78 1.05 24.17
N ARG C 315 -43.82 2.25 24.73
CA ARG C 315 -44.18 2.39 26.14
C ARG C 315 -45.64 2.06 26.35
N THR C 316 -45.94 1.48 27.50
CA THR C 316 -47.23 0.90 27.81
C THR C 316 -47.79 1.53 29.09
N PRO C 317 -49.12 1.57 29.23
CA PRO C 317 -49.69 2.09 30.47
C PRO C 317 -49.29 1.30 31.71
N SER C 318 -48.87 0.04 31.54
CA SER C 318 -48.39 -0.73 32.68
C SER C 318 -47.11 -0.17 33.28
N THR C 319 -46.32 0.57 32.50
CA THR C 319 -45.06 1.12 32.96
C THR C 319 -44.95 2.64 32.82
N HIS C 320 -45.55 3.22 31.78
CA HIS C 320 -45.44 4.65 31.52
C HIS C 320 -46.83 5.26 31.41
N VAL C 321 -47.05 6.37 32.11
CA VAL C 321 -48.30 7.10 32.02
C VAL C 321 -48.23 8.09 30.87
N LEU C 322 -49.40 8.59 30.46
CA LEU C 322 -49.51 9.57 29.38
C LEU C 322 -49.89 10.91 29.99
N SER C 323 -48.91 11.81 30.09
CA SER C 323 -49.13 13.07 30.77
C SER C 323 -50.03 13.97 29.94
N THR C 324 -50.69 14.91 30.62
CA THR C 324 -51.61 15.82 29.96
C THR C 324 -50.90 16.70 28.95
N ARG C 325 -49.72 17.22 29.31
CA ARG C 325 -48.98 18.08 28.41
C ARG C 325 -48.52 17.35 27.16
N VAL C 326 -48.08 16.10 27.30
CA VAL C 326 -47.65 15.33 26.13
C VAL C 326 -48.80 15.18 25.14
N LYS C 327 -49.99 14.83 25.64
CA LYS C 327 -51.15 14.76 24.76
C LYS C 327 -51.43 16.10 24.11
N GLN C 328 -51.59 17.15 24.94
CA GLN C 328 -52.01 18.46 24.41
C GLN C 328 -51.01 19.01 23.42
N ILE C 329 -49.76 18.57 23.47
CA ILE C 329 -48.82 18.98 22.43
C ILE C 329 -48.90 18.05 21.23
N PHE C 330 -48.55 16.78 21.41
CA PHE C 330 -48.28 15.92 20.27
C PHE C 330 -49.53 15.34 19.61
N LEU C 331 -50.63 15.17 20.34
CA LEU C 331 -51.82 14.61 19.72
C LEU C 331 -52.62 15.64 18.95
N GLU C 332 -52.52 16.92 19.32
CA GLU C 332 -53.37 17.94 18.71
C GLU C 332 -52.58 19.02 17.98
N LYS C 333 -51.59 19.65 18.61
CA LYS C 333 -51.04 20.88 18.04
C LYS C 333 -50.15 20.59 16.84
N LEU C 334 -49.09 19.82 17.04
CA LEU C 334 -48.14 19.56 15.96
C LEU C 334 -48.78 18.92 14.72
N PRO C 335 -49.64 17.90 14.83
CA PRO C 335 -50.26 17.35 13.61
C PRO C 335 -51.10 18.34 12.85
N ARG C 336 -51.70 19.33 13.53
CA ARG C 336 -52.42 20.38 12.83
C ARG C 336 -51.47 21.29 12.06
N ILE C 337 -50.33 21.64 12.67
CA ILE C 337 -49.36 22.51 12.03
C ILE C 337 -48.74 21.82 10.82
N LEU C 338 -48.41 20.54 10.95
CA LEU C 338 -47.70 19.81 9.91
C LEU C 338 -48.62 19.20 8.86
N HIS C 339 -49.93 19.40 8.98
CA HIS C 339 -50.90 18.92 7.99
C HIS C 339 -50.79 17.40 7.78
N MET C 340 -50.62 16.66 8.86
CA MET C 340 -50.57 15.21 8.76
C MET C 340 -51.94 14.66 8.37
N SER C 341 -51.93 13.65 7.50
CA SER C 341 -53.17 13.06 7.03
C SER C 341 -53.84 12.24 8.13
N LEU C 415 -78.65 -22.81 35.09
CA LEU C 415 -79.88 -22.57 35.83
C LEU C 415 -79.60 -22.33 37.31
N HIS C 416 -80.45 -21.54 37.95
CA HIS C 416 -80.35 -21.20 39.38
C HIS C 416 -78.97 -20.57 39.61
N ASP C 417 -78.15 -21.08 40.52
CA ASP C 417 -76.84 -20.50 40.74
C ASP C 417 -75.91 -20.69 39.54
N GLU C 418 -76.09 -21.79 38.80
CA GLU C 418 -75.21 -22.07 37.67
C GLU C 418 -75.31 -20.99 36.60
N ILE C 419 -76.53 -20.57 36.26
CA ILE C 419 -76.69 -19.51 35.28
C ILE C 419 -76.18 -18.18 35.84
N LYS C 420 -76.32 -17.96 37.15
CA LYS C 420 -75.79 -16.75 37.77
C LYS C 420 -74.28 -16.66 37.62
N SER C 421 -73.59 -17.79 37.79
CA SER C 421 -72.15 -17.83 37.55
C SER C 421 -71.83 -17.53 36.08
N GLY C 422 -72.64 -18.05 35.17
CA GLY C 422 -72.43 -17.77 33.75
C GLY C 422 -72.60 -16.29 33.43
N ILE C 423 -73.61 -15.66 34.03
CA ILE C 423 -73.77 -14.21 33.86
C ILE C 423 -72.59 -13.45 34.42
N ASP C 424 -72.11 -13.86 35.61
CA ASP C 424 -70.91 -13.26 36.17
C ASP C 424 -69.70 -13.55 35.29
N SER C 425 -69.63 -14.74 34.72
CA SER C 425 -68.56 -15.06 33.77
C SER C 425 -68.64 -14.14 32.54
N THR C 426 -69.85 -13.92 32.03
CA THR C 426 -70.01 -12.99 30.91
C THR C 426 -69.61 -11.58 31.32
N ASN C 427 -69.95 -11.18 32.54
CA ASN C 427 -69.53 -9.87 33.04
C ASN C 427 -68.02 -9.74 33.07
N TYR C 428 -67.32 -10.77 33.55
CA TYR C 428 -65.87 -10.74 33.56
C TYR C 428 -65.29 -10.70 32.15
N ILE C 429 -65.89 -11.44 31.22
CA ILE C 429 -65.44 -11.40 29.83
C ILE C 429 -65.56 -9.99 29.28
N VAL C 430 -66.71 -9.35 29.51
CA VAL C 430 -66.94 -7.99 29.01
C VAL C 430 -65.97 -7.01 29.66
N LYS C 431 -65.71 -7.17 30.96
CA LYS C 431 -64.76 -6.28 31.63
C LYS C 431 -63.35 -6.43 31.07
N GLN C 432 -62.93 -7.67 30.80
CA GLN C 432 -61.62 -7.88 30.19
C GLN C 432 -61.56 -7.28 28.79
N ILE C 433 -62.65 -7.38 28.02
CA ILE C 433 -62.68 -6.76 26.71
C ILE C 433 -62.56 -5.24 26.83
N LYS C 434 -63.24 -4.65 27.81
CA LYS C 434 -63.14 -3.21 28.03
C LYS C 434 -61.72 -2.80 28.39
N GLU C 435 -61.07 -3.58 29.26
CA GLU C 435 -59.69 -3.27 29.64
C GLU C 435 -58.76 -3.37 28.43
N LYS C 436 -58.95 -4.40 27.60
CA LYS C 436 -58.13 -4.53 26.40
C LYS C 436 -58.37 -3.39 25.43
N ASN C 437 -59.62 -2.92 25.31
CA ASN C 437 -59.91 -1.79 24.44
C ASN C 437 -59.24 -0.52 24.95
N ALA C 438 -59.28 -0.28 26.26
CA ALA C 438 -58.61 0.89 26.83
C ALA C 438 -57.10 0.81 26.63
N TYR C 439 -56.53 -0.38 26.84
CA TYR C 439 -55.11 -0.59 26.58
C TYR C 439 -54.76 -0.31 25.12
N ASP C 440 -55.61 -0.79 24.20
CA ASP C 440 -55.39 -0.55 22.78
C ASP C 440 -55.43 0.94 22.45
N GLU C 441 -56.38 1.68 23.03
CA GLU C 441 -56.45 3.11 22.77
C GLU C 441 -55.24 3.86 23.34
N GLU C 442 -54.73 3.41 24.49
CA GLU C 442 -53.54 4.06 25.04
C GLU C 442 -52.31 3.81 24.16
N VAL C 443 -52.12 2.56 23.73
CA VAL C 443 -50.97 2.29 22.88
C VAL C 443 -51.14 2.96 21.52
N GLY C 444 -52.37 3.12 21.04
CA GLY C 444 -52.59 3.88 19.83
C GLY C 444 -52.25 5.35 19.96
N ASN C 445 -52.61 5.95 21.11
CA ASN C 445 -52.20 7.31 21.37
C ASN C 445 -50.68 7.44 21.39
N TRP C 446 -49.99 6.49 22.02
CA TRP C 446 -48.53 6.52 22.01
C TRP C 446 -47.98 6.39 20.60
N ASN C 447 -48.57 5.52 19.78
CA ASN C 447 -48.13 5.38 18.39
C ASN C 447 -48.32 6.67 17.61
N LEU C 448 -49.46 7.34 17.82
CA LEU C 448 -49.69 8.61 17.16
C LEU C 448 -48.70 9.67 17.61
N VAL C 449 -48.36 9.69 18.89
CA VAL C 449 -47.33 10.61 19.37
C VAL C 449 -46.01 10.32 18.68
N GLY C 450 -45.66 9.04 18.54
CA GLY C 450 -44.43 8.67 17.85
C GLY C 450 -44.43 9.12 16.41
N GLN C 451 -45.54 8.95 15.71
CA GLN C 451 -45.63 9.40 14.31
C GLN C 451 -45.52 10.92 14.22
N THR C 452 -46.12 11.64 15.16
CA THR C 452 -45.99 13.09 15.18
C THR C 452 -44.54 13.52 15.35
N ILE C 453 -43.83 12.86 16.26
CA ILE C 453 -42.42 13.18 16.47
C ILE C 453 -41.62 12.84 15.22
N ASP C 454 -41.99 11.75 14.54
CA ASP C 454 -41.31 11.38 13.29
C ASP C 454 -41.47 12.48 12.24
N ARG C 455 -42.71 12.97 12.07
CA ARG C 455 -42.95 14.01 11.07
C ARG C 455 -42.21 15.30 11.42
N LEU C 456 -42.21 15.67 12.72
CA LEU C 456 -41.49 16.86 13.14
C LEU C 456 -40.00 16.72 12.88
N SER C 457 -39.43 15.56 13.21
CA SER C 457 -38.01 15.34 12.98
C SER C 457 -37.67 15.39 11.49
N MET C 458 -38.54 14.81 10.66
CA MET C 458 -38.31 14.86 9.22
C MET C 458 -38.31 16.30 8.72
N PHE C 459 -39.35 17.05 9.05
CA PHE C 459 -39.47 18.42 8.59
C PHE C 459 -38.45 19.37 9.22
N ILE C 460 -37.74 18.93 10.26
CA ILE C 460 -36.68 19.75 10.83
C ILE C 460 -35.28 19.30 10.42
N ILE C 461 -35.12 18.08 9.91
CA ILE C 461 -33.82 17.52 9.59
C ILE C 461 -33.56 17.52 8.09
N THR C 462 -34.53 17.09 7.29
CA THR C 462 -34.31 17.05 5.85
C THR C 462 -33.99 18.42 5.25
N PRO C 463 -34.74 19.49 5.53
CA PRO C 463 -34.37 20.79 4.93
C PRO C 463 -33.02 21.30 5.36
N VAL C 464 -32.64 21.11 6.64
CA VAL C 464 -31.33 21.61 7.07
C VAL C 464 -30.21 20.83 6.41
N MET C 465 -30.40 19.52 6.22
CA MET C 465 -29.41 18.72 5.51
C MET C 465 -29.26 19.19 4.07
N VAL C 466 -30.39 19.41 3.38
CA VAL C 466 -30.33 19.85 1.99
C VAL C 466 -29.66 21.22 1.89
N LEU C 467 -30.03 22.13 2.78
CA LEU C 467 -29.44 23.47 2.76
C LEU C 467 -27.94 23.42 3.05
N GLY C 468 -27.53 22.60 4.02
CA GLY C 468 -26.11 22.47 4.31
C GLY C 468 -25.33 21.92 3.14
N THR C 469 -25.86 20.87 2.50
CA THR C 469 -25.19 20.30 1.34
C THR C 469 -25.07 21.33 0.22
N ILE C 470 -26.16 22.03 -0.09
CA ILE C 470 -26.14 23.01 -1.16
C ILE C 470 -25.17 24.13 -0.86
N PHE C 471 -25.19 24.64 0.38
CA PHE C 471 -24.30 25.73 0.74
C PHE C 471 -22.84 25.30 0.67
N ILE C 472 -22.51 24.13 1.20
CA ILE C 472 -21.12 23.66 1.20
C ILE C 472 -20.63 23.49 -0.23
N PHE C 473 -21.43 22.85 -1.08
CA PHE C 473 -20.95 22.57 -2.42
C PHE C 473 -20.96 23.82 -3.32
N VAL C 474 -21.87 24.76 -3.09
CA VAL C 474 -21.82 26.02 -3.83
C VAL C 474 -20.59 26.82 -3.41
N MET C 475 -20.30 26.87 -2.10
CA MET C 475 -19.11 27.59 -1.65
C MET C 475 -17.85 26.96 -2.22
N GLY C 476 -17.81 25.62 -2.28
CA GLY C 476 -16.67 24.96 -2.91
C GLY C 476 -16.55 25.27 -4.39
N ASN C 477 -17.67 25.19 -5.11
CA ASN C 477 -17.66 25.46 -6.55
C ASN C 477 -17.33 26.91 -6.87
N PHE C 478 -17.54 27.83 -5.92
CA PHE C 478 -17.20 29.22 -6.13
C PHE C 478 -15.72 29.52 -5.85
N ASN C 479 -14.95 28.53 -5.44
CA ASN C 479 -13.51 28.71 -5.19
C ASN C 479 -12.80 28.75 -6.54
N HIS C 480 -12.35 29.94 -6.92
CA HIS C 480 -11.64 30.10 -8.18
C HIS C 480 -10.27 30.70 -7.94
N PRO C 481 -9.28 30.35 -8.78
CA PRO C 481 -7.95 30.94 -8.61
C PRO C 481 -7.99 32.43 -8.88
N PRO C 482 -7.10 33.20 -8.26
CA PRO C 482 -7.13 34.66 -8.42
C PRO C 482 -6.83 35.08 -9.85
N ALA C 483 -7.36 36.24 -10.24
CA ALA C 483 -7.11 36.77 -11.57
C ALA C 483 -5.64 37.06 -11.78
N LYS C 484 -4.97 37.62 -10.78
CA LYS C 484 -3.54 37.85 -10.89
C LYS C 484 -2.78 36.83 -10.04
N PRO C 485 -1.59 36.39 -10.49
CA PRO C 485 -0.86 35.38 -9.72
C PRO C 485 -0.23 35.92 -8.45
N PHE C 486 0.01 37.23 -8.35
CA PHE C 486 0.56 37.84 -7.15
C PHE C 486 -0.34 38.97 -6.69
N GLU C 487 -0.52 39.07 -5.38
CA GLU C 487 -1.52 39.99 -4.84
C GLU C 487 -1.16 41.45 -5.13
N GLY C 488 0.09 41.83 -4.88
CA GLY C 488 0.51 43.19 -5.07
C GLY C 488 1.02 43.56 -6.45
N ASP C 489 1.01 42.62 -7.39
CA ASP C 489 1.55 42.87 -8.72
C ASP C 489 0.41 43.06 -9.70
N PRO C 490 0.21 44.27 -10.25
CA PRO C 490 -0.86 44.44 -11.24
C PRO C 490 -0.60 43.72 -12.56
N PHE C 491 0.66 43.46 -12.89
CA PHE C 491 1.00 42.82 -14.15
C PHE C 491 0.59 41.35 -14.12
N ASP C 492 0.04 40.88 -15.23
CA ASP C 492 -0.32 39.48 -15.40
C ASP C 492 0.79 38.78 -16.18
N TYR C 493 1.44 37.81 -15.55
CA TYR C 493 2.59 37.15 -16.14
C TYR C 493 2.17 36.21 -17.26
N SER C 494 1.67 36.77 -18.35
CA SER C 494 1.17 36.02 -19.48
C SER C 494 2.07 36.22 -20.69
N SER C 495 2.21 35.17 -21.49
CA SER C 495 3.07 35.23 -22.67
C SER C 495 2.52 36.19 -23.73
N ASP C 496 1.25 36.53 -23.67
CA ASP C 496 0.65 37.40 -24.68
C ASP C 496 0.90 38.87 -24.43
N HIS C 497 1.33 39.25 -23.23
CA HIS C 497 1.52 40.66 -22.86
C HIS C 497 2.88 40.85 -22.22
N PRO C 498 3.96 40.75 -23.00
CA PRO C 498 5.29 41.03 -22.45
C PRO C 498 5.42 42.49 -22.06
N ARG C 499 6.19 42.72 -20.98
CA ARG C 499 6.34 44.08 -20.48
C ARG C 499 7.32 44.90 -21.31
N CYS C 500 8.36 44.27 -21.86
CA CYS C 500 9.37 44.94 -22.67
C CYS C 500 10.02 46.11 -21.91
N SER D 1 43.36 -11.15 -30.47
CA SER D 1 44.43 -11.44 -31.40
C SER D 1 45.38 -10.25 -31.53
N GLU D 2 46.61 -10.51 -31.98
CA GLU D 2 47.58 -9.43 -32.13
C GLU D 2 47.17 -8.49 -33.25
N HIS D 3 46.60 -9.03 -34.33
CA HIS D 3 46.12 -8.17 -35.42
C HIS D 3 45.01 -7.25 -34.95
N GLU D 4 44.07 -7.78 -34.18
CA GLU D 4 43.01 -6.94 -33.64
C GLU D 4 43.55 -5.94 -32.63
N THR D 5 44.58 -6.32 -31.88
CA THR D 5 45.20 -5.36 -30.96
C THR D 5 45.80 -4.19 -31.71
N ARG D 6 46.57 -4.47 -32.77
CA ARG D 6 47.13 -3.40 -33.58
C ARG D 6 46.03 -2.56 -34.22
N LEU D 7 44.97 -3.21 -34.69
CA LEU D 7 43.89 -2.49 -35.34
C LEU D 7 43.19 -1.54 -34.38
N VAL D 8 42.89 -2.01 -33.16
CA VAL D 8 42.24 -1.15 -32.18
C VAL D 8 43.17 -0.03 -31.75
N ALA D 9 44.48 -0.31 -31.63
CA ALA D 9 45.43 0.74 -31.29
C ALA D 9 45.48 1.81 -32.38
N ASN D 10 45.44 1.39 -33.65
CA ASN D 10 45.55 2.35 -34.75
C ASN D 10 44.26 3.13 -34.97
N LEU D 11 43.11 2.51 -34.75
CA LEU D 11 41.84 3.21 -35.01
C LEU D 11 41.63 4.36 -34.04
N LEU D 12 41.99 4.16 -32.77
CA LEU D 12 41.66 5.11 -31.72
C LEU D 12 42.84 5.97 -31.29
N GLU D 13 43.96 5.91 -32.00
CA GLU D 13 45.12 6.69 -31.59
C GLU D 13 44.95 8.18 -31.87
N ASN D 14 44.23 8.54 -32.93
CA ASN D 14 43.95 9.94 -33.26
C ASN D 14 42.46 10.13 -33.50
N TYR D 15 41.63 9.45 -32.70
CA TYR D 15 40.19 9.50 -32.84
C TYR D 15 39.61 10.37 -31.73
N ASN D 16 38.81 11.36 -32.11
CA ASN D 16 38.17 12.26 -31.17
C ASN D 16 36.67 12.01 -31.22
N LYS D 17 36.12 11.46 -30.14
CA LYS D 17 34.71 11.11 -30.10
C LYS D 17 33.79 12.32 -30.00
N VAL D 18 34.34 13.51 -29.76
CA VAL D 18 33.52 14.72 -29.69
C VAL D 18 33.00 15.09 -31.07
N ILE D 19 33.83 14.95 -32.09
CA ILE D 19 33.49 15.41 -33.44
C ILE D 19 32.61 14.39 -34.13
N ARG D 20 31.63 14.87 -34.89
CA ARG D 20 30.76 13.98 -35.65
C ARG D 20 31.57 13.23 -36.71
N PRO D 21 31.17 12.01 -37.05
CA PRO D 21 31.88 11.23 -38.08
C PRO D 21 31.47 11.63 -39.50
N VAL D 22 31.88 12.83 -39.91
CA VAL D 22 31.56 13.35 -41.24
C VAL D 22 32.83 13.87 -41.88
N GLU D 23 32.98 13.63 -43.18
CA GLU D 23 34.14 14.14 -43.90
C GLU D 23 34.16 15.65 -43.93
N HIS D 24 33.00 16.27 -44.13
CA HIS D 24 32.88 17.72 -44.18
C HIS D 24 31.81 18.16 -43.19
N HIS D 25 32.05 19.27 -42.50
CA HIS D 25 31.14 19.71 -41.46
C HIS D 25 29.76 20.10 -42.01
N THR D 26 29.67 20.36 -43.32
CA THR D 26 28.38 20.68 -43.92
C THR D 26 27.53 19.45 -44.18
N HIS D 27 28.10 18.25 -44.10
CA HIS D 27 27.36 17.03 -44.33
C HIS D 27 26.66 16.57 -43.05
N PHE D 28 25.80 15.58 -43.18
CA PHE D 28 25.11 14.97 -42.05
C PHE D 28 25.42 13.48 -42.02
N VAL D 29 25.51 12.95 -40.80
CA VAL D 29 25.82 11.54 -40.60
C VAL D 29 24.49 10.81 -40.47
N ASP D 30 24.02 10.25 -41.57
CA ASP D 30 22.72 9.58 -41.60
C ASP D 30 22.73 8.39 -40.64
N ILE D 31 21.66 8.28 -39.84
CA ILE D 31 21.56 7.25 -38.81
C ILE D 31 20.25 6.51 -39.01
N THR D 32 20.33 5.19 -39.17
CA THR D 32 19.15 4.34 -39.28
C THR D 32 18.79 3.84 -37.89
N VAL D 33 17.59 4.16 -37.42
CA VAL D 33 17.16 3.87 -36.07
C VAL D 33 15.95 2.95 -36.11
N GLY D 34 16.00 1.88 -35.33
CA GLY D 34 14.87 0.98 -35.20
C GLY D 34 14.68 0.60 -33.75
N LEU D 35 13.44 0.25 -33.42
CA LEU D 35 13.08 -0.19 -32.08
C LEU D 35 12.74 -1.67 -32.10
N GLN D 36 13.10 -2.36 -31.02
CA GLN D 36 12.80 -3.79 -30.90
C GLN D 36 12.25 -4.02 -29.51
N LEU D 37 10.92 -4.12 -29.41
CA LEU D 37 10.29 -4.38 -28.12
C LEU D 37 10.55 -5.82 -27.71
N ILE D 38 10.79 -6.02 -26.40
CA ILE D 38 11.06 -7.34 -25.86
C ILE D 38 9.98 -7.79 -24.88
N GLN D 39 9.50 -6.89 -24.03
CA GLN D 39 8.48 -7.23 -23.07
C GLN D 39 7.80 -5.95 -22.58
N LEU D 40 6.48 -5.98 -22.51
CA LEU D 40 5.70 -4.89 -21.92
C LEU D 40 5.67 -5.15 -20.42
N ILE D 41 6.56 -4.51 -19.68
CA ILE D 41 6.73 -4.82 -18.26
C ILE D 41 5.46 -4.48 -17.49
N SER D 42 4.92 -3.28 -17.69
CA SER D 42 3.74 -2.90 -16.93
C SER D 42 3.08 -1.70 -17.59
N VAL D 43 1.79 -1.54 -17.31
CA VAL D 43 1.03 -0.35 -17.69
C VAL D 43 0.33 0.13 -16.41
N ASP D 44 0.97 1.04 -15.69
CA ASP D 44 0.39 1.62 -14.49
C ASP D 44 -0.67 2.62 -14.91
N GLU D 45 -1.94 2.26 -14.71
CA GLU D 45 -3.05 3.12 -15.12
C GLU D 45 -3.19 4.33 -14.20
N VAL D 46 -3.00 4.15 -12.90
CA VAL D 46 -3.20 5.25 -11.96
C VAL D 46 -2.21 6.37 -12.23
N ASN D 47 -0.94 6.02 -12.44
CA ASN D 47 0.09 7.02 -12.73
C ASN D 47 0.31 7.23 -14.22
N GLN D 48 -0.39 6.48 -15.07
CA GLN D 48 -0.34 6.65 -16.53
C GLN D 48 1.09 6.49 -17.04
N ILE D 49 1.76 5.43 -16.59
CA ILE D 49 3.16 5.20 -16.95
C ILE D 49 3.29 3.79 -17.51
N VAL D 50 3.89 3.66 -18.70
CA VAL D 50 4.08 2.37 -19.34
C VAL D 50 5.56 2.03 -19.27
N GLU D 51 5.88 0.90 -18.63
CA GLU D 51 7.25 0.40 -18.52
C GLU D 51 7.43 -0.72 -19.52
N THR D 52 8.39 -0.55 -20.43
CA THR D 52 8.68 -1.52 -21.47
C THR D 52 10.17 -1.81 -21.49
N ASN D 53 10.51 -3.01 -21.95
CA ASN D 53 11.89 -3.41 -22.19
C ASN D 53 12.13 -3.36 -23.69
N VAL D 54 13.14 -2.60 -24.11
CA VAL D 54 13.37 -2.37 -25.54
C VAL D 54 14.86 -2.55 -25.84
N ARG D 55 15.14 -2.73 -27.13
CA ARG D 55 16.49 -2.63 -27.67
C ARG D 55 16.46 -1.61 -28.79
N LEU D 56 17.42 -0.68 -28.75
CA LEU D 56 17.41 0.47 -29.65
C LEU D 56 18.52 0.30 -30.68
N ARG D 57 18.17 -0.21 -31.86
CA ARG D 57 19.15 -0.48 -32.89
C ARG D 57 19.48 0.81 -33.64
N GLN D 58 20.77 1.14 -33.73
CA GLN D 58 21.22 2.35 -34.39
C GLN D 58 22.40 1.99 -35.30
N GLN D 59 22.32 2.39 -36.56
CA GLN D 59 23.36 2.11 -37.54
C GLN D 59 23.81 3.42 -38.19
N TRP D 60 25.12 3.60 -38.31
CA TRP D 60 25.63 4.78 -38.97
C TRP D 60 27.05 4.52 -39.46
N ILE D 61 27.48 5.34 -40.43
CA ILE D 61 28.79 5.18 -41.04
C ILE D 61 29.76 6.13 -40.38
N ASP D 62 30.83 5.60 -39.79
CA ASP D 62 31.91 6.39 -39.22
C ASP D 62 33.10 6.29 -40.18
N VAL D 63 33.39 7.39 -40.86
CA VAL D 63 34.41 7.37 -41.90
C VAL D 63 35.80 7.13 -41.31
N ARG D 64 36.06 7.69 -40.12
CA ARG D 64 37.37 7.58 -39.52
C ARG D 64 37.70 6.16 -39.07
N LEU D 65 36.70 5.34 -38.81
CA LEU D 65 36.91 3.96 -38.36
C LEU D 65 36.84 2.99 -39.54
N ARG D 66 37.71 3.21 -40.52
CA ARG D 66 37.80 2.37 -41.70
C ARG D 66 39.20 1.78 -41.78
N TRP D 67 39.28 0.51 -42.16
CA TRP D 67 40.57 -0.16 -42.28
C TRP D 67 40.54 -1.16 -43.42
N ASN D 68 41.71 -1.58 -43.85
CA ASN D 68 41.85 -2.58 -44.89
C ASN D 68 42.05 -3.94 -44.25
N PRO D 69 41.14 -4.89 -44.46
CA PRO D 69 41.28 -6.21 -43.81
C PRO D 69 42.55 -6.94 -44.19
N ALA D 70 43.04 -6.76 -45.41
CA ALA D 70 44.22 -7.49 -45.85
C ALA D 70 45.43 -7.19 -44.98
N ASP D 71 45.53 -5.95 -44.48
CA ASP D 71 46.65 -5.59 -43.62
C ASP D 71 46.55 -6.27 -42.26
N TYR D 72 45.37 -6.20 -41.65
CA TYR D 72 45.17 -6.74 -40.31
C TYR D 72 44.64 -8.17 -40.33
N GLY D 73 45.30 -9.03 -41.10
CA GLY D 73 45.02 -10.46 -41.07
C GLY D 73 43.61 -10.85 -41.43
N GLY D 74 42.97 -10.12 -42.33
CA GLY D 74 41.63 -10.48 -42.78
C GLY D 74 40.52 -10.16 -41.80
N ILE D 75 40.78 -9.38 -40.76
CA ILE D 75 39.75 -9.04 -39.80
C ILE D 75 38.74 -8.08 -40.43
N LYS D 76 37.46 -8.38 -40.24
CA LYS D 76 36.40 -7.55 -40.79
C LYS D 76 35.45 -6.97 -39.74
N LYS D 77 35.51 -7.44 -38.50
CA LYS D 77 34.68 -6.92 -37.43
C LYS D 77 35.51 -6.83 -36.16
N ILE D 78 35.15 -5.87 -35.30
CA ILE D 78 35.96 -5.53 -34.14
C ILE D 78 35.19 -5.68 -32.82
N ARG D 79 33.93 -5.23 -32.79
CA ARG D 79 33.10 -5.25 -31.59
C ARG D 79 33.73 -4.39 -30.49
N LEU D 80 33.81 -3.08 -30.77
CA LEU D 80 34.35 -2.10 -29.83
C LEU D 80 33.36 -1.75 -28.73
N PRO D 81 33.84 -1.27 -27.59
CA PRO D 81 32.95 -0.70 -26.60
C PRO D 81 32.43 0.66 -27.03
N SER D 82 31.18 0.95 -26.63
CA SER D 82 30.53 2.17 -27.09
C SER D 82 31.13 3.44 -26.51
N ASP D 83 31.77 3.36 -25.34
CA ASP D 83 32.32 4.53 -24.69
C ASP D 83 33.59 5.04 -25.35
N ASP D 84 33.96 4.50 -26.51
CA ASP D 84 35.17 4.90 -27.20
C ASP D 84 34.94 5.61 -28.52
N VAL D 85 33.70 5.66 -29.02
CA VAL D 85 33.39 6.24 -30.31
C VAL D 85 32.25 7.24 -30.16
N TRP D 86 32.10 8.09 -31.17
CA TRP D 86 30.98 9.02 -31.19
C TRP D 86 29.66 8.27 -31.22
N LEU D 87 28.73 8.68 -30.36
CA LEU D 87 27.44 8.02 -30.26
C LEU D 87 26.32 9.05 -30.43
N PRO D 88 25.33 8.78 -31.27
CA PRO D 88 24.15 9.66 -31.31
C PRO D 88 23.42 9.65 -29.98
N ASP D 89 22.91 10.82 -29.61
CA ASP D 89 22.25 11.00 -28.31
C ASP D 89 20.74 10.95 -28.51
N LEU D 90 20.21 9.73 -28.60
CA LEU D 90 18.77 9.54 -28.69
C LEU D 90 18.13 9.70 -27.32
N VAL D 91 17.14 10.58 -27.24
CA VAL D 91 16.48 10.93 -25.99
C VAL D 91 15.00 10.61 -26.11
N LEU D 92 14.46 9.90 -25.12
CA LEU D 92 13.04 9.61 -25.06
C LEU D 92 12.31 10.83 -24.51
N TYR D 93 11.70 11.61 -25.37
CA TYR D 93 11.10 12.87 -24.91
C TYR D 93 9.96 12.62 -23.94
N ASN D 94 9.39 11.43 -23.91
CA ASN D 94 8.18 11.19 -23.10
C ASN D 94 8.55 10.62 -21.75
N ASN D 95 9.80 10.66 -21.34
CA ASN D 95 10.21 9.95 -20.11
C ASN D 95 9.36 10.46 -18.94
N ALA D 96 8.98 9.55 -18.06
CA ALA D 96 8.13 9.95 -16.92
C ALA D 96 8.81 9.55 -15.63
N ASP D 97 9.59 8.49 -15.65
CA ASP D 97 10.34 8.12 -14.45
C ASP D 97 11.50 7.23 -14.90
N GLY D 98 12.67 7.83 -15.06
CA GLY D 98 13.83 7.08 -15.48
C GLY D 98 14.74 7.94 -16.32
N ASP D 99 15.60 7.28 -17.08
CA ASP D 99 16.63 7.96 -17.85
C ASP D 99 16.10 8.40 -19.20
N PHE D 100 16.51 9.59 -19.64
CA PHE D 100 16.10 10.09 -20.95
C PHE D 100 16.84 9.38 -22.07
N ALA D 101 18.10 9.03 -21.85
CA ALA D 101 18.95 8.45 -22.88
C ALA D 101 19.42 7.06 -22.46
N ILE D 102 20.24 6.46 -23.33
CA ILE D 102 20.78 5.13 -23.06
C ILE D 102 21.84 5.22 -21.98
N VAL D 103 21.77 4.32 -21.00
CA VAL D 103 22.71 4.32 -19.89
C VAL D 103 23.50 3.02 -19.78
N HIS D 104 23.11 1.95 -20.49
CA HIS D 104 23.81 0.68 -20.34
C HIS D 104 25.17 0.71 -21.04
N MET D 105 25.23 1.28 -22.24
CA MET D 105 26.48 1.43 -22.99
C MET D 105 27.15 0.08 -23.23
N THR D 106 26.47 -0.76 -24.00
CA THR D 106 27.03 -2.04 -24.40
C THR D 106 27.97 -1.86 -25.59
N LYS D 107 28.66 -2.93 -25.94
CA LYS D 107 29.59 -2.88 -27.06
C LYS D 107 28.83 -2.81 -28.38
N LEU D 108 29.52 -2.30 -29.41
CA LEU D 108 28.91 -2.11 -30.72
C LEU D 108 29.76 -2.79 -31.78
N LEU D 109 29.09 -3.30 -32.80
CA LEU D 109 29.76 -3.96 -33.93
C LEU D 109 30.29 -2.91 -34.89
N LEU D 110 31.52 -3.10 -35.35
CA LEU D 110 32.19 -2.15 -36.24
C LEU D 110 32.71 -2.91 -37.45
N ASP D 111 32.15 -2.61 -38.63
CA ASP D 111 32.58 -3.22 -39.86
C ASP D 111 33.83 -2.52 -40.38
N TYR D 112 34.48 -3.16 -41.37
CA TYR D 112 35.72 -2.60 -41.91
C TYR D 112 35.48 -1.42 -42.83
N THR D 113 34.26 -1.23 -43.31
CA THR D 113 33.91 -0.10 -44.15
C THR D 113 33.53 1.13 -43.33
N GLY D 114 33.55 1.04 -42.01
CA GLY D 114 33.15 2.13 -41.15
C GLY D 114 31.73 2.00 -40.61
N LYS D 115 30.96 1.04 -41.10
CA LYS D 115 29.60 0.86 -40.63
C LYS D 115 29.60 0.41 -39.17
N ILE D 116 28.73 1.03 -38.38
CA ILE D 116 28.60 0.76 -36.94
C ILE D 116 27.16 0.43 -36.65
N MET D 117 26.93 -0.69 -35.97
CA MET D 117 25.62 -1.09 -35.49
C MET D 117 25.68 -1.26 -33.99
N TRP D 118 24.82 -0.56 -33.28
CA TRP D 118 24.81 -0.53 -31.82
C TRP D 118 23.38 -0.79 -31.35
N THR D 119 23.19 -1.82 -30.54
CA THR D 119 21.86 -2.23 -30.10
C THR D 119 21.82 -2.31 -28.58
N PRO D 120 21.83 -1.17 -27.89
CA PRO D 120 21.77 -1.18 -26.44
C PRO D 120 20.36 -1.46 -25.95
N PRO D 121 20.24 -2.18 -24.83
CA PRO D 121 18.93 -2.36 -24.21
C PRO D 121 18.56 -1.16 -23.37
N ALA D 122 17.27 -1.08 -23.03
CA ALA D 122 16.78 0.02 -22.22
C ALA D 122 15.46 -0.38 -21.59
N ILE D 123 15.14 0.29 -20.48
CA ILE D 123 13.86 0.14 -19.80
C ILE D 123 13.17 1.49 -19.89
N PHE D 124 12.25 1.63 -20.83
CA PHE D 124 11.56 2.89 -21.07
C PHE D 124 10.32 2.95 -20.16
N LYS D 125 10.34 3.85 -19.19
CA LYS D 125 9.16 4.16 -18.39
C LYS D 125 8.58 5.46 -18.93
N SER D 126 7.78 5.33 -19.98
CA SER D 126 7.28 6.50 -20.70
C SER D 126 5.90 6.91 -20.19
N TYR D 127 5.57 8.17 -20.43
CA TYR D 127 4.25 8.67 -20.10
C TYR D 127 3.22 8.13 -21.09
N CYS D 128 2.03 7.83 -20.58
CA CYS D 128 1.00 7.18 -21.40
C CYS D 128 -0.36 7.68 -20.93
N GLU D 129 -0.89 8.69 -21.62
CA GLU D 129 -2.22 9.18 -21.31
C GLU D 129 -3.24 8.14 -21.77
N ILE D 130 -3.91 7.51 -20.82
CA ILE D 130 -4.78 6.37 -21.11
C ILE D 130 -6.21 6.86 -21.24
N ILE D 131 -6.89 6.41 -22.29
CA ILE D 131 -8.31 6.70 -22.47
C ILE D 131 -9.09 5.66 -21.67
N VAL D 132 -9.79 6.12 -20.63
CA VAL D 132 -10.47 5.24 -19.70
C VAL D 132 -11.97 5.14 -20.01
N THR D 133 -12.40 5.65 -21.17
CA THR D 133 -13.81 5.63 -21.54
C THR D 133 -14.38 4.22 -21.48
N HIS D 134 -13.69 3.27 -22.11
CA HIS D 134 -14.05 1.86 -22.04
C HIS D 134 -13.20 1.18 -20.98
N PHE D 135 -13.81 0.29 -20.21
CA PHE D 135 -13.12 -0.42 -19.14
C PHE D 135 -14.00 -1.54 -18.61
N PRO D 136 -13.46 -2.74 -18.39
CA PRO D 136 -12.06 -3.12 -18.61
C PRO D 136 -11.79 -3.59 -20.03
N PHE D 137 -12.46 -3.00 -21.01
CA PHE D 137 -12.30 -3.34 -22.41
C PHE D 137 -11.59 -2.23 -23.17
N ASP D 138 -10.69 -1.51 -22.51
CA ASP D 138 -10.05 -0.35 -23.10
C ASP D 138 -9.04 -0.76 -24.17
N GLN D 139 -8.69 0.21 -25.00
CA GLN D 139 -7.65 0.07 -26.00
C GLN D 139 -6.73 1.28 -25.87
N GLN D 140 -5.46 1.04 -25.57
CA GLN D 140 -4.52 2.10 -25.25
C GLN D 140 -3.57 2.33 -26.40
N ASN D 141 -3.36 3.60 -26.76
CA ASN D 141 -2.44 3.99 -27.82
C ASN D 141 -1.54 5.10 -27.26
N CYS D 142 -0.38 4.72 -26.74
CA CYS D 142 0.59 5.70 -26.27
C CYS D 142 1.97 5.35 -26.83
N THR D 143 2.76 6.39 -27.05
CA THR D 143 3.90 6.33 -27.94
C THR D 143 5.21 6.48 -27.18
N MET D 144 6.29 6.31 -27.94
CA MET D 144 7.65 6.62 -27.50
C MET D 144 8.25 7.57 -28.53
N LYS D 145 8.67 8.75 -28.07
CA LYS D 145 9.13 9.83 -28.94
C LYS D 145 10.65 9.93 -28.78
N LEU D 146 11.38 9.44 -29.78
CA LEU D 146 12.84 9.42 -29.75
C LEU D 146 13.38 10.50 -30.66
N GLY D 147 14.15 11.43 -30.10
CA GLY D 147 14.79 12.46 -30.89
C GLY D 147 16.29 12.45 -30.66
N ILE D 148 17.00 13.42 -31.23
CA ILE D 148 18.45 13.46 -31.13
C ILE D 148 18.86 14.55 -30.15
N TRP D 149 17.99 15.54 -29.97
CA TRP D 149 18.02 16.48 -28.85
C TRP D 149 19.16 17.49 -28.89
N THR D 150 20.13 17.32 -29.78
CA THR D 150 21.22 18.28 -29.80
C THR D 150 21.50 18.78 -31.20
N TYR D 151 21.28 17.93 -32.19
CA TYR D 151 21.55 18.26 -33.58
C TYR D 151 20.23 18.42 -34.33
N ASP D 152 20.31 19.04 -35.49
CA ASP D 152 19.12 19.30 -36.30
C ASP D 152 19.20 18.48 -37.58
N GLY D 153 18.26 18.73 -38.49
CA GLY D 153 18.12 17.90 -39.68
C GLY D 153 19.37 17.87 -40.54
N THR D 154 20.15 18.95 -40.53
CA THR D 154 21.35 19.02 -41.35
C THR D 154 22.60 18.54 -40.63
N LYS D 155 22.45 17.88 -39.48
CA LYS D 155 23.59 17.38 -38.74
C LYS D 155 23.57 15.87 -38.56
N VAL D 156 22.43 15.28 -38.17
CA VAL D 156 22.39 13.85 -37.92
C VAL D 156 21.38 13.15 -38.82
N SER D 157 20.30 13.83 -39.18
CA SER D 157 19.29 13.32 -40.12
C SER D 157 18.91 11.87 -39.80
N ILE D 158 18.26 11.72 -38.63
CA ILE D 158 17.80 10.40 -38.20
C ILE D 158 16.83 9.82 -39.24
N SER D 159 16.71 8.50 -39.23
CA SER D 159 15.83 7.81 -40.17
C SER D 159 15.33 6.53 -39.52
N PRO D 160 14.11 6.09 -39.86
CA PRO D 160 13.58 4.84 -39.30
C PRO D 160 14.04 3.62 -40.09
N GLU D 161 14.39 2.56 -39.35
CA GLU D 161 14.84 1.33 -39.97
C GLU D 161 13.72 0.66 -40.76
N SER D 162 12.56 0.52 -40.13
CA SER D 162 11.41 -0.12 -40.76
C SER D 162 10.15 0.64 -40.39
N ASP D 163 9.09 0.42 -41.16
CA ASP D 163 7.83 1.10 -40.90
C ASP D 163 7.26 0.71 -39.54
N ARG D 164 7.58 -0.49 -39.06
CA ARG D 164 7.04 -1.00 -37.81
C ARG D 164 8.15 -1.47 -36.91
N PRO D 165 8.00 -1.29 -35.59
CA PRO D 165 9.01 -1.82 -34.66
C PRO D 165 9.04 -3.33 -34.71
N ASP D 166 10.23 -3.89 -34.43
CA ASP D 166 10.44 -5.32 -34.52
C ASP D 166 9.87 -6.00 -33.28
N LEU D 167 8.88 -6.88 -33.50
CA LEU D 167 8.28 -7.67 -32.43
C LEU D 167 8.47 -9.17 -32.67
N SER D 168 9.54 -9.53 -33.38
CA SER D 168 9.80 -10.93 -33.67
C SER D 168 10.15 -11.74 -32.43
N THR D 169 10.60 -11.08 -31.36
CA THR D 169 10.97 -11.74 -30.11
C THR D 169 10.21 -11.16 -28.92
N PHE D 170 9.02 -10.63 -29.17
CA PHE D 170 8.24 -10.00 -28.10
C PHE D 170 7.60 -11.06 -27.22
N MET D 171 7.90 -11.00 -25.92
CA MET D 171 7.25 -11.91 -24.98
C MET D 171 5.81 -11.50 -24.77
N GLU D 172 4.91 -12.48 -24.80
CA GLU D 172 3.49 -12.19 -24.66
C GLU D 172 3.21 -11.64 -23.27
N SER D 173 2.50 -10.51 -23.22
CA SER D 173 2.27 -9.83 -21.95
C SER D 173 1.31 -10.62 -21.07
N GLY D 174 0.29 -11.23 -21.66
CA GLY D 174 -0.75 -11.92 -20.92
C GLY D 174 -1.89 -11.01 -20.51
N GLU D 175 -1.57 -9.79 -20.09
CA GLU D 175 -2.59 -8.81 -19.72
C GLU D 175 -2.98 -7.91 -20.89
N TRP D 176 -2.13 -7.78 -21.90
CA TRP D 176 -2.41 -6.96 -23.07
C TRP D 176 -2.03 -7.73 -24.33
N VAL D 177 -2.71 -7.40 -25.43
CA VAL D 177 -2.42 -7.99 -26.73
C VAL D 177 -2.15 -6.86 -27.72
N MET D 178 -1.15 -7.06 -28.57
CA MET D 178 -0.72 -6.06 -29.54
C MET D 178 -1.64 -6.10 -30.76
N LYS D 179 -2.44 -5.06 -30.95
CA LYS D 179 -3.27 -4.98 -32.15
C LYS D 179 -2.46 -4.48 -33.34
N ASP D 180 -1.87 -3.29 -33.21
CA ASP D 180 -1.04 -2.72 -34.27
C ASP D 180 0.11 -1.96 -33.63
N TYR D 181 1.11 -1.66 -34.43
CA TYR D 181 2.26 -0.90 -33.96
C TYR D 181 2.98 -0.32 -35.16
N ARG D 182 3.38 0.93 -35.07
CA ARG D 182 4.02 1.57 -36.22
C ARG D 182 4.83 2.78 -35.75
N GLY D 183 5.86 3.10 -36.51
CA GLY D 183 6.71 4.24 -36.22
C GLY D 183 6.65 5.27 -37.34
N TRP D 184 6.54 6.53 -36.95
CA TRP D 184 6.45 7.64 -37.89
C TRP D 184 7.56 8.64 -37.63
N LYS D 185 8.07 9.23 -38.71
CA LYS D 185 9.15 10.20 -38.63
C LYS D 185 8.59 11.61 -38.81
N HIS D 186 8.99 12.52 -37.92
CA HIS D 186 8.48 13.88 -37.92
C HIS D 186 9.62 14.88 -37.94
N TRP D 187 9.41 15.97 -38.69
CA TRP D 187 10.25 17.16 -38.65
C TRP D 187 9.48 18.21 -37.86
N VAL D 188 10.00 18.61 -36.70
CA VAL D 188 9.31 19.53 -35.83
C VAL D 188 10.17 20.76 -35.58
N TYR D 189 9.51 21.91 -35.44
CA TYR D 189 10.15 23.17 -35.11
C TYR D 189 9.71 23.60 -33.72
N TYR D 190 10.68 23.85 -32.84
CA TYR D 190 10.41 24.25 -31.48
C TYR D 190 10.63 25.74 -31.29
N THR D 191 10.13 26.26 -30.17
CA THR D 191 10.34 27.66 -29.83
C THR D 191 11.80 27.98 -29.57
N CYS D 192 12.60 26.99 -29.18
CA CYS D 192 14.03 27.21 -29.01
C CYS D 192 14.67 27.64 -30.32
N CYS D 193 14.41 26.89 -31.38
CA CYS D 193 15.25 26.87 -32.57
C CYS D 193 14.35 26.93 -33.79
N PRO D 194 13.69 28.08 -34.02
CA PRO D 194 12.64 28.13 -35.05
C PRO D 194 13.16 27.94 -36.47
N ASP D 195 14.45 28.15 -36.72
CA ASP D 195 14.98 28.10 -38.07
C ASP D 195 15.62 26.76 -38.43
N THR D 196 15.63 25.80 -37.51
CA THR D 196 16.25 24.49 -37.75
C THR D 196 15.24 23.40 -37.42
N PRO D 197 14.93 22.50 -38.34
CA PRO D 197 13.98 21.42 -38.06
C PRO D 197 14.66 20.28 -37.32
N TYR D 198 14.13 19.94 -36.16
CA TYR D 198 14.62 18.79 -35.40
C TYR D 198 13.83 17.54 -35.78
N LEU D 199 14.55 16.45 -35.99
CA LEU D 199 13.94 15.20 -36.44
C LEU D 199 13.65 14.31 -35.25
N ASP D 200 12.57 13.53 -35.35
CA ASP D 200 12.28 12.55 -34.32
C ASP D 200 11.45 11.42 -34.92
N ILE D 201 11.36 10.32 -34.18
CA ILE D 201 10.58 9.16 -34.57
C ILE D 201 9.70 8.77 -33.39
N THR D 202 8.40 8.65 -33.65
CA THR D 202 7.45 8.22 -32.62
C THR D 202 6.96 6.82 -32.97
N TYR D 203 7.18 5.89 -32.05
CA TYR D 203 6.68 4.53 -32.19
C TYR D 203 5.44 4.37 -31.32
N HIS D 204 4.33 3.99 -31.92
CA HIS D 204 3.08 3.85 -31.19
C HIS D 204 2.62 2.40 -31.26
N PHE D 205 2.15 1.91 -30.10
CA PHE D 205 1.62 0.56 -29.95
C PHE D 205 0.16 0.65 -29.51
N ILE D 206 -0.69 -0.15 -30.12
CA ILE D 206 -2.10 -0.22 -29.78
C ILE D 206 -2.32 -1.51 -29.00
N MET D 207 -2.58 -1.38 -27.71
CA MET D 207 -2.69 -2.53 -26.81
C MET D 207 -4.14 -2.70 -26.41
N GLN D 208 -4.69 -3.89 -26.62
CA GLN D 208 -6.03 -4.23 -26.21
C GLN D 208 -5.96 -5.04 -24.92
N ARG D 209 -6.64 -4.57 -23.89
CA ARG D 209 -6.60 -5.26 -22.60
C ARG D 209 -7.40 -6.55 -22.66
N ILE D 210 -6.87 -7.59 -22.02
CA ILE D 210 -7.59 -8.85 -21.84
C ILE D 210 -8.42 -8.71 -20.57
N PRO D 211 -9.75 -8.73 -20.65
CA PRO D 211 -10.59 -8.35 -19.50
C PRO D 211 -10.92 -9.47 -18.52
N LEU D 212 -10.41 -10.68 -18.72
CA LEU D 212 -10.86 -11.83 -17.93
C LEU D 212 -10.64 -11.58 -16.44
N TYR D 213 -9.45 -11.11 -16.06
CA TYR D 213 -9.17 -10.88 -14.64
C TYR D 213 -10.12 -9.85 -14.04
N PHE D 214 -10.24 -8.69 -14.69
CA PHE D 214 -11.10 -7.64 -14.16
C PHE D 214 -12.57 -8.05 -14.25
N VAL D 215 -12.96 -8.76 -15.30
CA VAL D 215 -14.33 -9.24 -15.39
C VAL D 215 -14.65 -10.11 -14.19
N VAL D 216 -13.82 -11.11 -13.92
CA VAL D 216 -14.08 -12.03 -12.81
C VAL D 216 -14.07 -11.29 -11.48
N ASN D 217 -13.11 -10.39 -11.29
CA ASN D 217 -12.95 -9.78 -9.97
C ASN D 217 -13.91 -8.61 -9.72
N VAL D 218 -14.56 -8.06 -10.74
CA VAL D 218 -15.44 -6.92 -10.52
C VAL D 218 -16.83 -7.16 -11.09
N ILE D 219 -16.90 -7.46 -12.39
CA ILE D 219 -18.18 -7.42 -13.09
C ILE D 219 -19.12 -8.50 -12.55
N ILE D 220 -18.59 -9.72 -12.36
CA ILE D 220 -19.44 -10.81 -11.89
C ILE D 220 -20.06 -10.51 -10.53
N PRO D 221 -19.31 -10.11 -9.50
CA PRO D 221 -19.98 -9.71 -8.25
C PRO D 221 -20.89 -8.53 -8.42
N CYS D 222 -20.50 -7.55 -9.25
CA CYS D 222 -21.37 -6.41 -9.49
C CYS D 222 -22.65 -6.82 -10.19
N LEU D 223 -22.56 -7.75 -11.15
CA LEU D 223 -23.76 -8.25 -11.79
C LEU D 223 -24.65 -9.02 -10.80
N LEU D 224 -24.03 -9.79 -9.91
CA LEU D 224 -24.81 -10.51 -8.90
C LEU D 224 -25.58 -9.55 -8.01
N PHE D 225 -24.92 -8.49 -7.55
CA PHE D 225 -25.61 -7.52 -6.70
C PHE D 225 -26.66 -6.74 -7.48
N SER D 226 -26.38 -6.41 -8.75
CA SER D 226 -27.37 -5.74 -9.57
C SER D 226 -28.60 -6.61 -9.78
N PHE D 227 -28.41 -7.92 -9.89
CA PHE D 227 -29.56 -8.82 -10.00
C PHE D 227 -30.29 -8.92 -8.67
N LEU D 228 -29.56 -8.90 -7.55
CA LEU D 228 -30.20 -8.91 -6.24
C LEU D 228 -31.00 -7.64 -5.98
N THR D 229 -30.69 -6.56 -6.69
CA THR D 229 -31.46 -5.32 -6.53
C THR D 229 -32.95 -5.55 -6.74
N GLY D 230 -33.32 -6.34 -7.75
CA GLY D 230 -34.71 -6.54 -8.09
C GLY D 230 -35.46 -7.55 -7.24
N LEU D 231 -34.75 -8.31 -6.41
CA LEU D 231 -35.41 -9.27 -5.53
C LEU D 231 -36.10 -8.59 -4.35
N VAL D 232 -35.86 -7.30 -4.14
CA VAL D 232 -36.51 -6.59 -3.04
C VAL D 232 -38.01 -6.59 -3.22
N PHE D 233 -38.48 -6.32 -4.45
CA PHE D 233 -39.91 -6.16 -4.68
C PHE D 233 -40.67 -7.46 -4.43
N TYR D 234 -40.10 -8.58 -4.85
CA TYR D 234 -40.76 -9.87 -4.64
C TYR D 234 -40.75 -10.29 -3.18
N LEU D 235 -39.94 -9.65 -2.36
CA LEU D 235 -39.86 -9.98 -0.94
C LEU D 235 -41.04 -9.36 -0.20
N PRO D 236 -41.82 -10.13 0.56
CA PRO D 236 -42.95 -9.55 1.29
C PRO D 236 -42.47 -8.55 2.34
N THR D 237 -43.29 -7.53 2.56
CA THR D 237 -43.00 -6.54 3.59
C THR D 237 -43.29 -7.03 4.99
N ASP D 238 -44.06 -8.12 5.14
CA ASP D 238 -44.37 -8.64 6.45
C ASP D 238 -43.16 -9.32 7.09
N SER D 239 -42.30 -9.93 6.27
CA SER D 239 -41.13 -10.63 6.77
C SER D 239 -40.07 -9.71 7.35
N GLY D 240 -40.17 -8.41 7.13
CA GLY D 240 -39.01 -7.59 7.40
C GLY D 240 -37.92 -7.92 6.40
N GLU D 241 -36.67 -7.70 6.80
CA GLU D 241 -35.49 -8.09 6.04
C GLU D 241 -35.46 -7.46 4.65
N LYS D 242 -36.34 -6.49 4.38
CA LYS D 242 -36.40 -5.87 3.07
C LYS D 242 -35.41 -4.71 2.98
N MET D 243 -35.50 -3.77 3.92
CA MET D 243 -34.52 -2.70 3.99
C MET D 243 -33.12 -3.26 4.22
N THR D 244 -33.01 -4.35 4.97
CA THR D 244 -31.70 -4.95 5.19
C THR D 244 -31.08 -5.42 3.88
N LEU D 245 -31.87 -6.12 3.06
CA LEU D 245 -31.37 -6.59 1.77
C LEU D 245 -31.01 -5.42 0.87
N SER D 246 -31.89 -4.41 0.79
CA SER D 246 -31.63 -3.27 -0.08
C SER D 246 -30.35 -2.55 0.33
N ILE D 247 -30.18 -2.32 1.63
CA ILE D 247 -29.02 -1.59 2.12
C ILE D 247 -27.75 -2.41 1.92
N SER D 248 -27.83 -3.74 2.12
CA SER D 248 -26.65 -4.56 1.89
C SER D 248 -26.21 -4.50 0.43
N VAL D 249 -27.18 -4.56 -0.49
CA VAL D 249 -26.84 -4.45 -1.91
C VAL D 249 -26.23 -3.08 -2.20
N LEU D 250 -26.80 -2.02 -1.63
CA LEU D 250 -26.28 -0.67 -1.87
C LEU D 250 -24.86 -0.53 -1.36
N LEU D 251 -24.58 -1.03 -0.16
CA LEU D 251 -23.24 -0.93 0.40
C LEU D 251 -22.25 -1.75 -0.41
N SER D 252 -22.65 -2.93 -0.88
CA SER D 252 -21.77 -3.71 -1.74
C SER D 252 -21.45 -2.95 -3.03
N LEU D 253 -22.46 -2.33 -3.64
CA LEU D 253 -22.22 -1.59 -4.87
C LEU D 253 -21.31 -0.39 -4.62
N THR D 254 -21.48 0.30 -3.49
CA THR D 254 -20.59 1.42 -3.17
C THR D 254 -19.15 0.94 -2.97
N VAL D 255 -18.97 -0.20 -2.30
CA VAL D 255 -17.63 -0.75 -2.11
C VAL D 255 -16.99 -1.05 -3.46
N PHE D 256 -17.75 -1.68 -4.36
CA PHE D 256 -17.19 -1.98 -5.67
C PHE D 256 -16.91 -0.72 -6.49
N LEU D 257 -17.74 0.31 -6.33
CA LEU D 257 -17.46 1.58 -6.99
C LEU D 257 -16.15 2.18 -6.47
N LEU D 258 -15.92 2.10 -5.16
CA LEU D 258 -14.67 2.58 -4.59
C LEU D 258 -13.48 1.78 -5.12
N VAL D 259 -13.65 0.47 -5.27
CA VAL D 259 -12.59 -0.35 -5.84
C VAL D 259 -12.28 0.09 -7.27
N ILE D 260 -13.33 0.33 -8.06
CA ILE D 260 -13.14 0.79 -9.43
C ILE D 260 -12.40 2.13 -9.44
N VAL D 261 -12.77 3.03 -8.53
CA VAL D 261 -12.08 4.31 -8.41
C VAL D 261 -10.61 4.09 -8.12
N GLU D 262 -10.29 3.15 -7.22
CA GLU D 262 -8.89 2.85 -6.93
C GLU D 262 -8.18 2.28 -8.14
N LEU D 263 -8.90 1.61 -9.03
CA LEU D 263 -8.26 1.01 -10.21
C LEU D 263 -7.96 2.05 -11.29
N ILE D 264 -8.91 2.92 -11.59
CA ILE D 264 -8.80 3.85 -12.70
C ILE D 264 -7.97 5.07 -12.28
N PRO D 265 -7.38 5.81 -13.22
CA PRO D 265 -6.70 7.06 -12.86
C PRO D 265 -7.71 8.14 -12.47
N SER D 266 -7.19 9.19 -11.84
CA SER D 266 -8.01 10.27 -11.31
C SER D 266 -8.26 11.37 -12.34
N THR D 267 -8.01 11.10 -13.62
CA THR D 267 -8.22 12.12 -14.65
C THR D 267 -9.71 12.37 -14.86
N SER D 268 -10.01 13.60 -15.28
CA SER D 268 -11.38 14.02 -15.55
C SER D 268 -11.66 14.17 -17.04
N SER D 269 -10.81 13.57 -17.89
CA SER D 269 -11.02 13.69 -19.33
C SER D 269 -12.31 13.02 -19.77
N ALA D 270 -12.59 11.83 -19.23
CA ALA D 270 -13.81 11.11 -19.57
C ALA D 270 -14.14 10.14 -18.45
N VAL D 271 -15.44 9.93 -18.24
CA VAL D 271 -15.92 9.00 -17.22
C VAL D 271 -15.91 7.59 -17.79
N PRO D 272 -15.34 6.61 -17.08
CA PRO D 272 -15.38 5.24 -17.56
C PRO D 272 -16.82 4.73 -17.67
N LEU D 273 -17.07 3.93 -18.71
CA LEU D 273 -18.41 3.37 -18.89
C LEU D 273 -18.77 2.44 -17.74
N ILE D 274 -17.80 1.75 -17.17
CA ILE D 274 -18.08 0.91 -16.01
C ILE D 274 -18.45 1.78 -14.81
N GLY D 275 -17.76 2.90 -14.62
CA GLY D 275 -18.13 3.81 -13.55
C GLY D 275 -19.51 4.41 -13.75
N LYS D 276 -19.84 4.77 -14.99
CA LYS D 276 -21.18 5.30 -15.27
C LYS D 276 -22.25 4.26 -15.01
N TYR D 277 -22.00 3.01 -15.42
CA TYR D 277 -22.96 1.95 -15.16
C TYR D 277 -23.11 1.68 -13.66
N MET D 278 -22.01 1.74 -12.92
CA MET D 278 -22.08 1.56 -11.47
C MET D 278 -22.88 2.68 -10.83
N LEU D 279 -22.68 3.92 -11.27
CA LEU D 279 -23.46 5.04 -10.75
C LEU D 279 -24.94 4.87 -11.07
N PHE D 280 -25.26 4.42 -12.29
CA PHE D 280 -26.65 4.21 -12.65
C PHE D 280 -27.27 3.09 -11.80
N THR D 281 -26.53 2.02 -11.54
CA THR D 281 -27.04 0.97 -10.68
C THR D 281 -27.27 1.48 -9.27
N MET D 282 -26.38 2.35 -8.78
CA MET D 282 -26.60 2.96 -7.47
C MET D 282 -27.85 3.83 -7.47
N ILE D 283 -28.08 4.58 -8.54
CA ILE D 283 -29.29 5.40 -8.66
C ILE D 283 -30.53 4.51 -8.61
N PHE D 284 -30.48 3.40 -9.35
CA PHE D 284 -31.62 2.48 -9.36
C PHE D 284 -31.84 1.86 -7.98
N VAL D 285 -30.75 1.54 -7.27
CA VAL D 285 -30.87 1.00 -5.92
C VAL D 285 -31.51 2.02 -4.99
N ILE D 286 -31.09 3.28 -5.11
CA ILE D 286 -31.67 4.34 -4.26
C ILE D 286 -33.16 4.48 -4.54
N SER D 287 -33.53 4.48 -5.83
CA SER D 287 -34.94 4.59 -6.18
C SER D 287 -35.73 3.40 -5.65
N SER D 288 -35.17 2.20 -5.76
CA SER D 288 -35.83 1.02 -5.22
C SER D 288 -35.98 1.11 -3.71
N ILE D 289 -34.98 1.66 -3.03
CA ILE D 289 -35.08 1.84 -1.58
C ILE D 289 -36.18 2.82 -1.22
N ILE D 290 -36.30 3.92 -1.99
CA ILE D 290 -37.36 4.88 -1.73
C ILE D 290 -38.72 4.23 -1.92
N ILE D 291 -38.88 3.49 -3.01
CA ILE D 291 -40.15 2.83 -3.28
C ILE D 291 -40.44 1.79 -2.20
N THR D 292 -39.40 1.10 -1.73
CA THR D 292 -39.57 0.10 -0.69
C THR D 292 -40.02 0.74 0.63
N VAL D 293 -39.45 1.89 0.97
CA VAL D 293 -39.89 2.59 2.18
C VAL D 293 -41.35 3.01 2.04
N VAL D 294 -41.71 3.51 0.86
CA VAL D 294 -43.11 3.88 0.61
C VAL D 294 -44.03 2.67 0.77
N VAL D 295 -43.61 1.52 0.24
CA VAL D 295 -44.42 0.31 0.31
C VAL D 295 -44.54 -0.18 1.75
N ILE D 296 -43.46 -0.11 2.52
CA ILE D 296 -43.50 -0.51 3.92
C ILE D 296 -44.48 0.38 4.68
N ASN D 297 -44.40 1.69 4.47
CA ASN D 297 -45.30 2.60 5.15
C ASN D 297 -46.75 2.35 4.74
N THR D 298 -46.98 2.06 3.45
CA THR D 298 -48.33 1.73 2.99
C THR D 298 -48.84 0.46 3.65
N HIS D 299 -47.99 -0.56 3.74
CA HIS D 299 -48.39 -1.82 4.35
C HIS D 299 -48.76 -1.64 5.80
N HIS D 300 -47.97 -0.85 6.54
CA HIS D 300 -48.24 -0.58 7.94
C HIS D 300 -49.13 0.62 8.16
N ARG D 301 -49.67 1.21 7.09
CA ARG D 301 -50.53 2.39 7.19
C ARG D 301 -51.85 1.98 7.83
N SER D 302 -51.99 2.22 9.13
CA SER D 302 -53.22 1.86 9.82
C SER D 302 -54.37 2.74 9.36
N PRO D 303 -55.58 2.19 9.24
CA PRO D 303 -56.73 3.02 8.83
C PRO D 303 -57.34 3.81 9.97
N SER D 304 -56.89 3.61 11.21
CA SER D 304 -57.47 4.33 12.34
C SER D 304 -57.25 5.83 12.23
N THR D 305 -56.16 6.25 11.57
CA THR D 305 -55.84 7.66 11.41
C THR D 305 -55.63 8.08 9.96
N HIS D 306 -55.47 7.13 9.04
CA HIS D 306 -55.25 7.44 7.63
C HIS D 306 -56.39 6.84 6.81
N THR D 307 -57.08 7.69 6.05
CA THR D 307 -58.12 7.25 5.14
C THR D 307 -57.50 6.77 3.83
N MET D 308 -58.35 6.16 2.99
CA MET D 308 -57.86 5.58 1.75
C MET D 308 -58.23 6.49 0.60
N PRO D 309 -57.25 7.06 -0.13
CA PRO D 309 -57.57 7.89 -1.30
C PRO D 309 -58.48 7.17 -2.27
N GLN D 310 -59.24 7.93 -3.06
CA GLN D 310 -60.18 7.33 -4.01
C GLN D 310 -59.48 6.93 -5.30
N TRP D 311 -58.54 7.74 -5.78
CA TRP D 311 -57.85 7.42 -7.01
C TRP D 311 -56.96 6.19 -6.86
N VAL D 312 -56.30 6.04 -5.71
CA VAL D 312 -55.49 4.84 -5.47
C VAL D 312 -56.38 3.61 -5.45
N ARG D 313 -57.46 3.67 -4.66
CA ARG D 313 -58.42 2.56 -4.59
C ARG D 313 -59.06 2.28 -5.93
N LYS D 314 -59.04 3.25 -6.85
CA LYS D 314 -59.49 2.99 -8.22
C LYS D 314 -58.41 2.24 -9.00
N ILE D 315 -57.26 2.89 -9.22
CA ILE D 315 -56.27 2.33 -10.13
C ILE D 315 -55.69 1.04 -9.57
N PHE D 316 -55.03 1.11 -8.42
CA PHE D 316 -54.24 -0.02 -7.93
C PHE D 316 -55.10 -1.21 -7.55
N ILE D 317 -56.41 -1.02 -7.40
CA ILE D 317 -57.30 -2.09 -7.00
C ILE D 317 -58.05 -2.68 -8.20
N ASP D 318 -58.39 -1.86 -9.20
CA ASP D 318 -59.21 -2.34 -10.30
C ASP D 318 -58.46 -2.44 -11.62
N THR D 319 -57.69 -1.41 -12.00
CA THR D 319 -57.14 -1.38 -13.35
C THR D 319 -55.83 -2.15 -13.43
N ILE D 320 -54.88 -1.84 -12.53
CA ILE D 320 -53.58 -2.51 -12.57
C ILE D 320 -53.70 -4.02 -12.37
N PRO D 321 -54.46 -4.53 -11.40
CA PRO D 321 -54.55 -6.00 -11.26
C PRO D 321 -55.07 -6.71 -12.49
N ASN D 322 -55.92 -6.07 -13.28
CA ASN D 322 -56.45 -6.67 -14.49
C ASN D 322 -55.85 -6.03 -15.74
N ILE D 376 -78.01 -6.46 33.54
CA ILE D 376 -77.30 -5.33 32.95
C ILE D 376 -75.90 -5.76 32.56
N GLU D 377 -75.48 -6.93 33.04
CA GLU D 377 -74.17 -7.48 32.74
C GLU D 377 -74.17 -8.32 31.47
N GLY D 378 -75.31 -8.50 30.83
CA GLY D 378 -75.41 -9.30 29.62
C GLY D 378 -75.31 -8.48 28.35
N VAL D 379 -74.79 -7.26 28.46
CA VAL D 379 -74.66 -6.39 27.30
C VAL D 379 -73.59 -6.95 26.36
N LYS D 380 -73.94 -7.07 25.08
CA LYS D 380 -73.03 -7.61 24.08
C LYS D 380 -72.08 -6.50 23.62
N TYR D 381 -71.13 -6.18 24.49
CA TYR D 381 -70.13 -5.16 24.22
C TYR D 381 -69.13 -5.58 23.17
N ILE D 382 -69.09 -6.86 22.82
CA ILE D 382 -68.06 -7.37 21.91
C ILE D 382 -68.49 -7.37 20.45
N ALA D 383 -69.79 -7.44 20.16
CA ALA D 383 -70.23 -7.57 18.78
C ALA D 383 -69.94 -6.31 17.97
N GLU D 384 -70.26 -5.14 18.53
CA GLU D 384 -70.01 -3.89 17.82
C GLU D 384 -68.52 -3.66 17.60
N HIS D 385 -67.71 -3.96 18.62
CA HIS D 385 -66.26 -3.81 18.46
C HIS D 385 -65.70 -4.82 17.47
N MET D 386 -66.27 -6.02 17.40
CA MET D 386 -65.86 -6.98 16.39
C MET D 386 -66.18 -6.47 14.99
N LYS D 387 -67.35 -5.86 14.82
CA LYS D 387 -67.71 -5.29 13.52
C LYS D 387 -66.76 -4.16 13.14
N SER D 388 -66.45 -3.28 14.10
CA SER D 388 -65.52 -2.19 13.82
C SER D 388 -64.12 -2.72 13.49
N ASP D 389 -63.68 -3.75 14.22
CA ASP D 389 -62.40 -4.37 13.92
C ASP D 389 -62.40 -5.00 12.53
N GLU D 390 -63.52 -5.60 12.13
CA GLU D 390 -63.62 -6.17 10.79
C GLU D 390 -63.50 -5.08 9.72
N GLU D 391 -64.16 -3.94 9.94
CA GLU D 391 -64.05 -2.84 8.98
C GLU D 391 -62.61 -2.33 8.90
N SER D 392 -61.97 -2.15 10.06
CA SER D 392 -60.58 -1.69 10.08
C SER D 392 -59.66 -2.70 9.41
N SER D 393 -59.92 -3.99 9.62
CA SER D 393 -59.10 -5.02 8.99
C SER D 393 -59.31 -5.06 7.48
N ASN D 394 -60.53 -4.79 7.02
CA ASN D 394 -60.76 -4.70 5.58
C ASN D 394 -60.00 -3.53 4.98
N ALA D 395 -60.01 -2.38 5.65
CA ALA D 395 -59.24 -1.24 5.15
C ALA D 395 -57.74 -1.55 5.15
N ALA D 396 -57.26 -2.19 6.22
CA ALA D 396 -55.84 -2.57 6.27
C ALA D 396 -55.50 -3.56 5.17
N GLU D 397 -56.40 -4.50 4.90
CA GLU D 397 -56.19 -5.46 3.81
C GLU D 397 -56.15 -4.76 2.46
N GLU D 398 -56.98 -3.73 2.27
CA GLU D 398 -56.88 -2.93 1.06
C GLU D 398 -55.51 -2.27 0.95
N TRP D 399 -54.99 -1.78 2.08
CA TRP D 399 -53.63 -1.23 2.07
C TRP D 399 -52.60 -2.31 1.70
N LYS D 400 -52.75 -3.51 2.24
CA LYS D 400 -51.85 -4.61 1.91
C LYS D 400 -51.90 -4.92 0.43
N TYR D 401 -53.11 -4.93 -0.15
CA TYR D 401 -53.26 -5.20 -1.58
C TYR D 401 -52.61 -4.12 -2.41
N VAL D 402 -52.75 -2.86 -2.01
CA VAL D 402 -52.09 -1.77 -2.72
C VAL D 402 -50.58 -1.95 -2.69
N ALA D 403 -50.05 -2.29 -1.50
CA ALA D 403 -48.60 -2.51 -1.38
C ALA D 403 -48.14 -3.66 -2.27
N MET D 404 -48.90 -4.76 -2.29
CA MET D 404 -48.54 -5.90 -3.12
C MET D 404 -48.57 -5.55 -4.60
N VAL D 405 -49.57 -4.78 -5.02
CA VAL D 405 -49.67 -4.37 -6.43
C VAL D 405 -48.48 -3.49 -6.80
N ILE D 406 -48.12 -2.55 -5.92
CA ILE D 406 -46.96 -1.70 -6.19
C ILE D 406 -45.69 -2.55 -6.30
N ASP D 407 -45.54 -3.52 -5.40
CA ASP D 407 -44.36 -4.39 -5.44
C ASP D 407 -44.30 -5.17 -6.74
N HIS D 408 -45.43 -5.72 -7.19
CA HIS D 408 -45.44 -6.48 -8.43
C HIS D 408 -45.17 -5.60 -9.64
N ILE D 409 -45.68 -4.36 -9.64
CA ILE D 409 -45.40 -3.45 -10.75
C ILE D 409 -43.90 -3.13 -10.80
N LEU D 410 -43.31 -2.86 -9.64
CA LEU D 410 -41.87 -2.58 -9.61
C LEU D 410 -41.06 -3.80 -10.04
N LEU D 411 -41.52 -5.00 -9.65
CA LEU D 411 -40.83 -6.21 -10.09
C LEU D 411 -40.90 -6.38 -11.60
N CYS D 412 -42.06 -6.09 -12.19
CA CYS D 412 -42.20 -6.17 -13.64
C CYS D 412 -41.30 -5.14 -14.33
N VAL D 413 -41.20 -3.94 -13.76
CA VAL D 413 -40.32 -2.92 -14.31
C VAL D 413 -38.87 -3.39 -14.28
N PHE D 414 -38.45 -3.99 -13.15
CA PHE D 414 -37.09 -4.50 -13.05
C PHE D 414 -36.86 -5.63 -14.04
N MET D 415 -37.85 -6.51 -14.24
CA MET D 415 -37.70 -7.58 -15.20
C MET D 415 -37.53 -7.03 -16.62
N LEU D 416 -38.31 -6.01 -16.96
CA LEU D 416 -38.16 -5.38 -18.28
C LEU D 416 -36.78 -4.74 -18.43
N ILE D 417 -36.29 -4.10 -17.37
CA ILE D 417 -34.95 -3.49 -17.41
C ILE D 417 -33.89 -4.57 -17.61
N CYS D 418 -34.03 -5.70 -16.90
CA CYS D 418 -33.07 -6.79 -17.07
C CYS D 418 -33.12 -7.37 -18.48
N ILE D 419 -34.33 -7.49 -19.05
CA ILE D 419 -34.46 -8.01 -20.40
C ILE D 419 -33.79 -7.08 -21.41
N ILE D 420 -34.05 -5.78 -21.29
CA ILE D 420 -33.46 -4.85 -22.25
C ILE D 420 -31.95 -4.74 -22.06
N GLY D 421 -31.46 -4.95 -20.83
CA GLY D 421 -30.03 -4.92 -20.59
C GLY D 421 -29.31 -6.16 -21.06
N ASN E 2 57.07 -10.86 -3.01
CA ASN E 2 55.97 -11.61 -3.60
C ASN E 2 56.13 -11.70 -5.11
N GLU E 3 56.29 -12.93 -5.61
CA GLU E 3 56.47 -13.13 -7.05
C GLU E 3 55.19 -12.88 -7.83
N GLU E 4 54.04 -12.93 -7.17
CA GLU E 4 52.77 -12.64 -7.85
C GLU E 4 52.76 -11.23 -8.42
N GLY E 5 53.42 -10.29 -7.76
CA GLY E 5 53.49 -8.93 -8.29
C GLY E 5 54.19 -8.88 -9.63
N ARG E 6 55.36 -9.52 -9.72
CA ARG E 6 56.08 -9.56 -10.98
C ARG E 6 55.28 -10.31 -12.05
N LEU E 7 54.65 -11.42 -11.66
CA LEU E 7 53.87 -12.20 -12.63
C LEU E 7 52.72 -11.38 -13.19
N ILE E 8 51.98 -10.68 -12.32
CA ILE E 8 50.82 -9.93 -12.78
C ILE E 8 51.24 -8.71 -13.60
N GLU E 9 52.30 -8.02 -13.17
CA GLU E 9 52.76 -6.88 -13.96
C GLU E 9 53.32 -7.33 -15.31
N LYS E 10 53.80 -8.57 -15.40
CA LYS E 10 54.23 -9.10 -16.68
C LYS E 10 53.03 -9.46 -17.56
N LEU E 11 52.00 -10.06 -16.97
CA LEU E 11 50.85 -10.50 -17.75
C LEU E 11 50.08 -9.31 -18.32
N LEU E 12 49.74 -8.34 -17.47
CA LEU E 12 48.88 -7.23 -17.86
C LEU E 12 49.65 -6.07 -18.47
N GLY E 13 50.89 -6.29 -18.91
CA GLY E 13 51.64 -5.24 -19.55
C GLY E 13 51.10 -4.88 -20.92
N ASP E 14 51.23 -5.81 -21.86
CA ASP E 14 50.70 -5.63 -23.21
C ASP E 14 49.36 -6.36 -23.34
N TYR E 15 48.39 -5.91 -22.56
CA TYR E 15 47.08 -6.55 -22.50
C TYR E 15 46.01 -5.48 -22.35
N ASP E 16 44.95 -5.60 -23.14
CA ASP E 16 43.79 -4.72 -23.02
C ASP E 16 42.52 -5.56 -23.08
N LYS E 17 41.55 -5.18 -22.25
CA LYS E 17 40.34 -5.95 -22.02
C LYS E 17 39.28 -5.76 -23.10
N ARG E 18 39.58 -5.01 -24.16
CA ARG E 18 38.58 -4.70 -25.17
C ARG E 18 38.63 -5.65 -26.37
N ILE E 19 39.42 -6.72 -26.30
CA ILE E 19 39.65 -7.58 -27.44
C ILE E 19 39.45 -9.03 -27.01
N ILE E 20 38.62 -9.75 -27.77
CA ILE E 20 38.39 -11.17 -27.49
C ILE E 20 39.68 -11.95 -27.78
N PRO E 21 40.11 -12.84 -26.88
CA PRO E 21 41.41 -13.51 -27.05
C PRO E 21 41.35 -14.67 -28.05
N ALA E 22 40.99 -14.35 -29.29
CA ALA E 22 41.02 -15.35 -30.35
C ALA E 22 42.45 -15.57 -30.81
N LYS E 23 42.85 -16.83 -30.91
CA LYS E 23 44.21 -17.16 -31.34
C LYS E 23 44.50 -16.63 -32.73
N THR E 24 43.63 -16.95 -33.69
CA THR E 24 43.78 -16.51 -35.07
C THR E 24 42.39 -16.14 -35.58
N LEU E 25 42.32 -15.79 -36.86
CA LEU E 25 41.03 -15.56 -37.50
C LEU E 25 40.24 -16.87 -37.55
N ASP E 26 38.94 -16.76 -37.33
CA ASP E 26 38.05 -17.92 -37.27
C ASP E 26 38.48 -18.89 -36.16
N HIS E 27 38.50 -18.37 -34.93
CA HIS E 27 38.80 -19.15 -33.74
C HIS E 27 37.74 -18.83 -32.70
N ILE E 28 36.87 -19.80 -32.41
CA ILE E 28 35.75 -19.58 -31.52
C ILE E 28 36.19 -19.89 -30.09
N ILE E 29 35.90 -18.96 -29.18
CA ILE E 29 36.23 -19.14 -27.76
C ILE E 29 35.15 -19.98 -27.11
N ASP E 30 35.55 -21.07 -26.47
CA ASP E 30 34.62 -21.97 -25.78
C ASP E 30 34.39 -21.43 -24.37
N VAL E 31 33.21 -20.85 -24.15
CA VAL E 31 32.81 -20.34 -22.85
C VAL E 31 31.77 -21.29 -22.28
N THR E 32 32.04 -21.84 -21.10
CA THR E 32 31.14 -22.81 -20.49
C THR E 32 30.58 -22.26 -19.18
N LEU E 33 29.31 -22.58 -18.92
CA LEU E 33 28.57 -22.04 -17.79
C LEU E 33 28.15 -23.16 -16.85
N LYS E 34 28.02 -22.81 -15.58
CA LYS E 34 27.49 -23.73 -14.57
C LYS E 34 26.82 -22.92 -13.48
N LEU E 35 25.52 -23.08 -13.33
CA LEU E 35 24.79 -22.37 -12.29
C LEU E 35 24.82 -23.17 -11.00
N THR E 36 24.72 -22.45 -9.88
CA THR E 36 24.58 -23.07 -8.57
C THR E 36 23.56 -22.28 -7.77
N LEU E 37 22.45 -22.90 -7.42
CA LEU E 37 21.37 -22.21 -6.72
C LEU E 37 21.60 -22.34 -5.22
N THR E 38 21.88 -21.21 -4.57
CA THR E 38 22.08 -21.20 -3.12
C THR E 38 20.77 -21.11 -2.36
N ASN E 39 19.87 -20.24 -2.81
CA ASN E 39 18.58 -20.05 -2.13
C ASN E 39 17.58 -19.50 -3.12
N LEU E 40 16.44 -20.17 -3.27
CA LEU E 40 15.33 -19.66 -4.06
C LEU E 40 14.62 -18.63 -3.18
N ILE E 41 15.00 -17.36 -3.33
CA ILE E 41 14.57 -16.34 -2.38
C ILE E 41 13.06 -16.17 -2.41
N SER E 42 12.49 -15.98 -3.59
CA SER E 42 11.05 -15.75 -3.65
C SER E 42 10.54 -15.91 -5.07
N LEU E 43 9.22 -16.06 -5.18
CA LEU E 43 8.50 -15.99 -6.45
C LEU E 43 7.37 -15.00 -6.24
N ASN E 44 7.59 -13.74 -6.61
CA ASN E 44 6.60 -12.69 -6.45
C ASN E 44 5.60 -12.80 -7.59
N GLU E 45 4.37 -13.23 -7.27
CA GLU E 45 3.37 -13.46 -8.31
C GLU E 45 2.88 -12.15 -8.92
N LYS E 46 2.76 -11.10 -8.10
CA LYS E 46 2.22 -9.83 -8.60
C LYS E 46 3.09 -9.27 -9.71
N GLU E 47 4.41 -9.31 -9.54
CA GLU E 47 5.33 -8.89 -10.59
C GLU E 47 5.73 -10.02 -11.51
N GLU E 48 5.26 -11.24 -11.24
CA GLU E 48 5.64 -12.42 -12.04
C GLU E 48 7.15 -12.59 -12.11
N ALA E 49 7.82 -12.36 -10.98
CA ALA E 49 9.28 -12.40 -10.94
C ALA E 49 9.73 -13.55 -10.04
N LEU E 50 10.89 -14.11 -10.38
CA LEU E 50 11.54 -15.15 -9.59
C LEU E 50 12.87 -14.61 -9.12
N THR E 51 12.99 -14.37 -7.81
CA THR E 51 14.21 -13.84 -7.22
C THR E 51 15.00 -15.00 -6.63
N THR E 52 16.20 -15.22 -7.15
CA THR E 52 17.05 -16.32 -6.72
C THR E 52 18.46 -15.82 -6.43
N ASN E 53 19.09 -16.47 -5.46
CA ASN E 53 20.49 -16.23 -5.12
C ASN E 53 21.31 -17.36 -5.75
N VAL E 54 22.24 -17.00 -6.64
CA VAL E 54 22.99 -18.00 -7.38
C VAL E 54 24.47 -17.64 -7.36
N TRP E 55 25.29 -18.66 -7.61
CA TRP E 55 26.69 -18.50 -7.98
C TRP E 55 26.82 -18.98 -9.41
N ILE E 56 27.27 -18.12 -10.31
CA ILE E 56 27.42 -18.50 -11.72
C ILE E 56 28.89 -18.73 -11.99
N GLU E 57 29.21 -19.85 -12.62
CA GLU E 57 30.59 -20.24 -12.90
C GLU E 57 30.79 -20.15 -14.42
N ILE E 58 31.58 -19.17 -14.84
CA ILE E 58 31.93 -18.98 -16.23
C ILE E 58 33.39 -19.38 -16.40
N GLN E 59 33.65 -20.27 -17.35
CA GLN E 59 35.00 -20.82 -17.52
C GLN E 59 35.37 -20.73 -18.99
N TRP E 60 36.56 -20.22 -19.27
CA TRP E 60 37.02 -20.11 -20.65
C TRP E 60 38.54 -20.18 -20.67
N ASN E 61 39.13 -19.81 -21.80
CA ASN E 61 40.57 -19.84 -21.97
C ASN E 61 41.04 -18.55 -22.63
N ASP E 62 42.06 -17.94 -22.05
CA ASP E 62 42.64 -16.69 -22.56
C ASP E 62 44.14 -16.94 -22.76
N TYR E 63 44.56 -17.13 -24.00
CA TYR E 63 45.94 -17.50 -24.29
C TYR E 63 46.93 -16.41 -23.89
N ARG E 64 46.48 -15.16 -23.81
CA ARG E 64 47.39 -14.08 -23.43
C ARG E 64 47.82 -14.20 -21.97
N LEU E 65 46.96 -14.73 -21.11
CA LEU E 65 47.24 -14.85 -19.68
C LEU E 65 47.79 -16.24 -19.36
N SER E 66 48.90 -16.59 -20.01
CA SER E 66 49.57 -17.86 -19.79
C SER E 66 51.04 -17.61 -19.49
N TRP E 67 51.56 -18.28 -18.47
CA TRP E 67 52.96 -18.11 -18.10
C TRP E 67 53.65 -19.44 -17.85
N ASN E 68 54.86 -19.40 -17.32
CA ASN E 68 55.69 -20.57 -17.09
C ASN E 68 55.98 -20.67 -15.60
N THR E 69 55.47 -21.72 -14.96
CA THR E 69 55.57 -21.83 -13.50
C THR E 69 57.02 -21.93 -13.05
N SER E 70 57.89 -22.51 -13.87
CA SER E 70 59.29 -22.66 -13.46
C SER E 70 59.97 -21.32 -13.27
N GLU E 71 59.51 -20.27 -13.96
CA GLU E 71 60.12 -18.96 -13.89
C GLU E 71 59.51 -18.07 -12.81
N TYR E 72 58.48 -18.54 -12.11
CA TYR E 72 57.80 -17.75 -11.10
C TYR E 72 57.59 -18.55 -9.83
N GLU E 73 58.59 -19.35 -9.45
CA GLU E 73 58.58 -20.11 -8.21
C GLU E 73 57.36 -21.04 -8.11
N GLY E 74 56.98 -21.63 -9.25
CA GLY E 74 55.90 -22.58 -9.27
C GLY E 74 54.53 -22.04 -8.93
N ILE E 75 54.22 -20.82 -9.38
CA ILE E 75 52.91 -20.24 -9.20
C ILE E 75 52.04 -20.67 -10.38
N ASP E 76 50.93 -21.33 -10.09
CA ASP E 76 50.05 -21.87 -11.12
C ASP E 76 48.64 -21.33 -11.06
N LEU E 77 48.37 -20.34 -10.21
CA LEU E 77 47.02 -19.81 -10.06
C LEU E 77 47.14 -18.43 -9.42
N VAL E 78 46.58 -17.42 -10.08
CA VAL E 78 46.53 -16.09 -9.48
C VAL E 78 45.14 -15.50 -9.66
N ARG E 79 44.76 -14.63 -8.72
CA ARG E 79 43.48 -13.95 -8.77
C ARG E 79 43.69 -12.55 -9.34
N ILE E 80 42.95 -12.23 -10.38
CA ILE E 80 43.03 -10.91 -11.01
C ILE E 80 41.64 -10.28 -10.95
N PRO E 81 41.51 -9.00 -10.61
CA PRO E 81 40.18 -8.38 -10.62
C PRO E 81 39.55 -8.47 -12.00
N SER E 82 38.25 -8.74 -12.02
CA SER E 82 37.56 -8.93 -13.29
C SER E 82 37.50 -7.66 -14.12
N GLU E 83 37.63 -6.49 -13.48
CA GLU E 83 37.61 -5.24 -14.23
C GLU E 83 38.83 -5.07 -15.11
N LEU E 84 39.93 -5.77 -14.82
CA LEU E 84 41.16 -5.65 -15.59
C LEU E 84 41.28 -6.71 -16.68
N LEU E 85 40.29 -7.56 -16.85
CA LEU E 85 40.37 -8.67 -17.79
C LEU E 85 39.22 -8.62 -18.78
N TRP E 86 39.43 -9.27 -19.93
CA TRP E 86 38.36 -9.46 -20.89
C TRP E 86 37.38 -10.48 -20.37
N LEU E 87 36.08 -10.19 -20.51
CA LEU E 87 35.05 -11.09 -20.06
C LEU E 87 34.13 -11.45 -21.22
N PRO E 88 33.55 -12.66 -21.22
CA PRO E 88 32.65 -13.05 -22.32
C PRO E 88 31.32 -12.31 -22.31
N ASP E 89 31.03 -11.53 -21.27
CA ASP E 89 29.79 -10.75 -21.18
C ASP E 89 28.56 -11.66 -21.25
N VAL E 90 28.48 -12.59 -20.31
CA VAL E 90 27.33 -13.48 -20.18
C VAL E 90 26.32 -12.79 -19.28
N VAL E 91 25.10 -12.62 -19.78
CA VAL E 91 24.06 -11.88 -19.08
C VAL E 91 22.77 -12.70 -19.05
N LEU E 92 21.94 -12.38 -18.06
CA LEU E 92 20.61 -12.97 -17.93
C LEU E 92 19.64 -12.17 -18.80
N GLU E 93 19.15 -12.80 -19.86
CA GLU E 93 18.34 -12.07 -20.83
C GLU E 93 16.95 -11.76 -20.30
N ASN E 94 16.33 -12.72 -19.62
CA ASN E 94 14.95 -12.57 -19.18
C ASN E 94 14.90 -12.07 -17.73
N ASN E 95 15.31 -10.82 -17.56
CA ASN E 95 15.30 -10.17 -16.26
C ASN E 95 14.23 -9.09 -16.23
N VAL E 96 13.50 -9.03 -15.11
CA VAL E 96 12.41 -8.07 -15.00
C VAL E 96 12.94 -6.64 -14.94
N ASP E 97 14.05 -6.43 -14.25
CA ASP E 97 14.66 -5.12 -14.13
C ASP E 97 15.77 -4.97 -15.16
N GLY E 98 16.53 -3.89 -15.06
CA GLY E 98 17.63 -3.62 -15.98
C GLY E 98 18.93 -4.29 -15.62
N GLN E 99 18.95 -5.12 -14.57
CA GLN E 99 20.18 -5.77 -14.11
C GLN E 99 20.49 -6.94 -15.03
N PHE E 100 21.46 -6.76 -15.92
CA PHE E 100 21.87 -7.81 -16.85
C PHE E 100 23.05 -8.62 -16.30
N GLU E 101 24.11 -7.94 -15.89
CA GLU E 101 25.32 -8.62 -15.45
C GLU E 101 25.24 -8.96 -13.96
N VAL E 102 26.29 -9.59 -13.46
CA VAL E 102 26.33 -10.06 -12.08
C VAL E 102 26.43 -8.87 -11.13
N ALA E 103 26.20 -9.12 -9.85
CA ALA E 103 26.13 -8.03 -8.87
C ALA E 103 27.48 -7.65 -8.29
N TYR E 104 28.36 -8.62 -8.05
CA TYR E 104 29.57 -8.35 -7.29
C TYR E 104 30.81 -8.12 -8.15
N TYR E 105 30.96 -8.85 -9.25
CA TYR E 105 32.17 -8.79 -10.08
C TYR E 105 33.41 -9.21 -9.27
N ALA E 106 33.40 -10.48 -8.86
CA ALA E 106 34.50 -11.02 -8.06
C ALA E 106 35.77 -11.14 -8.91
N ASN E 107 36.84 -11.61 -8.26
CA ASN E 107 38.08 -11.85 -8.97
C ASN E 107 37.97 -13.10 -9.84
N VAL E 108 38.85 -13.18 -10.84
CA VAL E 108 38.93 -14.30 -11.75
C VAL E 108 40.20 -15.08 -11.43
N LEU E 109 40.07 -16.38 -11.27
CA LEU E 109 41.23 -17.25 -11.08
C LEU E 109 41.79 -17.62 -12.45
N VAL E 110 43.03 -17.23 -12.72
CA VAL E 110 43.68 -17.54 -13.98
C VAL E 110 44.83 -18.49 -13.70
N TYR E 111 44.94 -19.53 -14.51
CA TYR E 111 45.93 -20.57 -14.34
C TYR E 111 47.10 -20.36 -15.30
N ASN E 112 48.14 -21.17 -15.13
CA ASN E 112 49.35 -21.01 -15.92
C ASN E 112 49.11 -21.28 -17.39
N ASP E 113 48.14 -22.13 -17.71
CA ASP E 113 47.85 -22.47 -19.10
C ASP E 113 46.87 -21.52 -19.75
N GLY E 114 46.39 -20.51 -19.02
CA GLY E 114 45.43 -19.57 -19.55
C GLY E 114 44.00 -19.86 -19.19
N SER E 115 43.73 -20.90 -18.40
CA SER E 115 42.37 -21.21 -18.02
C SER E 115 41.83 -20.12 -17.08
N MET E 116 40.63 -19.64 -17.39
CA MET E 116 39.99 -18.56 -16.66
C MET E 116 38.74 -19.12 -15.99
N TYR E 117 38.66 -18.93 -14.68
CA TYR E 117 37.58 -19.46 -13.85
C TYR E 117 36.99 -18.29 -13.07
N TRP E 118 35.75 -17.91 -13.36
CA TRP E 118 35.08 -16.80 -12.71
C TRP E 118 33.84 -17.33 -12.03
N LEU E 119 33.68 -17.03 -10.74
CA LEU E 119 32.53 -17.50 -9.97
C LEU E 119 31.94 -16.33 -9.19
N PRO E 120 31.21 -15.45 -9.86
CA PRO E 120 30.55 -14.36 -9.16
C PRO E 120 29.18 -14.78 -8.63
N PRO E 121 28.78 -14.26 -7.48
CA PRO E 121 27.40 -14.44 -7.01
C PRO E 121 26.49 -13.39 -7.61
N ALA E 122 25.19 -13.69 -7.56
CA ALA E 122 24.22 -12.78 -8.16
C ALA E 122 22.86 -13.01 -7.55
N ILE E 123 22.08 -11.93 -7.51
CA ILE E 123 20.65 -11.96 -7.20
C ILE E 123 19.92 -11.73 -8.50
N TYR E 124 19.28 -12.77 -9.01
CA TYR E 124 18.63 -12.71 -10.32
C TYR E 124 17.13 -12.64 -10.14
N ARG E 125 16.53 -11.58 -10.68
CA ARG E 125 15.08 -11.43 -10.74
C ARG E 125 14.64 -11.77 -12.15
N SER E 126 14.55 -13.07 -12.43
CA SER E 126 14.14 -13.52 -13.74
C SER E 126 12.63 -13.37 -13.90
N THR E 127 12.18 -13.38 -15.15
CA THR E 127 10.76 -13.29 -15.47
C THR E 127 10.24 -14.63 -15.96
N CYS E 128 9.09 -15.05 -15.45
CA CYS E 128 8.43 -16.23 -15.93
C CYS E 128 6.93 -16.06 -15.78
N PRO E 129 6.15 -16.30 -16.83
CA PRO E 129 4.69 -16.24 -16.69
C PRO E 129 4.19 -17.26 -15.68
N ILE E 130 3.22 -16.85 -14.89
CA ILE E 130 2.69 -17.66 -13.80
C ILE E 130 1.44 -18.37 -14.33
N ALA E 131 1.51 -19.69 -14.44
CA ALA E 131 0.33 -20.49 -14.76
C ALA E 131 -0.51 -20.60 -13.50
N VAL E 132 -1.54 -19.78 -13.41
CA VAL E 132 -2.34 -19.66 -12.20
C VAL E 132 -3.62 -20.49 -12.28
N THR E 133 -3.68 -21.43 -13.22
CA THR E 133 -4.91 -22.19 -13.44
C THR E 133 -5.29 -23.01 -12.21
N TYR E 134 -4.32 -23.64 -11.56
CA TYR E 134 -4.59 -24.57 -10.47
C TYR E 134 -4.18 -24.00 -9.11
N PHE E 135 -4.09 -22.69 -8.97
CA PHE E 135 -3.74 -22.09 -7.69
C PHE E 135 -4.78 -22.48 -6.64
N PRO E 136 -4.35 -22.83 -5.41
CA PRO E 136 -2.98 -22.88 -4.93
C PRO E 136 -2.28 -24.22 -5.13
N PHE E 137 -2.95 -25.18 -5.76
CA PHE E 137 -2.36 -26.49 -6.01
C PHE E 137 -1.64 -26.53 -7.36
N ASP E 138 -0.75 -25.56 -7.58
CA ASP E 138 -0.14 -25.37 -8.88
C ASP E 138 1.37 -25.54 -8.80
N TRP E 139 1.96 -25.85 -9.94
CA TRP E 139 3.42 -25.90 -10.09
C TRP E 139 3.83 -24.94 -11.20
N GLN E 140 4.92 -24.24 -10.97
CA GLN E 140 5.41 -23.20 -11.88
C GLN E 140 6.69 -23.67 -12.56
N ASN E 141 6.80 -23.36 -13.85
CA ASN E 141 7.92 -23.77 -14.69
C ASN E 141 8.67 -22.51 -15.12
N CYS E 142 9.57 -22.04 -14.26
CA CYS E 142 10.32 -20.82 -14.54
C CYS E 142 11.67 -21.17 -15.16
N SER E 143 12.32 -20.17 -15.74
CA SER E 143 13.58 -20.41 -16.41
C SER E 143 14.47 -19.17 -16.31
N LEU E 144 15.78 -19.41 -16.34
CA LEU E 144 16.78 -18.37 -16.42
C LEU E 144 17.55 -18.56 -17.72
N VAL E 145 17.56 -17.52 -18.56
CA VAL E 145 18.16 -17.59 -19.88
C VAL E 145 19.43 -16.75 -19.87
N PHE E 146 20.55 -17.36 -20.22
CA PHE E 146 21.83 -16.68 -20.27
C PHE E 146 22.33 -16.63 -21.71
N ARG E 147 22.68 -15.44 -22.16
CA ARG E 147 23.20 -15.21 -23.50
C ARG E 147 24.50 -14.41 -23.39
N SER E 148 25.12 -14.18 -24.54
CA SER E 148 26.26 -13.28 -24.64
C SER E 148 25.76 -11.95 -25.17
N GLN E 149 25.92 -10.88 -24.38
CA GLN E 149 25.33 -9.60 -24.75
C GLN E 149 26.01 -8.99 -25.96
N THR E 150 27.27 -9.32 -26.21
CA THR E 150 28.02 -8.69 -27.29
C THR E 150 28.47 -9.65 -28.37
N TYR E 151 28.97 -10.83 -28.02
CA TYR E 151 29.54 -11.74 -28.99
C TYR E 151 28.49 -12.72 -29.51
N ASN E 152 28.69 -13.17 -30.75
CA ASN E 152 27.80 -14.08 -31.44
C ASN E 152 28.43 -15.46 -31.56
N ALA E 153 27.73 -16.35 -32.24
CA ALA E 153 28.14 -17.75 -32.33
C ALA E 153 29.39 -17.96 -33.17
N HIS E 154 29.81 -16.97 -33.96
CA HIS E 154 31.07 -17.06 -34.67
C HIS E 154 32.26 -16.62 -33.83
N GLU E 155 32.02 -16.12 -32.62
CA GLU E 155 33.07 -15.65 -31.74
C GLU E 155 33.15 -16.44 -30.44
N VAL E 156 32.03 -16.66 -29.77
CA VAL E 156 31.99 -17.47 -28.55
C VAL E 156 31.14 -18.70 -28.81
N ASN E 157 31.27 -19.67 -27.91
CA ASN E 157 30.53 -20.94 -28.01
C ASN E 157 30.05 -21.29 -26.60
N LEU E 158 28.81 -20.90 -26.29
CA LEU E 158 28.24 -21.19 -24.99
C LEU E 158 28.03 -22.70 -24.84
N GLN E 159 28.42 -23.25 -23.70
CA GLN E 159 28.32 -24.67 -23.44
C GLN E 159 28.05 -24.90 -21.97
N LEU E 160 27.61 -26.11 -21.64
CA LEU E 160 27.43 -26.53 -20.27
C LEU E 160 28.72 -27.14 -19.74
N SER E 161 28.94 -27.00 -18.44
CA SER E 161 30.16 -27.51 -17.83
C SER E 161 30.18 -29.03 -17.81
N ALA E 162 31.39 -29.58 -17.84
CA ALA E 162 31.59 -31.03 -17.76
C ALA E 162 32.53 -31.34 -16.60
N GLU E 163 32.34 -32.51 -16.00
CA GLU E 163 33.13 -32.92 -14.85
C GLU E 163 34.12 -34.03 -15.19
N GLU E 164 33.63 -35.15 -15.72
CA GLU E 164 34.49 -36.25 -16.15
C GLU E 164 34.03 -36.77 -17.50
N GLY E 165 33.74 -35.85 -18.42
CA GLY E 165 33.14 -36.18 -19.69
C GLY E 165 31.64 -36.10 -19.73
N GLU E 166 30.99 -36.03 -18.56
CA GLU E 166 29.54 -35.89 -18.48
C GLU E 166 29.20 -34.42 -18.30
N ALA E 167 28.43 -33.88 -19.25
CA ALA E 167 28.04 -32.48 -19.17
C ALA E 167 27.05 -32.27 -18.03
N VAL E 168 27.25 -31.20 -17.26
CA VAL E 168 26.35 -30.88 -16.17
C VAL E 168 25.07 -30.30 -16.76
N GLU E 169 23.98 -31.08 -16.69
CA GLU E 169 22.71 -30.71 -17.29
C GLU E 169 21.69 -30.25 -16.25
N TRP E 170 22.15 -29.77 -15.10
CA TRP E 170 21.27 -29.39 -14.00
C TRP E 170 21.81 -28.14 -13.34
N ILE E 171 21.14 -27.72 -12.26
CA ILE E 171 21.50 -26.49 -11.57
C ILE E 171 22.45 -26.71 -10.40
N HIS E 172 22.72 -27.97 -10.04
CA HIS E 172 23.77 -28.32 -9.08
C HIS E 172 23.54 -27.62 -7.73
N ILE E 173 22.48 -28.06 -7.05
CA ILE E 173 22.26 -27.63 -5.68
C ILE E 173 23.40 -28.13 -4.80
N ASP E 174 24.05 -27.19 -4.10
CA ASP E 174 25.19 -27.52 -3.27
C ASP E 174 24.71 -27.84 -1.85
N PRO E 175 24.98 -29.05 -1.34
CA PRO E 175 24.49 -29.40 0.01
C PRO E 175 25.01 -28.49 1.11
N GLU E 176 26.24 -27.97 0.97
CA GLU E 176 26.83 -27.18 2.04
C GLU E 176 26.08 -25.88 2.28
N ASP E 177 25.63 -25.22 1.22
CA ASP E 177 25.08 -23.88 1.31
C ASP E 177 23.77 -23.77 0.53
N PHE E 178 22.85 -24.69 0.77
CA PHE E 178 21.51 -24.62 0.20
C PHE E 178 20.48 -24.44 1.29
N THR E 179 19.42 -23.71 0.97
CA THR E 179 18.33 -23.44 1.91
C THR E 179 17.00 -23.66 1.21
N GLU E 180 16.11 -24.41 1.84
CA GLU E 180 14.78 -24.64 1.28
C GLU E 180 13.95 -23.36 1.36
N ASN E 181 13.11 -23.15 0.35
CA ASN E 181 12.31 -21.95 0.26
C ASN E 181 11.05 -22.01 1.11
N GLY E 182 10.66 -23.18 1.59
CA GLY E 182 9.43 -23.28 2.34
C GLY E 182 8.26 -23.64 1.47
N GLU E 183 7.50 -22.63 1.02
CA GLU E 183 6.30 -22.88 0.24
C GLU E 183 6.62 -23.52 -1.11
N TRP E 184 7.80 -23.27 -1.66
CA TRP E 184 8.19 -23.80 -2.96
C TRP E 184 9.20 -24.92 -2.79
N THR E 185 8.96 -26.05 -3.45
CA THR E 185 9.89 -27.16 -3.47
C THR E 185 10.29 -27.46 -4.91
N ILE E 186 11.58 -27.70 -5.12
CA ILE E 186 12.13 -27.86 -6.47
C ILE E 186 11.95 -29.31 -6.89
N ARG E 187 11.02 -29.54 -7.84
CA ARG E 187 10.80 -30.90 -8.30
C ARG E 187 11.80 -31.29 -9.39
N HIS E 188 12.08 -30.38 -10.31
CA HIS E 188 13.06 -30.63 -11.37
C HIS E 188 13.94 -29.40 -11.53
N ARG E 189 15.13 -29.61 -12.06
CA ARG E 189 16.04 -28.50 -12.31
C ARG E 189 16.97 -28.77 -13.48
N PRO E 190 16.44 -28.95 -14.70
CA PRO E 190 17.30 -29.27 -15.84
C PRO E 190 17.94 -28.03 -16.44
N ALA E 191 18.99 -28.26 -17.23
CA ALA E 191 19.68 -27.22 -17.97
C ALA E 191 19.84 -27.68 -19.41
N LYS E 192 19.85 -26.72 -20.33
CA LYS E 192 19.84 -27.07 -21.75
C LYS E 192 20.35 -25.90 -22.57
N LYS E 193 21.19 -26.20 -23.55
CA LYS E 193 21.56 -25.20 -24.55
C LYS E 193 20.51 -25.18 -25.64
N ASN E 194 20.09 -23.98 -26.02
CA ASN E 194 18.98 -23.80 -26.96
C ASN E 194 19.40 -22.89 -28.10
N TYR E 195 18.82 -23.13 -29.26
CA TYR E 195 19.02 -22.29 -30.44
C TYR E 195 17.68 -21.70 -30.86
N ASN E 196 17.73 -20.72 -31.76
CA ASN E 196 16.55 -20.06 -32.25
C ASN E 196 16.12 -20.52 -33.65
N TRP E 197 17.07 -20.66 -34.57
CA TRP E 197 16.85 -21.11 -35.93
C TRP E 197 16.07 -20.07 -36.74
N GLN E 198 15.63 -19.00 -36.10
CA GLN E 198 15.09 -17.84 -36.80
C GLN E 198 16.13 -16.78 -37.06
N LEU E 199 17.34 -16.95 -36.51
CA LEU E 199 18.44 -16.03 -36.71
C LEU E 199 19.67 -16.83 -37.13
N THR E 200 20.47 -16.25 -38.02
CA THR E 200 21.73 -16.89 -38.37
C THR E 200 22.71 -16.79 -37.21
N LYS E 201 23.77 -17.60 -37.26
CA LYS E 201 24.70 -17.65 -36.15
C LYS E 201 25.70 -16.50 -36.19
N ASP E 202 25.21 -15.28 -36.39
CA ASP E 202 26.01 -14.07 -36.20
C ASP E 202 25.18 -12.95 -35.59
N ASP E 203 24.18 -13.30 -34.77
CA ASP E 203 23.23 -12.32 -34.28
C ASP E 203 23.23 -12.16 -32.77
N THR E 204 24.12 -12.84 -32.05
CA THR E 204 24.32 -12.74 -30.60
C THR E 204 23.13 -13.25 -29.81
N ASP E 205 22.04 -13.65 -30.46
CA ASP E 205 20.91 -14.27 -29.79
C ASP E 205 20.63 -15.66 -30.34
N PHE E 206 21.49 -16.16 -31.23
CA PHE E 206 21.30 -17.48 -31.80
C PHE E 206 21.41 -18.57 -30.75
N GLN E 207 22.35 -18.43 -29.82
CA GLN E 207 22.61 -19.44 -28.80
C GLN E 207 22.25 -18.92 -27.42
N GLU E 208 21.59 -19.76 -26.63
CA GLU E 208 21.25 -19.44 -25.26
C GLU E 208 21.53 -20.67 -24.39
N ILE E 209 21.68 -20.44 -23.10
CA ILE E 209 21.73 -21.53 -22.13
C ILE E 209 20.63 -21.27 -21.11
N ILE E 210 19.70 -22.21 -20.99
CA ILE E 210 18.51 -22.05 -20.16
C ILE E 210 18.59 -23.02 -19.01
N PHE E 211 18.42 -22.51 -17.79
CA PHE E 211 18.31 -23.31 -16.57
C PHE E 211 16.86 -23.27 -16.13
N PHE E 212 16.20 -24.42 -16.13
CA PHE E 212 14.79 -24.51 -15.82
C PHE E 212 14.61 -24.88 -14.34
N LEU E 213 13.77 -24.12 -13.65
CA LEU E 213 13.35 -24.45 -12.29
C LEU E 213 11.87 -24.80 -12.35
N ILE E 214 11.57 -26.08 -12.16
CA ILE E 214 10.20 -26.54 -12.03
C ILE E 214 9.93 -26.71 -10.54
N ILE E 215 9.05 -25.87 -10.01
CA ILE E 215 8.82 -25.82 -8.57
C ILE E 215 7.35 -26.06 -8.31
N GLN E 216 7.06 -26.57 -7.11
CA GLN E 216 5.71 -26.89 -6.70
C GLN E 216 5.41 -26.18 -5.39
N ARG E 217 4.26 -25.53 -5.32
CA ARG E 217 3.85 -24.83 -4.12
C ARG E 217 3.31 -25.82 -3.09
N LYS E 218 3.73 -25.64 -1.85
CA LYS E 218 3.19 -26.44 -0.75
C LYS E 218 1.93 -25.75 -0.25
N PRO E 219 0.76 -26.35 -0.41
CA PRO E 219 -0.50 -25.63 -0.17
C PRO E 219 -1.06 -25.74 1.25
N LEU E 220 -0.31 -26.28 2.20
CA LEU E 220 -0.84 -26.44 3.56
C LEU E 220 -1.20 -25.09 4.17
N PHE E 221 -0.33 -24.09 4.00
CA PHE E 221 -0.63 -22.76 4.49
C PHE E 221 -1.92 -22.22 3.88
N TYR E 222 -2.04 -22.30 2.57
CA TYR E 222 -3.24 -21.79 1.90
C TYR E 222 -4.48 -22.60 2.28
N ILE E 223 -4.35 -23.93 2.36
CA ILE E 223 -5.49 -24.75 2.76
C ILE E 223 -5.97 -24.36 4.14
N ILE E 224 -5.05 -24.16 5.08
CA ILE E 224 -5.44 -23.85 6.45
C ILE E 224 -6.03 -22.43 6.53
N ASN E 225 -5.44 -21.47 5.83
CA ASN E 225 -5.77 -20.07 6.07
C ASN E 225 -6.82 -19.49 5.14
N ILE E 226 -7.08 -20.10 3.98
CA ILE E 226 -8.00 -19.51 3.02
C ILE E 226 -9.10 -20.51 2.67
N ILE E 227 -8.70 -21.66 2.13
CA ILE E 227 -9.67 -22.59 1.55
C ILE E 227 -10.59 -23.15 2.62
N ALA E 228 -10.02 -23.65 3.73
CA ALA E 228 -10.86 -24.22 4.78
C ALA E 228 -11.82 -23.20 5.39
N PRO E 229 -11.40 -21.99 5.77
CA PRO E 229 -12.39 -20.99 6.21
C PRO E 229 -13.43 -20.69 5.14
N CYS E 230 -13.01 -20.61 3.87
CA CYS E 230 -13.96 -20.30 2.80
C CYS E 230 -15.01 -21.39 2.65
N VAL E 231 -14.58 -22.66 2.67
CA VAL E 231 -15.52 -23.76 2.55
C VAL E 231 -16.44 -23.80 3.76
N LEU E 232 -15.90 -23.59 4.97
CA LEU E 232 -16.73 -23.62 6.16
C LEU E 232 -17.77 -22.51 6.12
N ILE E 233 -17.39 -21.32 5.68
CA ILE E 233 -18.34 -20.21 5.61
C ILE E 233 -19.38 -20.46 4.53
N SER E 234 -18.94 -20.95 3.36
CA SER E 234 -19.88 -21.21 2.28
C SER E 234 -20.83 -22.35 2.60
N SER E 235 -20.46 -23.25 3.51
CA SER E 235 -21.37 -24.32 3.91
C SER E 235 -22.54 -23.82 4.74
N LEU E 236 -22.50 -22.57 5.20
CA LEU E 236 -23.61 -22.01 5.96
C LEU E 236 -24.79 -21.61 5.09
N VAL E 237 -24.58 -21.47 3.77
CA VAL E 237 -25.66 -21.01 2.92
C VAL E 237 -26.73 -22.08 2.75
N VAL E 238 -26.38 -23.36 2.90
CA VAL E 238 -27.40 -24.41 2.87
C VAL E 238 -28.12 -24.53 4.21
N LEU E 239 -27.56 -23.93 5.26
CA LEU E 239 -28.19 -23.95 6.58
C LEU E 239 -29.41 -23.04 6.65
N VAL E 240 -29.63 -22.20 5.65
CA VAL E 240 -30.71 -21.22 5.69
C VAL E 240 -32.07 -21.86 5.52
N TYR E 241 -32.14 -23.08 4.99
CA TYR E 241 -33.43 -23.68 4.69
C TYR E 241 -34.15 -24.20 5.94
N PHE E 242 -33.44 -24.30 7.06
CA PHE E 242 -34.07 -24.72 8.30
C PHE E 242 -34.57 -23.56 9.15
N LEU E 243 -34.26 -22.33 8.77
CA LEU E 243 -34.77 -21.17 9.50
C LEU E 243 -36.25 -20.95 9.16
N PRO E 244 -37.04 -20.50 10.13
CA PRO E 244 -38.46 -20.23 9.85
C PRO E 244 -38.63 -19.03 8.94
N ALA E 245 -39.74 -19.01 8.21
CA ALA E 245 -40.07 -17.93 7.30
C ALA E 245 -41.13 -16.99 7.87
N GLN E 246 -41.45 -17.11 9.15
CA GLN E 246 -42.51 -16.32 9.77
C GLN E 246 -41.99 -14.99 10.31
N ALA E 247 -41.42 -14.18 9.42
CA ALA E 247 -40.91 -12.84 9.77
C ALA E 247 -39.85 -12.91 10.85
N GLY E 248 -39.11 -14.01 10.89
CA GLY E 248 -38.05 -14.20 11.87
C GLY E 248 -37.05 -15.20 11.33
N GLY E 249 -36.05 -15.49 12.16
CA GLY E 249 -35.01 -16.41 11.76
C GLY E 249 -33.95 -15.71 10.91
N GLN E 250 -34.36 -14.66 10.20
CA GLN E 250 -33.45 -13.82 9.44
C GLN E 250 -32.70 -14.62 8.37
N LYS E 251 -33.49 -15.23 7.48
CA LYS E 251 -32.90 -16.00 6.38
C LYS E 251 -32.12 -15.09 5.45
N CYS E 252 -32.70 -13.94 5.09
CA CYS E 252 -32.04 -13.04 4.17
C CYS E 252 -30.73 -12.51 4.74
N THR E 253 -30.73 -12.16 6.04
CA THR E 253 -29.50 -11.66 6.65
C THR E 253 -28.40 -12.70 6.60
N LEU E 254 -28.71 -13.95 6.92
CA LEU E 254 -27.70 -15.00 6.90
C LEU E 254 -27.17 -15.22 5.50
N SER E 255 -28.06 -15.32 4.50
CA SER E 255 -27.59 -15.56 3.14
C SER E 255 -26.75 -14.40 2.62
N ILE E 256 -27.19 -13.16 2.88
CA ILE E 256 -26.42 -12.01 2.43
C ILE E 256 -25.09 -11.91 3.14
N SER E 257 -25.04 -12.28 4.42
CA SER E 257 -23.76 -12.27 5.13
C SER E 257 -22.82 -13.32 4.57
N VAL E 258 -23.34 -14.49 4.20
CA VAL E 258 -22.51 -15.48 3.54
C VAL E 258 -21.96 -14.94 2.22
N LEU E 259 -22.81 -14.27 1.45
CA LEU E 259 -22.34 -13.69 0.18
C LEU E 259 -21.27 -12.63 0.42
N LEU E 260 -21.46 -11.79 1.44
CA LEU E 260 -20.46 -10.76 1.73
C LEU E 260 -19.15 -11.37 2.18
N ALA E 261 -19.20 -12.43 2.99
CA ALA E 261 -17.98 -13.12 3.41
C ALA E 261 -17.26 -13.72 2.20
N GLN E 262 -18.03 -14.28 1.27
CA GLN E 262 -17.42 -14.82 0.05
C GLN E 262 -16.78 -13.70 -0.78
N THR E 263 -17.40 -12.52 -0.81
CA THR E 263 -16.80 -11.38 -1.50
C THR E 263 -15.49 -10.96 -0.82
N ILE E 264 -15.47 -10.96 0.51
CA ILE E 264 -14.24 -10.63 1.23
C ILE E 264 -13.15 -11.64 0.89
N PHE E 265 -13.51 -12.92 0.84
CA PHE E 265 -12.53 -13.93 0.45
C PHE E 265 -12.07 -13.75 -0.99
N LEU E 266 -12.95 -13.28 -1.87
CA LEU E 266 -12.53 -12.99 -3.23
C LEU E 266 -11.50 -11.87 -3.27
N PHE E 267 -11.71 -10.82 -2.47
CA PHE E 267 -10.71 -9.76 -2.37
C PHE E 267 -9.40 -10.29 -1.82
N LEU E 268 -9.47 -11.17 -0.81
CA LEU E 268 -8.28 -11.77 -0.25
C LEU E 268 -7.52 -12.57 -1.31
N ILE E 269 -8.24 -13.34 -2.12
CA ILE E 269 -7.62 -14.10 -3.19
C ILE E 269 -6.96 -13.16 -4.20
N ALA E 270 -7.66 -12.09 -4.59
CA ALA E 270 -7.09 -11.13 -5.52
C ALA E 270 -5.82 -10.50 -4.96
N GLN E 271 -5.73 -10.37 -3.64
CA GLN E 271 -4.53 -9.81 -3.01
C GLN E 271 -3.37 -10.81 -2.97
N LYS E 272 -3.50 -11.98 -3.60
CA LYS E 272 -2.42 -12.95 -3.64
C LYS E 272 -2.26 -13.61 -5.01
N VAL E 273 -2.95 -13.13 -6.03
CA VAL E 273 -2.94 -13.77 -7.34
C VAL E 273 -2.51 -12.75 -8.38
N PRO E 274 -1.67 -13.12 -9.34
CA PRO E 274 -1.25 -12.16 -10.37
C PRO E 274 -2.41 -11.74 -11.25
N GLU E 275 -2.19 -10.64 -11.99
CA GLU E 275 -3.16 -10.12 -12.94
C GLU E 275 -2.92 -10.66 -14.35
N THR E 276 -2.44 -11.89 -14.47
CA THR E 276 -2.06 -12.43 -15.76
C THR E 276 -3.23 -12.41 -16.74
N SER E 277 -4.44 -12.72 -16.25
CA SER E 277 -5.69 -12.65 -17.00
C SER E 277 -5.75 -13.66 -18.15
N LEU E 278 -4.74 -14.49 -18.34
CA LEU E 278 -4.83 -15.53 -19.36
C LEU E 278 -5.74 -16.66 -18.90
N ASN E 279 -5.85 -16.88 -17.60
CA ASN E 279 -6.70 -17.91 -17.05
C ASN E 279 -7.17 -17.48 -15.66
N VAL E 280 -8.27 -18.07 -15.21
CA VAL E 280 -8.87 -17.75 -13.93
C VAL E 280 -8.39 -18.78 -12.91
N PRO E 281 -7.96 -18.37 -11.72
CA PRO E 281 -7.42 -19.34 -10.75
C PRO E 281 -8.48 -20.32 -10.29
N LEU E 282 -8.03 -21.52 -9.92
CA LEU E 282 -8.95 -22.56 -9.46
C LEU E 282 -9.70 -22.12 -8.21
N ILE E 283 -8.99 -21.51 -7.25
CA ILE E 283 -9.66 -20.98 -6.07
C ILE E 283 -10.60 -19.83 -6.47
N GLY E 284 -10.20 -19.04 -7.46
CA GLY E 284 -11.11 -18.01 -7.98
C GLY E 284 -12.35 -18.61 -8.62
N LYS E 285 -12.19 -19.69 -9.38
CA LYS E 285 -13.33 -20.37 -9.96
C LYS E 285 -14.26 -20.90 -8.88
N TYR E 286 -13.69 -21.47 -7.82
CA TYR E 286 -14.51 -21.95 -6.70
C TYR E 286 -15.24 -20.80 -6.03
N LEU E 287 -14.56 -19.67 -5.84
CA LEU E 287 -15.19 -18.51 -5.23
C LEU E 287 -16.36 -18.00 -6.07
N ILE E 288 -16.16 -17.93 -7.39
CA ILE E 288 -17.24 -17.49 -8.26
C ILE E 288 -18.40 -18.47 -8.20
N PHE E 289 -18.10 -19.77 -8.20
CA PHE E 289 -19.15 -20.78 -8.12
C PHE E 289 -19.96 -20.65 -6.83
N VAL E 290 -19.28 -20.50 -5.69
CA VAL E 290 -19.99 -20.42 -4.43
C VAL E 290 -20.76 -19.11 -4.31
N MET E 291 -20.23 -18.02 -4.86
CA MET E 291 -20.98 -16.76 -4.85
C MET E 291 -22.23 -16.88 -5.71
N PHE E 292 -22.14 -17.54 -6.86
CA PHE E 292 -23.32 -17.74 -7.69
C PHE E 292 -24.34 -18.63 -6.98
N VAL E 293 -23.88 -19.69 -6.30
CA VAL E 293 -24.79 -20.54 -5.55
C VAL E 293 -25.44 -19.76 -4.43
N SER E 294 -24.68 -18.89 -3.76
CA SER E 294 -25.25 -18.07 -2.69
C SER E 294 -26.28 -17.10 -3.23
N MET E 295 -26.03 -16.52 -4.41
CA MET E 295 -27.02 -15.65 -5.02
C MET E 295 -28.30 -16.42 -5.36
N LEU E 296 -28.15 -17.64 -5.89
CA LEU E 296 -29.33 -18.46 -6.17
C LEU E 296 -30.07 -18.79 -4.88
N ILE E 297 -29.35 -19.05 -3.80
CA ILE E 297 -30.00 -19.36 -2.53
C ILE E 297 -30.68 -18.13 -1.95
N VAL E 298 -30.13 -16.93 -2.19
CA VAL E 298 -30.84 -15.71 -1.81
C VAL E 298 -32.15 -15.59 -2.58
N MET E 299 -32.10 -15.88 -3.88
CA MET E 299 -33.32 -15.93 -4.67
C MET E 299 -34.32 -16.93 -4.08
N ASN E 300 -33.82 -18.09 -3.69
CA ASN E 300 -34.68 -19.14 -3.13
C ASN E 300 -35.30 -18.69 -1.81
N CYS E 301 -34.52 -18.01 -0.97
CA CYS E 301 -35.06 -17.49 0.28
C CYS E 301 -36.14 -16.46 0.02
N VAL E 302 -35.92 -15.58 -0.96
CA VAL E 302 -36.93 -14.58 -1.29
C VAL E 302 -38.21 -15.27 -1.76
N ILE E 303 -38.07 -16.28 -2.63
CA ILE E 303 -39.24 -16.98 -3.15
C ILE E 303 -39.98 -17.72 -2.05
N VAL E 304 -39.25 -18.36 -1.13
CA VAL E 304 -39.89 -19.10 -0.05
C VAL E 304 -40.59 -18.14 0.91
N LEU E 305 -39.97 -17.01 1.21
CA LEU E 305 -40.63 -16.01 2.04
C LEU E 305 -41.88 -15.48 1.35
N ASN E 306 -41.84 -15.34 0.03
CA ASN E 306 -43.01 -14.89 -0.71
C ASN E 306 -44.13 -15.92 -0.63
N VAL E 307 -43.81 -17.20 -0.81
CA VAL E 307 -44.83 -18.24 -0.86
C VAL E 307 -45.42 -18.48 0.53
N SER E 308 -44.56 -18.60 1.54
CA SER E 308 -45.03 -18.95 2.87
C SER E 308 -45.78 -17.81 3.55
N LEU E 309 -45.61 -16.58 3.10
CA LEU E 309 -46.32 -15.44 3.65
C LEU E 309 -47.52 -15.04 2.79
N ARG E 310 -47.85 -15.82 1.77
CA ARG E 310 -49.05 -15.54 0.99
C ARG E 310 -50.30 -15.72 1.84
N THR E 311 -51.26 -14.84 1.63
CA THR E 311 -52.52 -14.85 2.34
C THR E 311 -53.66 -15.13 1.36
N PRO E 312 -54.79 -15.63 1.83
CA PRO E 312 -55.91 -15.89 0.92
C PRO E 312 -56.42 -14.65 0.22
N ASN E 313 -56.14 -13.46 0.76
CA ASN E 313 -56.52 -12.21 0.10
C ASN E 313 -55.72 -11.99 -1.18
N THR E 314 -54.40 -11.91 -1.07
CA THR E 314 -53.57 -11.56 -2.22
C THR E 314 -53.40 -12.71 -3.19
N HIS E 315 -53.39 -13.95 -2.71
CA HIS E 315 -53.16 -15.10 -3.57
C HIS E 315 -54.17 -16.18 -3.27
N SER E 316 -54.57 -16.91 -4.31
CA SER E 316 -55.53 -18.01 -4.18
C SER E 316 -54.78 -19.33 -4.38
N LEU E 317 -54.87 -20.20 -3.39
CA LEU E 317 -54.20 -21.50 -3.43
C LEU E 317 -55.07 -22.46 -4.23
N SER E 318 -54.75 -22.62 -5.51
CA SER E 318 -55.47 -23.56 -6.35
C SER E 318 -55.20 -24.99 -5.90
N GLU E 319 -56.20 -25.86 -6.14
CA GLU E 319 -56.07 -27.25 -5.71
C GLU E 319 -54.99 -27.98 -6.50
N LYS E 320 -54.76 -27.60 -7.75
CA LYS E 320 -53.72 -28.25 -8.54
C LYS E 320 -52.34 -28.07 -7.93
N ILE E 321 -52.07 -26.90 -7.35
CA ILE E 321 -50.80 -26.66 -6.69
C ILE E 321 -50.78 -27.22 -5.27
N LYS E 322 -51.90 -27.07 -4.55
CA LYS E 322 -51.97 -27.54 -3.18
C LYS E 322 -51.78 -29.05 -3.10
N HIS E 323 -52.51 -29.81 -3.92
CA HIS E 323 -52.36 -31.26 -3.89
C HIS E 323 -50.97 -31.68 -4.34
N LEU E 324 -50.44 -31.03 -5.38
CA LEU E 324 -49.12 -31.38 -5.90
C LEU E 324 -48.04 -31.19 -4.85
N PHE E 325 -48.12 -30.10 -4.09
CA PHE E 325 -47.09 -29.81 -3.10
C PHE E 325 -47.40 -30.38 -1.71
N LEU E 326 -48.56 -30.99 -1.50
CA LEU E 326 -48.88 -31.55 -0.20
C LEU E 326 -49.00 -33.07 -0.19
N GLY E 327 -49.73 -33.65 -1.13
CA GLY E 327 -50.00 -35.07 -1.08
C GLY E 327 -49.02 -35.96 -1.82
N PHE E 328 -48.31 -35.39 -2.80
CA PHE E 328 -47.43 -36.18 -3.66
C PHE E 328 -45.96 -35.96 -3.34
N LEU E 329 -45.50 -34.71 -3.36
CA LEU E 329 -44.07 -34.43 -3.16
C LEU E 329 -43.57 -34.83 -1.78
N PRO E 330 -44.24 -34.51 -0.67
CA PRO E 330 -43.69 -34.93 0.64
C PRO E 330 -43.47 -36.42 0.77
N LYS E 331 -44.36 -37.24 0.21
CA LYS E 331 -44.13 -38.68 0.20
C LYS E 331 -42.88 -39.03 -0.59
N TYR E 332 -42.71 -38.41 -1.77
CA TYR E 332 -41.49 -38.60 -2.54
C TYR E 332 -40.28 -38.06 -1.80
N LEU E 333 -40.43 -36.88 -1.17
CA LEU E 333 -39.32 -36.29 -0.44
C LEU E 333 -39.01 -37.08 0.82
N GLY E 334 -40.04 -37.50 1.55
CA GLY E 334 -39.85 -38.24 2.78
C GLY E 334 -40.11 -37.42 4.03
N ALA E 419 -75.34 -12.08 21.82
CA ALA E 419 -75.40 -12.17 20.36
C ALA E 419 -74.21 -12.93 19.81
N CYS E 420 -74.30 -14.26 19.80
CA CYS E 420 -73.23 -15.11 19.32
C CYS E 420 -73.27 -15.36 17.82
N ASN E 421 -74.32 -14.87 17.14
CA ASN E 421 -74.43 -15.08 15.70
C ASN E 421 -73.28 -14.42 14.94
N PHE E 422 -72.94 -13.19 15.32
CA PHE E 422 -71.82 -12.50 14.67
C PHE E 422 -70.49 -13.02 15.18
N ILE E 423 -70.43 -13.45 16.45
CA ILE E 423 -69.19 -13.98 17.01
C ILE E 423 -68.77 -15.25 16.28
N ALA E 424 -69.73 -16.14 16.02
CA ALA E 424 -69.42 -17.38 15.31
C ALA E 424 -68.95 -17.09 13.89
N LYS E 425 -69.59 -16.14 13.20
CA LYS E 425 -69.17 -15.80 11.86
C LYS E 425 -67.76 -15.22 11.84
N SER E 426 -67.45 -14.34 12.79
CA SER E 426 -66.09 -13.80 12.88
C SER E 426 -65.07 -14.89 13.16
N THR E 427 -65.39 -15.81 14.07
CA THR E 427 -64.48 -16.89 14.39
C THR E 427 -64.22 -17.77 13.17
N LYS E 428 -65.27 -18.11 12.43
CA LYS E 428 -65.10 -18.94 11.24
C LYS E 428 -64.30 -18.20 10.17
N GLU E 429 -64.55 -16.91 9.98
CA GLU E 429 -63.86 -16.17 8.93
C GLU E 429 -62.39 -15.98 9.27
N GLN E 430 -62.03 -15.87 10.55
CA GLN E 430 -60.62 -15.82 10.89
C GLN E 430 -59.97 -17.20 10.84
N ASN E 431 -60.71 -18.26 11.18
CA ASN E 431 -60.16 -19.60 11.11
C ASN E 431 -59.87 -20.03 9.67
N ASP E 432 -60.71 -19.60 8.73
CA ASP E 432 -60.45 -19.91 7.32
C ASP E 432 -59.14 -19.28 6.86
N SER E 433 -58.91 -18.01 7.22
CA SER E 433 -57.65 -17.35 6.87
C SER E 433 -56.47 -18.03 7.54
N GLY E 434 -56.65 -18.44 8.81
CA GLY E 434 -55.59 -19.17 9.48
C GLY E 434 -55.25 -20.47 8.79
N SER E 435 -56.28 -21.20 8.33
CA SER E 435 -56.04 -22.46 7.61
C SER E 435 -55.32 -22.21 6.30
N GLU E 436 -55.69 -21.15 5.57
CA GLU E 436 -54.99 -20.83 4.33
C GLU E 436 -53.53 -20.48 4.60
N ASN E 437 -53.27 -19.72 5.67
CA ASN E 437 -51.89 -19.41 6.01
C ASN E 437 -51.10 -20.67 6.39
N GLU E 438 -51.74 -21.58 7.10
CA GLU E 438 -51.08 -22.84 7.45
C GLU E 438 -50.74 -23.65 6.21
N ASN E 439 -51.66 -23.72 5.26
CA ASN E 439 -51.37 -24.42 4.01
C ASN E 439 -50.21 -23.77 3.28
N TRP E 440 -50.19 -22.43 3.24
CA TRP E 440 -49.09 -21.75 2.55
C TRP E 440 -47.75 -22.00 3.23
N VAL E 441 -47.72 -22.00 4.57
CA VAL E 441 -46.45 -22.26 5.23
C VAL E 441 -46.02 -23.71 5.05
N LEU E 442 -46.98 -24.64 4.95
CA LEU E 442 -46.62 -26.02 4.63
C LEU E 442 -46.00 -26.13 3.23
N ILE E 443 -46.57 -25.42 2.26
CA ILE E 443 -45.97 -25.39 0.92
C ILE E 443 -44.56 -24.82 0.98
N GLY E 444 -44.38 -23.75 1.75
CA GLY E 444 -43.06 -23.16 1.89
C GLY E 444 -42.06 -24.12 2.50
N LYS E 445 -42.49 -24.88 3.51
CA LYS E 445 -41.58 -25.84 4.15
C LYS E 445 -41.22 -26.99 3.20
N VAL E 446 -42.19 -27.45 2.40
CA VAL E 446 -41.89 -28.49 1.41
C VAL E 446 -40.86 -27.99 0.41
N ILE E 447 -41.07 -26.76 -0.09
CA ILE E 447 -40.10 -26.16 -1.01
C ILE E 447 -38.74 -26.02 -0.33
N ASP E 448 -38.74 -25.66 0.95
CA ASP E 448 -37.48 -25.52 1.68
C ASP E 448 -36.73 -26.83 1.74
N LYS E 449 -37.43 -27.93 2.04
CA LYS E 449 -36.76 -29.23 2.10
C LYS E 449 -36.20 -29.64 0.75
N ALA E 450 -37.01 -29.52 -0.30
CA ALA E 450 -36.55 -29.92 -1.63
C ALA E 450 -35.34 -29.09 -2.07
N CYS E 451 -35.44 -27.77 -1.93
CA CYS E 451 -34.35 -26.91 -2.34
C CYS E 451 -33.14 -27.06 -1.45
N PHE E 452 -33.33 -27.43 -0.18
CA PHE E 452 -32.18 -27.70 0.69
C PHE E 452 -31.42 -28.91 0.19
N TRP E 453 -32.12 -29.98 -0.17
CA TRP E 453 -31.41 -31.15 -0.70
C TRP E 453 -30.70 -30.81 -2.01
N ILE E 454 -31.38 -30.06 -2.89
CA ILE E 454 -30.76 -29.69 -4.16
C ILE E 454 -29.50 -28.87 -3.91
N ALA E 455 -29.58 -27.86 -3.04
CA ALA E 455 -28.45 -26.97 -2.80
C ALA E 455 -27.31 -27.70 -2.10
N LEU E 456 -27.63 -28.58 -1.15
CA LEU E 456 -26.60 -29.37 -0.50
C LEU E 456 -25.84 -30.23 -1.49
N LEU E 457 -26.59 -30.93 -2.37
CA LEU E 457 -25.93 -31.75 -3.38
C LEU E 457 -25.07 -30.90 -4.30
N LEU E 458 -25.60 -29.75 -4.75
CA LEU E 458 -24.85 -28.89 -5.66
C LEU E 458 -23.57 -28.39 -5.02
N PHE E 459 -23.66 -27.89 -3.79
CA PHE E 459 -22.48 -27.35 -3.11
C PHE E 459 -21.44 -28.44 -2.86
N SER E 460 -21.89 -29.61 -2.38
CA SER E 460 -20.94 -30.69 -2.12
C SER E 460 -20.25 -31.14 -3.40
N ILE E 461 -21.01 -31.29 -4.48
CA ILE E 461 -20.43 -31.72 -5.75
C ILE E 461 -19.44 -30.69 -6.26
N GLY E 462 -19.80 -29.41 -6.19
CA GLY E 462 -18.89 -28.37 -6.65
C GLY E 462 -17.60 -28.31 -5.86
N THR E 463 -17.71 -28.37 -4.53
CA THR E 463 -16.52 -28.35 -3.70
C THR E 463 -15.63 -29.56 -3.97
N LEU E 464 -16.24 -30.75 -4.05
CA LEU E 464 -15.46 -31.96 -4.31
C LEU E 464 -14.78 -31.88 -5.67
N ALA E 465 -15.50 -31.43 -6.70
CA ALA E 465 -14.91 -31.36 -8.02
C ALA E 465 -13.74 -30.38 -8.06
N ILE E 466 -13.93 -29.19 -7.48
CA ILE E 466 -12.89 -28.17 -7.54
C ILE E 466 -11.66 -28.63 -6.77
N PHE E 467 -11.84 -29.13 -5.55
CA PHE E 467 -10.70 -29.50 -4.73
C PHE E 467 -10.25 -30.94 -4.95
N LEU E 468 -10.82 -31.61 -5.94
CA LEU E 468 -10.27 -32.86 -6.45
C LEU E 468 -9.56 -32.69 -7.78
N THR E 469 -9.92 -31.67 -8.57
CA THR E 469 -9.10 -31.32 -9.73
C THR E 469 -7.93 -30.44 -9.34
N GLY E 470 -8.02 -29.74 -8.20
CA GLY E 470 -6.81 -29.16 -7.62
C GLY E 470 -5.84 -30.25 -7.19
N HIS E 471 -6.36 -31.28 -6.53
CA HIS E 471 -5.61 -32.52 -6.37
C HIS E 471 -5.53 -33.24 -7.72
N PHE E 472 -4.80 -34.36 -7.73
CA PHE E 472 -4.55 -35.12 -8.96
C PHE E 472 -3.86 -34.26 -10.02
N ASN E 473 -3.21 -33.18 -9.62
CA ASN E 473 -2.46 -32.29 -10.51
C ASN E 473 -1.04 -32.22 -9.97
N GLN E 474 -0.21 -33.16 -10.39
CA GLN E 474 1.16 -33.26 -9.91
C GLN E 474 2.14 -32.85 -11.00
N VAL E 475 3.37 -32.58 -10.58
CA VAL E 475 4.42 -32.20 -11.53
C VAL E 475 4.67 -33.36 -12.48
N PRO E 476 4.91 -33.12 -13.77
CA PRO E 476 5.20 -34.23 -14.68
C PRO E 476 6.42 -35.01 -14.24
N GLU E 477 6.41 -36.32 -14.53
CA GLU E 477 7.49 -37.20 -14.08
C GLU E 477 8.82 -36.81 -14.69
N PHE E 478 8.83 -36.38 -15.95
CA PHE E 478 10.07 -35.98 -16.61
C PHE E 478 10.13 -34.47 -16.74
N PRO E 479 11.35 -33.90 -16.69
CA PRO E 479 11.51 -32.47 -16.78
C PRO E 479 11.04 -31.97 -18.14
N PHE E 480 11.66 -32.42 -19.22
CA PHE E 480 11.15 -32.07 -20.55
C PHE E 480 10.28 -33.26 -20.93
N PRO E 481 8.99 -33.07 -21.21
CA PRO E 481 8.09 -34.20 -21.40
C PRO E 481 8.38 -35.24 -22.50
N GLY E 482 8.73 -34.83 -23.71
CA GLY E 482 9.05 -35.84 -24.73
C GLY E 482 10.29 -36.65 -24.39
N ASP E 483 11.32 -36.05 -23.81
CA ASP E 483 12.62 -36.73 -23.56
C ASP E 483 12.50 -37.84 -22.55
N PRO E 484 13.29 -38.92 -22.66
CA PRO E 484 13.30 -39.95 -21.65
C PRO E 484 14.39 -39.76 -20.60
N ARG E 485 15.18 -38.68 -20.68
CA ARG E 485 16.24 -38.40 -19.72
C ARG E 485 15.69 -37.69 -18.50
N LYS E 486 16.36 -37.89 -17.36
CA LYS E 486 15.90 -37.37 -16.09
C LYS E 486 16.56 -36.06 -15.67
N TYR E 487 17.79 -35.81 -16.14
CA TYR E 487 18.52 -34.58 -15.84
C TYR E 487 18.74 -34.42 -14.34
N VAL E 488 19.38 -35.43 -13.75
CA VAL E 488 19.72 -35.41 -12.33
C VAL E 488 21.15 -35.90 -12.15
N PRO E 489 21.84 -35.42 -11.11
CA PRO E 489 23.21 -35.85 -10.83
C PRO E 489 23.31 -37.34 -10.53
#